data_4J25
#
_entry.id   4J25
#
_cell.length_a   45.330
_cell.length_b   62.160
_cell.length_c   132.830
_cell.angle_alpha   91.840
_cell.angle_beta   94.700
_cell.angle_gamma   90.080
#
_symmetry.space_group_name_H-M   'P 1'
#
loop_
_entity.id
_entity.type
_entity.pdbx_description
1 polymer 'Putative uncharacterized protein'
2 non-polymer 'MANGANESE (II) ION'
3 non-polymer N-OXALYLGLYCINE
4 water water
#
_entity_poly.entity_id   1
_entity_poly.type   'polypeptide(L)'
_entity_poly.pdbx_seq_one_letter_code
;MGSSHHHHHHSSGLVPRGSHMASHISPEHPMLAAVVDDLATHGWSQQAHFLPADLVRALAAECRRRDAEGELNPAGVGRG
ATQEVRETIRGDQIQWIDPGQAEACDQYLAAMDQLRLAINQGLFLGLEDFECHFALYPPGAFYRRHLDRFRDDDRRMVSA
VLYLNEGWQPHDGGQLRMFLADGVEHDVEPVAGCLVVFLSGEVPHEVLPAGRERLSLTGWFRRRGNDPF
;
_entity_poly.pdbx_strand_id   A,B,C,D,E,F,G,H
#
# COMPACT_ATOMS: atom_id res chain seq x y z
N SER A 23 37.77 -8.44 -5.82
CA SER A 23 38.39 -9.60 -5.11
C SER A 23 38.57 -9.32 -3.63
N HIS A 24 38.70 -10.39 -2.85
CA HIS A 24 38.86 -10.29 -1.41
C HIS A 24 40.16 -10.96 -0.93
N ILE A 25 40.93 -11.53 -1.86
CA ILE A 25 42.20 -12.17 -1.50
C ILE A 25 43.19 -11.12 -0.95
N SER A 26 43.96 -11.51 0.06
CA SER A 26 44.99 -10.66 0.63
C SER A 26 46.35 -11.32 0.40
N PRO A 27 47.20 -10.69 -0.41
CA PRO A 27 48.45 -11.33 -0.82
C PRO A 27 49.46 -11.44 0.33
N GLU A 28 50.40 -12.37 0.19
CA GLU A 28 51.43 -12.54 1.21
C GLU A 28 52.38 -11.35 1.18
N HIS A 29 52.77 -10.89 2.37
CA HIS A 29 53.71 -9.78 2.49
C HIS A 29 54.48 -9.92 3.80
N PRO A 30 55.68 -9.32 3.88
CA PRO A 30 56.40 -9.39 5.16
C PRO A 30 55.70 -8.58 6.24
N MET A 31 56.09 -8.74 7.50
CA MET A 31 55.36 -8.12 8.61
C MET A 31 55.40 -6.60 8.52
N LEU A 32 54.24 -5.97 8.70
CA LEU A 32 54.11 -4.53 8.50
C LEU A 32 54.68 -3.75 9.69
N ALA A 33 54.82 -4.41 10.83
CA ALA A 33 55.36 -3.77 12.03
C ALA A 33 56.74 -3.17 11.76
N ALA A 34 57.52 -3.79 10.89
CA ALA A 34 58.85 -3.30 10.55
C ALA A 34 58.81 -2.00 9.73
N VAL A 35 57.86 -1.92 8.80
CA VAL A 35 57.63 -0.70 8.02
C VAL A 35 57.25 0.46 8.97
N VAL A 36 56.36 0.19 9.92
CA VAL A 36 55.91 1.22 10.85
C VAL A 36 57.05 1.67 11.78
N ASP A 37 57.81 0.72 12.34
CA ASP A 37 58.95 1.09 13.18
C ASP A 37 59.95 1.95 12.40
N ASP A 38 60.26 1.54 11.15
CA ASP A 38 61.16 2.33 10.30
C ASP A 38 60.63 3.75 10.05
N LEU A 39 59.35 3.89 9.75
CA LEU A 39 58.78 5.22 9.55
C LEU A 39 58.95 6.09 10.79
N ALA A 40 58.75 5.50 11.96
CA ALA A 40 58.85 6.23 13.23
C ALA A 40 60.28 6.65 13.53
N THR A 41 61.22 5.76 13.25
CA THR A 41 62.61 5.97 13.65
C THR A 41 63.43 6.76 12.62
N HIS A 42 63.15 6.54 11.33
CA HIS A 42 63.95 7.13 10.25
C HIS A 42 63.15 7.97 9.27
N GLY A 43 61.83 7.91 9.32
CA GLY A 43 61.01 8.64 8.36
C GLY A 43 60.81 7.92 7.03
N TRP A 44 61.39 6.74 6.89
CA TRP A 44 61.27 6.00 5.64
C TRP A 44 61.54 4.51 5.85
N SER A 45 61.11 3.70 4.89
CA SER A 45 61.31 2.26 4.98
C SER A 45 61.41 1.70 3.56
N GLN A 46 62.22 0.66 3.42
CA GLN A 46 62.34 -0.06 2.16
C GLN A 46 62.23 -1.56 2.40
N GLN A 47 61.40 -2.24 1.60
CA GLN A 47 61.15 -3.66 1.79
C GLN A 47 61.31 -4.38 0.47
N ALA A 48 62.24 -5.34 0.41
CA ALA A 48 62.40 -6.13 -0.81
C ALA A 48 61.33 -7.23 -0.80
N HIS A 49 60.95 -7.69 -1.98
CA HIS A 49 59.98 -8.77 -2.09
C HIS A 49 58.73 -8.53 -1.23
N PHE A 50 58.17 -7.33 -1.36
CA PHE A 50 56.98 -6.98 -0.58
C PHE A 50 55.77 -7.85 -0.96
N LEU A 51 55.75 -8.31 -2.19
CA LEU A 51 54.65 -9.13 -2.66
C LEU A 51 55.20 -10.30 -3.46
N PRO A 52 54.45 -11.40 -3.52
CA PRO A 52 54.98 -12.55 -4.28
C PRO A 52 55.22 -12.20 -5.74
N ALA A 53 56.21 -12.83 -6.35
CA ALA A 53 56.62 -12.50 -7.71
C ALA A 53 55.48 -12.56 -8.73
N ASP A 54 54.56 -13.52 -8.61
CA ASP A 54 53.50 -13.66 -9.62
C ASP A 54 52.57 -12.44 -9.60
N LEU A 55 52.32 -11.89 -8.41
CA LEU A 55 51.45 -10.72 -8.25
C LEU A 55 52.14 -9.47 -8.81
N VAL A 56 53.43 -9.31 -8.48
CA VAL A 56 54.21 -8.21 -9.04
C VAL A 56 54.23 -8.23 -10.56
N ARG A 57 54.34 -9.43 -11.15
CA ARG A 57 54.30 -9.54 -12.62
C ARG A 57 52.95 -9.15 -13.17
N ALA A 58 51.88 -9.54 -12.46
CA ALA A 58 50.52 -9.18 -12.87
C ALA A 58 50.29 -7.66 -12.78
N LEU A 59 50.93 -7.03 -11.79
CA LEU A 59 50.87 -5.58 -11.64
C LEU A 59 51.66 -4.90 -12.76
N ALA A 60 52.83 -5.44 -13.09
CA ALA A 60 53.59 -4.95 -14.23
C ALA A 60 52.72 -5.02 -15.49
N ALA A 61 51.98 -6.10 -15.64
CA ALA A 61 51.13 -6.29 -16.81
C ALA A 61 50.01 -5.26 -16.87
N GLU A 62 49.41 -4.96 -15.73
CA GLU A 62 48.34 -3.96 -15.66
C GLU A 62 48.90 -2.57 -15.92
N CYS A 63 50.12 -2.33 -15.44
CA CYS A 63 50.79 -1.05 -15.67
C CYS A 63 50.94 -0.83 -17.17
N ARG A 64 51.44 -1.84 -17.88
CA ARG A 64 51.61 -1.74 -19.34
C ARG A 64 50.27 -1.59 -20.06
N ARG A 65 49.26 -2.33 -19.60
CA ARG A 65 47.91 -2.24 -20.14
C ARG A 65 47.37 -0.79 -20.06
N ARG A 66 47.50 -0.17 -18.89
CA ARG A 66 47.00 1.20 -18.69
C ARG A 66 47.79 2.24 -19.45
N ASP A 67 49.05 1.97 -19.74
CA ASP A 67 49.89 2.89 -20.50
C ASP A 67 49.48 2.93 -21.96
N ALA A 68 48.93 1.82 -22.43
CA ALA A 68 48.56 1.67 -23.84
C ALA A 68 47.24 2.39 -24.13
N ILE A 94 45.16 10.90 -15.34
CA ILE A 94 45.54 9.96 -14.29
C ILE A 94 44.43 8.94 -14.02
N GLN A 95 44.72 7.67 -14.27
CA GLN A 95 43.78 6.59 -13.92
C GLN A 95 44.02 6.06 -12.50
N TRP A 96 43.39 6.71 -11.53
CA TRP A 96 43.43 6.28 -10.14
C TRP A 96 42.90 4.87 -10.02
N ILE A 97 43.45 4.13 -9.07
CA ILE A 97 43.13 2.72 -8.91
C ILE A 97 42.12 2.58 -7.78
N ASP A 98 41.07 1.81 -8.04
CA ASP A 98 40.04 1.52 -7.04
C ASP A 98 39.78 0.02 -7.05
N PRO A 99 39.16 -0.49 -5.98
CA PRO A 99 38.73 -1.89 -6.01
C PRO A 99 37.82 -2.15 -7.21
N GLY A 100 37.91 -3.34 -7.78
CA GLY A 100 36.97 -3.77 -8.80
C GLY A 100 37.44 -3.53 -10.21
N GLN A 101 38.67 -3.03 -10.36
CA GLN A 101 39.19 -2.76 -11.70
C GLN A 101 40.00 -3.95 -12.23
N ALA A 102 40.78 -4.59 -11.37
CA ALA A 102 41.58 -5.74 -11.76
C ALA A 102 41.98 -6.49 -10.52
N GLU A 103 42.15 -7.80 -10.64
CA GLU A 103 42.52 -8.66 -9.53
C GLU A 103 43.84 -8.27 -8.84
N ALA A 104 44.87 -8.03 -9.65
CA ALA A 104 46.17 -7.69 -9.11
C ALA A 104 46.07 -6.40 -8.27
N CYS A 105 45.36 -5.42 -8.79
CA CYS A 105 45.21 -4.15 -8.08
C CYS A 105 44.45 -4.32 -6.76
N ASP A 106 43.43 -5.18 -6.76
CA ASP A 106 42.58 -5.41 -5.59
C ASP A 106 43.43 -5.96 -4.47
N GLN A 107 44.35 -6.86 -4.81
CA GLN A 107 45.24 -7.46 -3.84
C GLN A 107 46.26 -6.42 -3.32
N TYR A 108 46.72 -5.55 -4.21
CA TYR A 108 47.64 -4.48 -3.77
C TYR A 108 46.94 -3.57 -2.77
N LEU A 109 45.71 -3.17 -3.09
CA LEU A 109 44.94 -2.28 -2.21
C LEU A 109 44.66 -2.93 -0.87
N ALA A 110 44.40 -4.24 -0.86
CA ALA A 110 44.12 -4.93 0.39
C ALA A 110 45.35 -4.90 1.29
N ALA A 111 46.53 -5.08 0.72
CA ALA A 111 47.76 -5.03 1.50
C ALA A 111 48.05 -3.62 2.02
N MET A 112 47.82 -2.63 1.17
CA MET A 112 48.08 -1.25 1.55
C MET A 112 47.04 -0.79 2.58
N ASP A 113 45.84 -1.36 2.53
CA ASP A 113 44.87 -1.03 3.55
C ASP A 113 45.34 -1.57 4.90
N GLN A 114 45.96 -2.74 4.90
CA GLN A 114 46.54 -3.26 6.12
C GLN A 114 47.66 -2.35 6.64
N LEU A 115 48.51 -1.89 5.73
CA LEU A 115 49.56 -0.93 6.06
C LEU A 115 48.98 0.38 6.63
N ARG A 116 47.90 0.89 6.05
CA ARG A 116 47.17 2.05 6.60
C ARG A 116 46.79 1.88 8.06
N LEU A 117 46.17 0.76 8.39
CA LEU A 117 45.71 0.49 9.75
C LEU A 117 46.89 0.32 10.69
N ALA A 118 47.99 -0.24 10.17
CA ALA A 118 49.18 -0.45 10.98
C ALA A 118 49.83 0.90 11.29
N ILE A 119 49.88 1.77 10.29
CA ILE A 119 50.43 3.11 10.47
C ILE A 119 49.60 3.91 11.48
N ASN A 120 48.28 3.83 11.36
CA ASN A 120 47.42 4.56 12.28
C ASN A 120 47.64 4.09 13.67
N GLN A 121 47.78 2.77 13.81
CA GLN A 121 47.93 2.17 15.11
C GLN A 121 49.24 2.64 15.79
N GLY A 122 50.34 2.63 15.03
CA GLY A 122 51.65 2.89 15.60
C GLY A 122 52.02 4.36 15.67
N LEU A 123 51.55 5.16 14.72
CA LEU A 123 51.92 6.58 14.58
C LEU A 123 50.75 7.57 14.70
N PHE A 124 49.52 7.07 14.84
CA PHE A 124 48.36 7.90 15.18
C PHE A 124 48.10 8.98 14.16
N LEU A 125 48.30 8.66 12.89
CA LEU A 125 48.21 9.66 11.82
C LEU A 125 46.79 9.93 11.31
N GLY A 126 45.82 9.11 11.68
CA GLY A 126 44.46 9.36 11.22
C GLY A 126 44.24 9.22 9.72
N LEU A 127 45.01 8.34 9.09
CA LEU A 127 44.93 8.14 7.65
C LEU A 127 43.57 7.54 7.27
N GLU A 128 42.84 8.22 6.38
CA GLU A 128 41.51 7.75 5.99
C GLU A 128 41.53 6.87 4.74
N ASP A 129 42.50 7.10 3.85
CA ASP A 129 42.57 6.29 2.65
C ASP A 129 43.96 6.28 1.97
N PHE A 130 44.02 5.52 0.88
CA PHE A 130 45.23 5.35 0.10
C PHE A 130 44.81 5.53 -1.35
N GLU A 131 45.50 6.41 -2.05
CA GLU A 131 45.24 6.63 -3.46
C GLU A 131 46.51 6.25 -4.20
N CYS A 132 46.35 5.58 -5.33
CA CYS A 132 47.51 5.21 -6.12
C CYS A 132 47.21 5.12 -7.61
N HIS A 133 48.27 5.05 -8.40
CA HIS A 133 48.15 4.92 -9.84
C HIS A 133 49.46 4.40 -10.38
N PHE A 134 49.41 3.87 -11.59
CA PHE A 134 50.60 3.33 -12.24
C PHE A 134 51.40 4.46 -12.88
N ALA A 135 52.69 4.22 -13.08
CA ALA A 135 53.53 5.20 -13.74
C ALA A 135 54.55 4.46 -14.60
N LEU A 136 54.69 4.91 -15.84
CA LEU A 136 55.59 4.24 -16.77
C LEU A 136 56.50 5.29 -17.41
N TYR A 137 57.77 5.30 -17.00
CA TYR A 137 58.69 6.30 -17.52
C TYR A 137 59.43 5.77 -18.75
N PRO A 138 59.31 6.48 -19.88
CA PRO A 138 60.08 6.10 -21.07
C PRO A 138 61.56 6.28 -20.80
N PRO A 139 62.43 5.59 -21.55
CA PRO A 139 63.87 5.80 -21.38
C PRO A 139 64.23 7.27 -21.53
N GLY A 140 65.00 7.82 -20.60
CA GLY A 140 65.37 9.22 -20.64
C GLY A 140 64.54 10.11 -19.72
N ALA A 141 63.35 9.64 -19.32
CA ALA A 141 62.50 10.44 -18.46
C ALA A 141 63.10 10.49 -17.06
N PHE A 142 62.97 11.65 -16.43
CA PHE A 142 63.41 11.81 -15.07
C PHE A 142 62.39 12.66 -14.33
N TYR A 143 62.53 12.69 -13.00
CA TYR A 143 61.64 13.46 -12.15
C TYR A 143 62.54 14.25 -11.21
N ARG A 144 62.53 15.57 -11.36
CA ARG A 144 63.41 16.46 -10.61
C ARG A 144 63.09 16.51 -9.12
N ARG A 145 64.06 16.94 -8.31
CA ARG A 145 63.90 16.90 -6.87
C ARG A 145 62.62 17.58 -6.43
N HIS A 146 61.95 16.96 -5.48
CA HIS A 146 60.67 17.47 -5.02
C HIS A 146 60.25 16.84 -3.70
N LEU A 147 59.27 17.48 -3.07
CA LEU A 147 58.57 16.92 -1.93
C LEU A 147 57.17 16.58 -2.38
N ASP A 148 56.64 15.48 -1.88
CA ASP A 148 55.29 15.08 -2.26
C ASP A 148 54.25 15.95 -1.59
N ARG A 149 54.49 16.35 -0.35
CA ARG A 149 53.53 17.17 0.38
C ARG A 149 54.10 18.54 0.66
N PHE A 150 53.43 19.59 0.19
CA PHE A 150 53.85 20.96 0.49
C PHE A 150 53.47 21.35 1.93
N ARG A 151 53.97 22.48 2.40
CA ARG A 151 53.58 22.98 3.71
C ARG A 151 52.14 23.51 3.69
N ASP A 152 51.40 23.23 2.61
CA ASP A 152 50.11 23.85 2.39
C ASP A 152 48.93 22.90 2.63
N ASP A 153 48.89 22.31 3.81
CA ASP A 153 47.72 21.55 4.24
C ASP A 153 47.59 20.23 3.48
N ASP A 154 48.43 20.03 2.47
CA ASP A 154 48.32 18.87 1.60
C ASP A 154 47.95 17.67 2.47
N ARG A 155 47.02 16.83 2.00
CA ARG A 155 46.46 15.74 2.83
C ARG A 155 47.34 14.49 2.79
N ARG A 156 48.25 14.45 1.83
CA ARG A 156 49.16 13.30 1.69
C ARG A 156 50.18 13.32 2.81
N MET A 157 50.18 12.24 3.58
CA MET A 157 51.00 12.13 4.77
C MET A 157 52.13 11.12 4.60
N VAL A 158 51.89 10.05 3.85
CA VAL A 158 52.89 9.00 3.69
C VAL A 158 52.86 8.55 2.24
N SER A 159 54.04 8.42 1.64
CA SER A 159 54.17 8.06 0.24
C SER A 159 54.60 6.61 0.15
N ALA A 160 54.17 5.92 -0.89
CA ALA A 160 54.53 4.53 -1.07
C ALA A 160 54.62 4.25 -2.56
N VAL A 161 55.75 3.68 -2.96
CA VAL A 161 56.00 3.34 -4.34
C VAL A 161 56.38 1.86 -4.41
N LEU A 162 55.68 1.12 -5.26
CA LEU A 162 56.03 -0.28 -5.52
C LEU A 162 56.68 -0.37 -6.91
N TYR A 163 57.87 -0.96 -6.99
CA TYR A 163 58.52 -1.10 -8.29
C TYR A 163 58.23 -2.45 -8.93
N LEU A 164 58.29 -2.50 -10.26
CA LEU A 164 57.70 -3.59 -11.02
C LEU A 164 58.64 -4.16 -12.09
N ASN A 165 59.92 -3.78 -12.05
CA ASN A 165 60.79 -4.11 -13.18
C ASN A 165 61.68 -5.32 -12.95
N GLU A 166 61.47 -6.33 -13.79
CA GLU A 166 62.26 -7.54 -13.73
C GLU A 166 63.62 -7.31 -14.35
N GLY A 167 64.65 -7.90 -13.76
CA GLY A 167 65.98 -7.94 -14.34
C GLY A 167 66.69 -6.60 -14.45
N TRP A 168 66.39 -5.68 -13.54
CA TRP A 168 66.99 -4.35 -13.57
C TRP A 168 68.46 -4.45 -13.23
N GLN A 169 69.29 -3.64 -13.89
CA GLN A 169 70.71 -3.64 -13.59
C GLN A 169 71.10 -2.19 -13.37
N PRO A 170 72.23 -1.95 -12.69
CA PRO A 170 72.70 -0.60 -12.35
C PRO A 170 73.03 0.24 -13.57
N HIS A 171 73.36 -0.42 -14.68
CA HIS A 171 73.63 0.29 -15.93
C HIS A 171 72.34 0.94 -16.44
N ASP A 172 71.21 0.51 -15.89
CA ASP A 172 69.92 1.00 -16.35
C ASP A 172 69.55 2.33 -15.73
N GLY A 173 70.22 2.70 -14.65
CA GLY A 173 69.90 3.94 -13.95
C GLY A 173 68.51 3.89 -13.35
N GLY A 174 67.81 5.02 -13.39
CA GLY A 174 66.44 5.09 -12.93
C GLY A 174 66.21 4.97 -11.43
N GLN A 175 67.25 5.17 -10.62
CA GLN A 175 67.06 5.05 -9.18
C GLN A 175 66.18 6.18 -8.65
N LEU A 176 65.40 5.86 -7.64
CA LEU A 176 64.84 6.89 -6.76
C LEU A 176 65.99 7.33 -5.84
N ARG A 177 66.27 8.62 -5.79
CA ARG A 177 67.27 9.16 -4.86
C ARG A 177 66.59 9.98 -3.76
N MET A 178 66.76 9.54 -2.51
CA MET A 178 66.11 10.12 -1.35
C MET A 178 67.13 10.90 -0.53
N PHE A 179 66.75 12.11 -0.17
CA PHE A 179 67.60 12.99 0.61
C PHE A 179 67.17 12.93 2.04
N LEU A 180 68.00 12.28 2.83
CA LEU A 180 67.66 11.95 4.21
C LEU A 180 68.32 12.95 5.12
N ALA A 181 68.17 12.75 6.42
CA ALA A 181 68.69 13.71 7.40
C ALA A 181 70.21 13.70 7.36
N ASP A 182 70.83 14.78 7.81
CA ASP A 182 72.28 14.85 7.95
C ASP A 182 73.00 14.84 6.60
N GLY A 183 72.26 15.10 5.52
CA GLY A 183 72.87 15.24 4.22
C GLY A 183 73.13 13.90 3.55
N VAL A 184 72.72 12.84 4.23
CA VAL A 184 72.81 11.50 3.66
C VAL A 184 71.92 11.39 2.42
N GLU A 185 72.40 10.64 1.44
CA GLU A 185 71.61 10.32 0.25
C GLU A 185 71.47 8.81 0.18
N HIS A 186 70.34 8.32 -0.32
CA HIS A 186 70.15 6.89 -0.54
C HIS A 186 69.44 6.62 -1.87
N ASP A 187 70.08 5.86 -2.76
CA ASP A 187 69.47 5.43 -4.01
C ASP A 187 68.69 4.14 -3.83
N VAL A 188 67.49 4.08 -4.41
CA VAL A 188 66.77 2.82 -4.55
C VAL A 188 66.67 2.41 -6.01
N GLU A 189 67.16 1.22 -6.35
CA GLU A 189 66.95 0.69 -7.70
C GLU A 189 65.53 0.18 -7.80
N PRO A 190 64.84 0.51 -8.88
CA PRO A 190 63.42 0.18 -9.08
C PRO A 190 63.22 -1.29 -9.47
N VAL A 191 63.67 -2.17 -8.58
CA VAL A 191 63.67 -3.62 -8.76
C VAL A 191 62.31 -4.24 -8.42
N ALA A 192 61.88 -5.20 -9.21
CA ALA A 192 60.55 -5.78 -9.03
C ALA A 192 60.35 -6.22 -7.59
N GLY A 193 59.21 -5.84 -7.01
CA GLY A 193 58.86 -6.29 -5.67
C GLY A 193 59.28 -5.35 -4.57
N CYS A 194 60.08 -4.34 -4.92
CA CYS A 194 60.62 -3.43 -3.92
C CYS A 194 59.61 -2.35 -3.58
N LEU A 195 59.28 -2.26 -2.30
CA LEU A 195 58.40 -1.20 -1.80
C LEU A 195 59.20 -0.16 -1.00
N VAL A 196 59.00 1.12 -1.32
CA VAL A 196 59.61 2.21 -0.56
C VAL A 196 58.47 3.03 0.03
N VAL A 197 58.53 3.30 1.33
CA VAL A 197 57.53 4.11 2.02
C VAL A 197 58.25 5.25 2.73
N PHE A 198 57.72 6.46 2.65
CA PHE A 198 58.32 7.57 3.40
C PHE A 198 57.31 8.66 3.80
N LEU A 199 57.73 9.47 4.76
CA LEU A 199 56.93 10.61 5.16
C LEU A 199 56.94 11.69 4.09
N SER A 200 55.77 12.02 3.56
CA SER A 200 55.65 12.88 2.38
C SER A 200 56.14 14.31 2.60
N GLY A 201 55.95 14.84 3.81
CA GLY A 201 56.33 16.21 4.08
C GLY A 201 57.81 16.35 4.42
N GLU A 202 58.52 15.23 4.51
CA GLU A 202 59.88 15.24 5.06
C GLU A 202 61.00 14.85 4.12
N VAL A 203 60.74 13.93 3.18
CA VAL A 203 61.85 13.39 2.37
C VAL A 203 61.83 13.89 0.94
N PRO A 204 62.70 14.87 0.64
CA PRO A 204 62.83 15.26 -0.76
C PRO A 204 63.37 14.09 -1.54
N HIS A 205 63.00 13.97 -2.81
CA HIS A 205 63.46 12.84 -3.61
C HIS A 205 63.37 13.16 -5.09
N GLU A 206 64.05 12.37 -5.90
CA GLU A 206 64.05 12.58 -7.33
C GLU A 206 64.24 11.24 -8.01
N VAL A 207 64.00 11.21 -9.33
CA VAL A 207 64.22 10.02 -10.12
C VAL A 207 65.23 10.34 -11.20
N LEU A 208 66.33 9.58 -11.23
CA LEU A 208 67.36 9.78 -12.25
C LEU A 208 66.94 9.07 -13.54
N PRO A 209 67.37 9.59 -14.69
CA PRO A 209 66.89 8.98 -15.93
C PRO A 209 67.32 7.52 -16.05
N ALA A 210 66.48 6.70 -16.70
CA ALA A 210 66.81 5.31 -16.94
C ALA A 210 67.07 5.10 -18.42
N GLY A 211 67.73 4.01 -18.74
CA GLY A 211 68.00 3.68 -20.13
C GLY A 211 66.95 2.74 -20.69
N ARG A 212 65.96 2.36 -19.88
CA ARG A 212 64.89 1.48 -20.35
C ARG A 212 63.59 1.82 -19.61
N GLU A 213 62.48 1.39 -20.16
CA GLU A 213 61.18 1.71 -19.57
C GLU A 213 61.16 1.36 -18.10
N ARG A 214 60.71 2.30 -17.29
CA ARG A 214 60.72 2.08 -15.85
C ARG A 214 59.29 2.09 -15.32
N LEU A 215 58.89 0.98 -14.73
CA LEU A 215 57.52 0.79 -14.26
C LEU A 215 57.39 0.85 -12.74
N SER A 216 56.36 1.56 -12.28
CA SER A 216 56.08 1.63 -10.83
C SER A 216 54.58 1.81 -10.53
N LEU A 217 54.24 1.62 -9.26
CA LEU A 217 52.89 1.86 -8.76
C LEU A 217 53.10 2.82 -7.59
N THR A 218 52.66 4.06 -7.78
CA THR A 218 52.93 5.13 -6.85
CA THR A 218 52.94 5.14 -6.84
C THR A 218 51.65 5.58 -6.16
N GLY A 219 51.73 5.91 -4.87
CA GLY A 219 50.55 6.25 -4.11
C GLY A 219 50.83 7.05 -2.85
N TRP A 220 49.75 7.41 -2.16
CA TRP A 220 49.81 8.23 -0.94
C TRP A 220 48.68 7.87 -0.02
N PHE A 221 49.03 7.70 1.25
CA PHE A 221 48.04 7.62 2.31
C PHE A 221 47.68 9.04 2.73
N ARG A 222 46.40 9.30 2.90
CA ARG A 222 45.91 10.64 3.14
C ARG A 222 45.07 10.77 4.41
N ARG A 223 45.11 11.94 5.02
CA ARG A 223 44.16 12.36 6.04
C ARG A 223 42.97 13.05 5.39
N ARG A 224 41.91 13.22 6.16
CA ARG A 224 40.76 13.97 5.71
C ARG A 224 41.11 15.41 5.31
N GLY A 225 41.84 16.12 6.15
CA GLY A 225 42.14 17.53 5.88
C GLY A 225 41.04 18.47 6.35
N ASN A 226 41.37 19.74 6.47
CA ASN A 226 40.50 20.70 7.13
C ASN A 226 39.48 21.37 6.22
N ASP A 227 39.56 21.09 4.91
CA ASP A 227 38.60 21.68 3.98
C ASP A 227 37.58 20.64 3.56
N PRO A 228 36.29 20.91 3.84
CA PRO A 228 35.26 19.94 3.44
C PRO A 228 34.83 20.10 2.00
N SER B 23 -26.42 -2.07 10.74
CA SER B 23 -25.70 -3.34 11.02
C SER B 23 -25.53 -3.60 12.52
N HIS B 24 -25.51 -4.90 12.85
CA HIS B 24 -25.29 -5.42 14.19
C HIS B 24 -23.82 -5.78 14.43
N ILE B 25 -22.97 -5.54 13.44
CA ILE B 25 -21.57 -5.94 13.53
C ILE B 25 -20.65 -4.81 14.04
N SER B 26 -19.87 -5.14 15.05
CA SER B 26 -18.90 -4.20 15.60
C SER B 26 -17.50 -4.71 15.22
N PRO B 27 -16.82 -4.00 14.30
CA PRO B 27 -15.54 -4.48 13.77
C PRO B 27 -14.44 -4.49 14.81
N GLU B 28 -13.45 -5.34 14.58
CA GLU B 28 -12.27 -5.38 15.43
C GLU B 28 -11.40 -4.14 15.24
N HIS B 29 -10.87 -3.64 16.34
CA HIS B 29 -10.02 -2.48 16.30
C HIS B 29 -9.14 -2.51 17.54
N PRO B 30 -8.04 -1.73 17.54
CA PRO B 30 -7.18 -1.64 18.72
C PRO B 30 -7.90 -1.04 19.91
N MET B 31 -7.30 -1.20 21.09
CA MET B 31 -7.89 -0.71 22.33
C MET B 31 -8.08 0.79 22.25
N LEU B 32 -9.30 1.25 22.49
CA LEU B 32 -9.60 2.66 22.37
C LEU B 32 -8.98 3.43 23.51
N ALA B 33 -8.68 2.73 24.60
CA ALA B 33 -8.10 3.36 25.78
C ALA B 33 -6.86 4.15 25.39
N ALA B 34 -6.04 3.58 24.49
CA ALA B 34 -4.79 4.23 24.08
C ALA B 34 -5.04 5.54 23.33
N VAL B 35 -6.12 5.60 22.56
CA VAL B 35 -6.51 6.83 21.88
C VAL B 35 -6.95 7.88 22.88
N VAL B 36 -7.78 7.46 23.83
CA VAL B 36 -8.28 8.38 24.86
C VAL B 36 -7.10 8.92 25.68
N ASP B 37 -6.16 8.05 26.03
CA ASP B 37 -4.97 8.47 26.79
C ASP B 37 -4.14 9.47 26.01
N ASP B 38 -4.00 9.20 24.73
CA ASP B 38 -3.27 10.06 23.81
C ASP B 38 -3.89 11.44 23.71
N LEU B 39 -5.23 11.48 23.59
CA LEU B 39 -5.92 12.76 23.50
C LEU B 39 -5.64 13.60 24.73
N ALA B 40 -5.65 12.96 25.89
CA ALA B 40 -5.37 13.65 27.15
C ALA B 40 -3.91 14.09 27.25
N THR B 41 -2.98 13.20 26.96
CA THR B 41 -1.57 13.55 27.15
C THR B 41 -1.01 14.44 26.04
N HIS B 42 -1.49 14.26 24.80
CA HIS B 42 -0.89 14.93 23.65
C HIS B 42 -1.84 15.79 22.83
N GLY B 43 -3.14 15.59 22.99
CA GLY B 43 -4.11 16.30 22.17
C GLY B 43 -4.39 15.63 20.83
N TRP B 44 -3.68 14.54 20.54
CA TRP B 44 -3.89 13.79 19.29
C TRP B 44 -3.38 12.34 19.43
N SER B 45 -3.87 11.49 18.53
CA SER B 45 -3.53 10.09 18.52
C SER B 45 -3.49 9.61 17.06
N GLN B 46 -2.56 8.72 16.76
CA GLN B 46 -2.47 8.11 15.45
C GLN B 46 -2.43 6.59 15.58
N GLN B 47 -3.34 5.89 14.92
CA GLN B 47 -3.46 4.44 15.05
C GLN B 47 -3.36 3.76 13.69
N ALA B 48 -2.31 2.99 13.49
CA ALA B 48 -2.16 2.21 12.27
C ALA B 48 -3.13 1.03 12.29
N HIS B 49 -3.60 0.64 11.11
CA HIS B 49 -4.43 -0.56 10.94
C HIS B 49 -5.56 -0.61 11.95
N PHE B 50 -6.31 0.48 11.97
CA PHE B 50 -7.34 0.68 12.96
C PHE B 50 -8.53 -0.24 12.75
N LEU B 51 -8.74 -0.65 11.50
CA LEU B 51 -9.82 -1.56 11.13
C LEU B 51 -9.23 -2.58 10.17
N PRO B 52 -9.89 -3.74 10.03
CA PRO B 52 -9.35 -4.78 9.15
C PRO B 52 -9.28 -4.35 7.69
N ALA B 53 -8.24 -4.80 6.99
CA ALA B 53 -7.97 -4.38 5.62
C ALA B 53 -9.19 -4.52 4.68
N ASP B 54 -9.98 -5.58 4.84
CA ASP B 54 -11.09 -5.79 3.93
C ASP B 54 -12.25 -4.84 4.20
N LEU B 55 -12.46 -4.46 5.46
CA LEU B 55 -13.42 -3.39 5.77
C LEU B 55 -12.93 -2.07 5.17
N VAL B 56 -11.65 -1.80 5.30
CA VAL B 56 -11.11 -0.55 4.77
C VAL B 56 -11.23 -0.50 3.24
N ARG B 57 -10.97 -1.62 2.59
CA ARG B 57 -11.16 -1.69 1.14
C ARG B 57 -12.62 -1.43 0.73
N ALA B 58 -13.57 -1.95 1.51
CA ALA B 58 -15.00 -1.66 1.27
C ALA B 58 -15.33 -0.17 1.43
N LEU B 59 -14.73 0.49 2.42
CA LEU B 59 -14.96 1.92 2.59
C LEU B 59 -14.39 2.68 1.40
N ALA B 60 -13.23 2.26 0.92
CA ALA B 60 -12.63 2.91 -0.24
C ALA B 60 -13.50 2.72 -1.47
N ALA B 61 -14.07 1.54 -1.64
CA ALA B 61 -14.96 1.32 -2.78
C ALA B 61 -16.20 2.21 -2.64
N GLU B 62 -16.72 2.33 -1.42
CA GLU B 62 -17.88 3.18 -1.17
C GLU B 62 -17.53 4.62 -1.48
N CYS B 63 -16.34 5.04 -1.07
CA CYS B 63 -15.82 6.37 -1.39
C CYS B 63 -15.78 6.65 -2.89
N ARG B 64 -15.25 5.73 -3.68
CA ARG B 64 -15.28 5.92 -5.14
C ARG B 64 -16.72 5.89 -5.68
N ARG B 65 -17.58 5.11 -5.06
CA ARG B 65 -18.97 5.03 -5.48
C ARG B 65 -19.66 6.39 -5.35
N ARG B 66 -19.50 7.02 -4.19
CA ARG B 66 -20.11 8.32 -3.93
C ARG B 66 -19.48 9.42 -4.79
N ASP B 67 -18.22 9.25 -5.13
CA ASP B 67 -17.58 10.14 -6.08
C ASP B 67 -18.25 10.00 -7.45
N ALA B 68 -18.54 8.77 -7.84
CA ALA B 68 -19.17 8.49 -9.13
C ALA B 68 -20.61 9.04 -9.18
N GLU B 69 -21.17 9.36 -8.02
CA GLU B 69 -22.52 9.94 -7.91
C GLU B 69 -22.50 11.46 -7.90
N GLY B 70 -21.31 12.05 -7.82
CA GLY B 70 -21.19 13.50 -7.77
C GLY B 70 -21.99 14.10 -6.64
N ILE B 94 -23.03 17.82 -0.13
CA ILE B 94 -22.22 16.82 0.57
C ILE B 94 -23.05 15.57 0.89
N GLN B 95 -22.48 14.40 0.65
CA GLN B 95 -23.14 13.15 1.04
C GLN B 95 -22.63 12.70 2.42
N TRP B 96 -23.29 13.16 3.47
CA TRP B 96 -22.91 12.73 4.80
C TRP B 96 -23.31 11.26 5.00
N ILE B 97 -22.57 10.57 5.86
CA ILE B 97 -22.79 9.17 6.10
C ILE B 97 -23.78 8.96 7.26
N ASP B 98 -24.88 8.26 6.98
CA ASP B 98 -25.87 7.96 8.01
C ASP B 98 -26.02 6.46 8.15
N PRO B 99 -26.54 6.00 9.30
CA PRO B 99 -26.75 4.55 9.41
C PRO B 99 -27.66 4.03 8.30
N GLY B 100 -27.39 2.83 7.79
CA GLY B 100 -28.27 2.21 6.81
C GLY B 100 -27.94 2.43 5.35
N GLN B 101 -26.82 3.05 5.04
CA GLN B 101 -26.45 3.26 3.63
C GLN B 101 -25.55 2.17 3.08
N ALA B 102 -24.70 1.60 3.94
CA ALA B 102 -23.73 0.59 3.52
C ALA B 102 -23.19 -0.18 4.72
N GLU B 103 -22.98 -1.48 4.57
CA GLU B 103 -22.49 -2.30 5.67
C GLU B 103 -21.14 -1.82 6.21
N ALA B 104 -20.20 -1.53 5.31
CA ALA B 104 -18.89 -1.01 5.71
C ALA B 104 -19.03 0.28 6.53
N CYS B 105 -19.85 1.21 6.05
CA CYS B 105 -20.08 2.49 6.74
C CYS B 105 -20.72 2.27 8.09
N ASP B 106 -21.68 1.36 8.13
CA ASP B 106 -22.35 1.03 9.38
C ASP B 106 -21.33 0.58 10.41
N GLN B 107 -20.43 -0.29 10.00
CA GLN B 107 -19.42 -0.79 10.94
C GLN B 107 -18.45 0.32 11.38
N TYR B 108 -18.12 1.22 10.48
CA TYR B 108 -17.26 2.33 10.85
C TYR B 108 -17.95 3.14 11.96
N LEU B 109 -19.19 3.50 11.71
CA LEU B 109 -20.01 4.26 12.67
C LEU B 109 -20.11 3.57 14.03
N ALA B 110 -20.23 2.25 14.05
CA ALA B 110 -20.25 1.50 15.29
C ALA B 110 -18.94 1.65 16.07
N ALA B 111 -17.81 1.60 15.36
CA ALA B 111 -16.52 1.73 16.00
C ALA B 111 -16.36 3.17 16.56
N MET B 112 -16.79 4.17 15.78
CA MET B 112 -16.71 5.56 16.19
C MET B 112 -17.63 5.84 17.37
N ASP B 113 -18.75 5.14 17.46
CA ASP B 113 -19.64 5.34 18.61
C ASP B 113 -19.00 4.78 19.87
N GLN B 114 -18.29 3.68 19.75
CA GLN B 114 -17.53 3.12 20.87
C GLN B 114 -16.46 4.12 21.31
N LEU B 115 -15.80 4.75 20.33
CA LEU B 115 -14.82 5.79 20.61
C LEU B 115 -15.46 7.00 21.28
N ARG B 116 -16.63 7.39 20.81
CA ARG B 116 -17.39 8.47 21.45
C ARG B 116 -17.60 8.19 22.93
N LEU B 117 -18.11 7.01 23.25
CA LEU B 117 -18.38 6.65 24.63
C LEU B 117 -17.08 6.52 25.45
N ALA B 118 -16.03 6.00 24.85
CA ALA B 118 -14.73 5.95 25.53
C ALA B 118 -14.20 7.36 25.87
N ILE B 119 -14.31 8.30 24.94
CA ILE B 119 -13.87 9.68 25.20
C ILE B 119 -14.70 10.36 26.31
N ASN B 120 -16.02 10.20 26.24
CA ASN B 120 -16.90 10.77 27.25
C ASN B 120 -16.60 10.21 28.65
N GLN B 121 -16.39 8.91 28.71
CA GLN B 121 -16.14 8.23 29.96
C GLN B 121 -14.80 8.66 30.57
N GLY B 122 -13.84 8.97 29.73
CA GLY B 122 -12.49 9.25 30.16
C GLY B 122 -12.18 10.74 30.27
N LEU B 123 -12.75 11.57 29.39
CA LEU B 123 -12.38 12.98 29.30
C LEU B 123 -13.55 13.95 29.50
N PHE B 124 -14.74 13.41 29.74
CA PHE B 124 -15.92 14.22 30.06
C PHE B 124 -16.16 15.36 29.06
N LEU B 125 -15.97 15.06 27.77
CA LEU B 125 -16.13 16.07 26.73
C LEU B 125 -17.58 16.30 26.25
N GLY B 126 -18.53 15.51 26.73
CA GLY B 126 -19.93 15.73 26.39
C GLY B 126 -20.31 15.53 24.93
N LEU B 127 -19.64 14.59 24.25
CA LEU B 127 -19.87 14.37 22.83
C LEU B 127 -21.21 13.66 22.62
N GLU B 128 -22.08 14.29 21.84
CA GLU B 128 -23.44 13.77 21.61
C GLU B 128 -23.51 12.80 20.43
N ASP B 129 -22.78 13.11 19.37
CA ASP B 129 -22.80 12.26 18.19
C ASP B 129 -21.54 12.43 17.34
N PHE B 130 -21.54 11.73 16.21
CA PHE B 130 -20.45 11.71 15.25
C PHE B 130 -21.06 11.94 13.86
N GLU B 131 -20.49 12.86 13.11
CA GLU B 131 -20.86 13.06 11.72
C GLU B 131 -19.61 12.84 10.89
N CYS B 132 -19.76 12.30 9.68
CA CYS B 132 -18.61 12.09 8.78
C CYS B 132 -19.04 12.01 7.32
N HIS B 133 -18.08 12.15 6.42
CA HIS B 133 -18.32 12.05 4.99
C HIS B 133 -17.02 11.65 4.31
N PHE B 134 -17.15 11.12 3.10
CA PHE B 134 -16.01 10.68 2.32
C PHE B 134 -15.42 11.90 1.66
N ALA B 135 -14.12 11.85 1.45
CA ALA B 135 -13.40 12.94 0.82
C ALA B 135 -12.50 12.32 -0.22
N LEU B 136 -12.53 12.87 -1.42
CA LEU B 136 -11.63 12.40 -2.46
C LEU B 136 -10.91 13.58 -3.10
N TYR B 137 -9.61 13.69 -2.83
CA TYR B 137 -8.78 14.74 -3.41
C TYR B 137 -8.18 14.27 -4.72
N PRO B 138 -8.58 14.90 -5.84
CA PRO B 138 -7.90 14.63 -7.11
C PRO B 138 -6.46 15.09 -7.01
N PRO B 139 -5.57 14.56 -7.85
CA PRO B 139 -4.17 15.00 -7.88
C PRO B 139 -4.04 16.51 -7.97
N GLY B 140 -3.29 17.11 -7.06
CA GLY B 140 -3.04 18.54 -7.07
C GLY B 140 -3.91 19.27 -6.08
N ALA B 141 -5.01 18.65 -5.66
CA ALA B 141 -5.89 19.27 -4.70
C ALA B 141 -5.27 19.28 -3.32
N PHE B 142 -5.55 20.33 -2.56
CA PHE B 142 -4.95 20.49 -1.24
C PHE B 142 -5.91 21.21 -0.31
N TYR B 143 -5.54 21.27 0.95
CA TYR B 143 -6.35 21.93 1.96
C TYR B 143 -5.39 22.72 2.88
N ARG B 144 -5.36 24.03 2.69
CA ARG B 144 -4.45 24.88 3.42
C ARG B 144 -4.74 24.82 4.91
N ARG B 145 -3.71 25.11 5.69
CA ARG B 145 -3.77 25.10 7.13
C ARG B 145 -5.04 25.71 7.71
N HIS B 146 -5.64 25.00 8.66
CA HIS B 146 -6.83 25.49 9.34
C HIS B 146 -7.01 24.81 10.68
N LEU B 147 -7.94 25.35 11.46
CA LEU B 147 -8.48 24.63 12.61
C LEU B 147 -9.89 24.21 12.22
N ASP B 148 -10.32 23.04 12.69
CA ASP B 148 -11.69 22.58 12.50
C ASP B 148 -12.65 23.28 13.48
N ARG B 149 -12.53 24.58 13.64
CA ARG B 149 -13.28 25.30 14.67
C ARG B 149 -13.56 26.74 14.25
N PHE B 150 -13.40 27.68 15.17
CA PHE B 150 -13.66 29.08 14.90
C PHE B 150 -13.18 29.92 16.08
N ASP B 154 -18.59 26.68 17.88
CA ASP B 154 -18.61 25.53 17.00
C ASP B 154 -18.78 24.27 17.86
N ARG B 155 -19.55 23.32 17.36
CA ARG B 155 -19.87 22.11 18.10
C ARG B 155 -18.82 21.01 17.97
N ARG B 156 -18.02 21.06 16.90
CA ARG B 156 -16.99 20.05 16.66
C ARG B 156 -15.90 20.09 17.74
N MET B 157 -15.80 19.03 18.54
CA MET B 157 -14.85 18.93 19.64
C MET B 157 -13.64 18.04 19.34
N VAL B 158 -13.87 16.94 18.62
CA VAL B 158 -12.82 15.97 18.34
C VAL B 158 -12.97 15.55 16.88
N SER B 159 -11.86 15.56 16.15
CA SER B 159 -11.85 15.24 14.73
C SER B 159 -11.24 13.88 14.57
N ALA B 160 -11.67 13.15 13.55
CA ALA B 160 -11.14 11.85 13.30
C ALA B 160 -11.15 11.63 11.80
N VAL B 161 -10.03 11.15 11.27
CA VAL B 161 -9.90 10.92 9.85
C VAL B 161 -9.35 9.52 9.65
N LEU B 162 -10.03 8.72 8.84
CA LEU B 162 -9.54 7.39 8.47
C LEU B 162 -9.05 7.41 7.02
N TYR B 163 -7.82 6.95 6.77
CA TYR B 163 -7.29 6.96 5.40
C TYR B 163 -7.57 5.62 4.73
N LEU B 164 -7.64 5.65 3.40
CA LEU B 164 -8.21 4.54 2.64
C LEU B 164 -7.31 4.07 1.49
N ASN B 165 -6.11 4.64 1.36
CA ASN B 165 -5.28 4.46 0.18
C ASN B 165 -4.24 3.35 0.31
N GLU B 166 -4.25 2.43 -0.63
CA GLU B 166 -3.27 1.34 -0.62
C GLU B 166 -2.05 1.72 -1.47
N GLY B 167 -0.89 1.28 -1.02
CA GLY B 167 0.33 1.36 -1.79
C GLY B 167 0.88 2.76 -1.90
N TRP B 168 0.64 3.59 -0.88
CA TRP B 168 1.15 4.96 -0.84
C TRP B 168 2.67 5.02 -0.74
N GLN B 169 3.27 5.94 -1.47
CA GLN B 169 4.72 6.10 -1.49
C GLN B 169 5.10 7.51 -1.09
N PRO B 170 6.29 7.68 -0.50
CA PRO B 170 6.75 9.02 -0.09
C PRO B 170 6.73 10.05 -1.23
N HIS B 171 6.95 9.61 -2.47
CA HIS B 171 6.86 10.54 -3.61
C HIS B 171 5.42 10.94 -3.98
N ASP B 172 4.42 10.29 -3.37
CA ASP B 172 3.01 10.59 -3.68
C ASP B 172 2.52 11.86 -2.98
N GLY B 173 3.25 12.30 -1.94
CA GLY B 173 2.82 13.45 -1.14
C GLY B 173 1.51 13.20 -0.40
N GLY B 174 0.63 14.19 -0.38
CA GLY B 174 -0.69 14.01 0.21
C GLY B 174 -0.75 13.80 1.72
N GLN B 175 0.27 14.23 2.44
CA GLN B 175 0.28 14.00 3.88
C GLN B 175 -0.63 14.98 4.60
N LEU B 176 -1.16 14.53 5.72
CA LEU B 176 -1.76 15.43 6.67
C LEU B 176 -0.60 16.00 7.49
N ARG B 177 -0.50 17.32 7.54
CA ARG B 177 0.53 17.98 8.36
C ARG B 177 -0.15 18.58 9.57
N MET B 178 0.28 18.15 10.76
CA MET B 178 -0.28 18.56 12.03
C MET B 178 0.70 19.48 12.73
N PHE B 179 0.20 20.61 13.24
CA PHE B 179 1.06 21.58 13.90
C PHE B 179 0.87 21.46 15.39
N LEU B 180 1.91 20.97 16.05
CA LEU B 180 1.83 20.66 17.46
C LEU B 180 2.38 21.81 18.31
N ALA B 181 2.15 21.74 19.62
CA ALA B 181 2.65 22.75 20.57
C ALA B 181 4.13 23.05 20.37
N ASP B 182 4.57 24.20 20.84
CA ASP B 182 5.98 24.57 20.72
C ASP B 182 6.47 24.56 19.27
N GLY B 183 5.57 24.86 18.33
CA GLY B 183 5.90 24.91 16.92
C GLY B 183 6.47 23.62 16.34
N VAL B 184 6.05 22.47 16.89
CA VAL B 184 6.48 21.17 16.38
C VAL B 184 5.52 20.74 15.26
N GLU B 185 5.97 19.89 14.35
CA GLU B 185 5.10 19.42 13.23
C GLU B 185 5.19 17.91 13.04
N HIS B 186 4.09 17.29 12.64
CA HIS B 186 4.08 15.85 12.38
C HIS B 186 3.28 15.55 11.13
N ASP B 187 3.90 14.85 10.18
CA ASP B 187 3.24 14.47 8.93
C ASP B 187 2.68 13.06 9.06
N VAL B 188 1.45 12.87 8.58
CA VAL B 188 0.87 11.55 8.51
C VAL B 188 0.63 11.21 7.06
N GLU B 189 1.24 10.13 6.61
CA GLU B 189 0.96 9.58 5.28
C GLU B 189 -0.43 8.98 5.29
N PRO B 190 -1.21 9.24 4.23
CA PRO B 190 -2.62 8.87 4.19
C PRO B 190 -2.78 7.37 3.87
N VAL B 191 -2.12 6.56 4.69
CA VAL B 191 -2.08 5.12 4.52
C VAL B 191 -3.39 4.43 4.91
N ALA B 192 -3.83 3.45 4.10
CA ALA B 192 -5.06 2.73 4.37
C ALA B 192 -5.11 2.14 5.78
N GLY B 193 -6.19 2.39 6.49
CA GLY B 193 -6.36 1.87 7.83
C GLY B 193 -5.85 2.80 8.91
N CYS B 194 -5.15 3.83 8.52
CA CYS B 194 -4.58 4.74 9.51
C CYS B 194 -5.66 5.69 9.98
N LEU B 195 -5.88 5.73 11.29
CA LEU B 195 -6.84 6.62 11.92
C LEU B 195 -6.09 7.71 12.70
N VAL B 196 -6.45 8.97 12.47
CA VAL B 196 -5.88 10.10 13.20
C VAL B 196 -7.03 10.82 13.91
N VAL B 197 -6.86 11.08 15.20
CA VAL B 197 -7.88 11.68 16.04
C VAL B 197 -7.18 12.85 16.75
N PHE B 198 -7.81 14.01 16.76
CA PHE B 198 -7.26 15.16 17.48
C PHE B 198 -8.33 16.14 18.03
N LEU B 199 -7.95 16.94 19.02
CA LEU B 199 -8.83 17.97 19.54
C LEU B 199 -9.04 19.06 18.49
N SER B 200 -10.28 19.25 18.05
CA SER B 200 -10.59 20.13 16.92
C SER B 200 -10.18 21.58 17.15
N GLY B 201 -10.17 21.98 18.41
CA GLY B 201 -9.91 23.37 18.73
C GLY B 201 -8.45 23.63 18.96
N GLU B 202 -7.60 22.59 18.97
CA GLU B 202 -6.23 22.78 19.45
C GLU B 202 -5.14 22.46 18.45
N VAL B 203 -5.47 21.69 17.41
CA VAL B 203 -4.47 21.21 16.47
C VAL B 203 -4.73 21.72 15.06
N PRO B 204 -4.02 22.79 14.68
CA PRO B 204 -4.11 23.23 13.29
C PRO B 204 -3.49 22.17 12.39
N HIS B 205 -3.92 22.12 11.14
CA HIS B 205 -3.46 21.08 10.21
C HIS B 205 -3.76 21.46 8.76
N GLU B 206 -3.07 20.80 7.83
CA GLU B 206 -3.31 21.02 6.42
C GLU B 206 -3.08 19.73 5.69
N VAL B 207 -3.57 19.66 4.46
CA VAL B 207 -3.36 18.51 3.60
C VAL B 207 -2.50 19.01 2.47
N LEU B 208 -1.32 18.42 2.30
CA LEU B 208 -0.46 18.79 1.19
C LEU B 208 -0.99 18.11 -0.09
N PRO B 209 -0.72 18.71 -1.26
CA PRO B 209 -1.16 18.14 -2.53
C PRO B 209 -0.58 16.75 -2.79
N ALA B 210 -1.31 15.92 -3.52
CA ALA B 210 -0.85 14.58 -3.85
C ALA B 210 -0.75 14.38 -5.34
N GLY B 211 0.10 13.44 -5.76
CA GLY B 211 0.29 13.15 -7.16
C GLY B 211 -0.70 12.14 -7.70
N ARG B 212 -1.55 11.62 -6.83
CA ARG B 212 -2.55 10.62 -7.19
C ARG B 212 -3.78 10.87 -6.34
N GLU B 213 -4.88 10.20 -6.66
CA GLU B 213 -6.11 10.41 -5.91
C GLU B 213 -5.94 10.00 -4.45
N ARG B 214 -6.48 10.81 -3.56
CA ARG B 214 -6.33 10.61 -2.13
C ARG B 214 -7.70 10.50 -1.44
N LEU B 215 -7.98 9.31 -0.91
CA LEU B 215 -9.26 9.00 -0.31
C LEU B 215 -9.18 8.98 1.21
N SER B 216 -10.22 9.49 1.84
CA SER B 216 -10.36 9.46 3.28
C SER B 216 -11.81 9.52 3.70
N LEU B 217 -12.03 9.22 4.96
CA LEU B 217 -13.32 9.33 5.60
C LEU B 217 -13.09 10.27 6.79
N THR B 218 -13.62 11.49 6.69
CA THR B 218 -13.34 12.56 7.63
C THR B 218 -14.60 12.90 8.44
N GLY B 219 -14.43 13.13 9.73
CA GLY B 219 -15.56 13.40 10.60
C GLY B 219 -15.22 14.10 11.90
N TRP B 220 -16.26 14.35 12.68
CA TRP B 220 -16.13 15.12 13.91
C TRP B 220 -17.10 14.63 14.94
N PHE B 221 -16.61 14.51 16.18
CA PHE B 221 -17.49 14.28 17.29
C PHE B 221 -17.99 15.66 17.75
N ARG B 222 -19.30 15.78 17.95
CA ARG B 222 -19.91 17.06 18.33
C ARG B 222 -20.55 17.04 19.72
N ARG B 223 -20.40 18.16 20.43
CA ARG B 223 -21.10 18.39 21.69
C ARG B 223 -22.35 19.22 21.38
N ARG B 224 -23.19 19.45 22.39
CA ARG B 224 -24.44 20.19 22.19
C ARG B 224 -24.17 21.57 21.58
N GLY B 225 -25.09 22.05 20.74
CA GLY B 225 -24.93 23.33 20.08
C GLY B 225 -25.38 24.49 20.94
N SER C 23 48.04 -37.19 -15.49
CA SER C 23 48.50 -38.41 -16.23
C SER C 23 48.21 -38.22 -17.71
N HIS C 24 47.80 -39.29 -18.38
CA HIS C 24 47.47 -39.21 -19.79
C HIS C 24 46.03 -38.81 -20.01
N ILE C 25 45.17 -39.01 -19.02
CA ILE C 25 43.78 -38.58 -19.12
C ILE C 25 43.35 -37.56 -18.04
N SER C 26 42.76 -36.47 -18.54
CA SER C 26 42.16 -35.47 -17.69
C SER C 26 40.64 -35.58 -17.80
N PRO C 27 39.98 -35.98 -16.71
CA PRO C 27 38.54 -36.28 -16.66
C PRO C 27 37.68 -35.04 -16.86
N GLU C 28 36.43 -35.27 -17.25
CA GLU C 28 35.45 -34.20 -17.41
C GLU C 28 35.09 -33.58 -16.06
N HIS C 29 34.99 -32.27 -16.03
CA HIS C 29 34.60 -31.56 -14.81
C HIS C 29 34.07 -30.20 -15.20
N PRO C 30 33.32 -29.55 -14.31
CA PRO C 30 32.76 -28.22 -14.61
C PRO C 30 33.84 -27.16 -14.78
N MET C 31 33.47 -26.01 -15.31
CA MET C 31 34.42 -24.94 -15.61
C MET C 31 35.15 -24.47 -14.35
N LEU C 32 36.48 -24.39 -14.44
CA LEU C 32 37.28 -24.05 -13.27
C LEU C 32 37.25 -22.54 -12.97
N ALA C 33 36.84 -21.75 -13.95
CA ALA C 33 36.79 -20.30 -13.79
C ALA C 33 35.83 -19.96 -12.66
N ALA C 34 34.72 -20.68 -12.58
CA ALA C 34 33.72 -20.46 -11.53
C ALA C 34 34.33 -20.67 -10.15
N VAL C 35 35.15 -21.71 -10.02
CA VAL C 35 35.82 -21.94 -8.76
C VAL C 35 36.76 -20.77 -8.46
N VAL C 36 37.53 -20.34 -9.45
CA VAL C 36 38.48 -19.25 -9.25
C VAL C 36 37.77 -17.95 -8.85
N ASP C 37 36.70 -17.61 -9.58
CA ASP C 37 35.85 -16.47 -9.22
C ASP C 37 35.35 -16.56 -7.79
N ASP C 38 34.74 -17.70 -7.45
CA ASP C 38 34.24 -17.95 -6.10
C ASP C 38 35.29 -17.68 -5.02
N LEU C 39 36.50 -18.17 -5.23
CA LEU C 39 37.57 -17.97 -4.26
C LEU C 39 37.84 -16.50 -4.03
N ALA C 40 37.95 -15.75 -5.12
CA ALA C 40 38.24 -14.33 -5.02
C ALA C 40 37.10 -13.57 -4.36
N THR C 41 35.86 -13.98 -4.59
CA THR C 41 34.73 -13.19 -4.10
C THR C 41 34.17 -13.68 -2.76
N HIS C 42 34.30 -14.96 -2.46
CA HIS C 42 33.76 -15.49 -1.20
C HIS C 42 34.80 -16.19 -0.37
N GLY C 43 35.96 -16.51 -0.96
CA GLY C 43 36.99 -17.28 -0.28
C GLY C 43 36.75 -18.79 -0.24
N TRP C 44 35.71 -19.25 -0.91
CA TRP C 44 35.41 -20.68 -1.00
C TRP C 44 34.51 -20.93 -2.19
N SER C 45 34.36 -22.22 -2.54
CA SER C 45 33.56 -22.64 -3.68
C SER C 45 33.05 -24.04 -3.42
N GLN C 46 31.83 -24.34 -3.85
CA GLN C 46 31.27 -25.67 -3.73
C GLN C 46 30.77 -26.12 -5.10
N GLN C 47 31.22 -27.29 -5.54
CA GLN C 47 30.87 -27.80 -6.87
C GLN C 47 30.30 -29.20 -6.75
N ALA C 48 29.04 -29.39 -7.10
CA ALA C 48 28.46 -30.72 -7.07
C ALA C 48 28.93 -31.48 -8.30
N HIS C 49 29.01 -32.80 -8.18
CA HIS C 49 29.30 -33.67 -9.32
C HIS C 49 30.50 -33.15 -10.11
N PHE C 50 31.59 -32.94 -9.39
CA PHE C 50 32.79 -32.34 -9.95
C PHE C 50 33.48 -33.30 -10.94
N LEU C 51 33.37 -34.60 -10.68
CA LEU C 51 33.97 -35.62 -11.54
C LEU C 51 32.91 -36.67 -11.83
N PRO C 52 33.10 -37.43 -12.92
CA PRO C 52 32.10 -38.45 -13.26
C PRO C 52 31.89 -39.49 -12.17
N ALA C 53 30.63 -39.92 -12.00
CA ALA C 53 30.25 -40.85 -10.94
C ALA C 53 31.07 -42.15 -10.92
N ASP C 54 31.44 -42.69 -12.07
CA ASP C 54 32.24 -43.93 -12.03
C ASP C 54 33.67 -43.67 -11.54
N LEU C 55 34.25 -42.54 -11.93
CA LEU C 55 35.58 -42.16 -11.41
C LEU C 55 35.51 -41.98 -9.88
N VAL C 56 34.42 -41.38 -9.39
CA VAL C 56 34.26 -41.16 -7.96
C VAL C 56 34.10 -42.49 -7.22
N ARG C 57 33.30 -43.40 -7.77
CA ARG C 57 33.20 -44.73 -7.19
C ARG C 57 34.54 -45.45 -7.14
N ALA C 58 35.34 -45.32 -8.18
CA ALA C 58 36.68 -45.92 -8.17
C ALA C 58 37.59 -45.30 -7.08
N LEU C 59 37.47 -44.00 -6.86
CA LEU C 59 38.17 -43.34 -5.75
C LEU C 59 37.73 -43.88 -4.39
N ALA C 60 36.42 -44.10 -4.20
CA ALA C 60 35.94 -44.69 -2.95
C ALA C 60 36.48 -46.11 -2.76
N ALA C 61 36.62 -46.86 -3.84
CA ALA C 61 37.15 -48.22 -3.71
C ALA C 61 38.62 -48.17 -3.27
N GLU C 62 39.36 -47.24 -3.87
CA GLU C 62 40.76 -47.06 -3.54
C GLU C 62 40.90 -46.68 -2.07
N CYS C 63 39.95 -45.88 -1.58
CA CYS C 63 39.95 -45.46 -0.19
C CYS C 63 39.75 -46.66 0.74
N ARG C 64 38.81 -47.54 0.39
CA ARG C 64 38.54 -48.72 1.20
C ARG C 64 39.70 -49.71 1.11
N ARG C 65 40.33 -49.79 -0.04
CA ARG C 65 41.46 -50.68 -0.18
C ARG C 65 42.65 -50.21 0.67
N ARG C 66 42.94 -48.92 0.64
CA ARG C 66 43.99 -48.35 1.48
C ARG C 66 43.67 -48.54 2.98
N ASP C 67 42.40 -48.43 3.34
CA ASP C 67 41.98 -48.66 4.72
C ASP C 67 42.19 -50.12 5.13
N ALA C 68 41.89 -51.04 4.22
CA ALA C 68 42.05 -52.46 4.50
C ALA C 68 43.54 -52.81 4.63
N GLU C 69 44.38 -52.11 3.89
CA GLU C 69 45.83 -52.33 3.90
C GLU C 69 46.50 -51.75 5.15
N GLY C 70 45.74 -51.00 5.94
CA GLY C 70 46.28 -50.37 7.13
C GLY C 70 47.02 -49.08 6.81
N GLU C 71 46.80 -48.55 5.61
CA GLU C 71 47.48 -47.35 5.15
C GLU C 71 46.80 -46.05 5.58
N LEU C 72 45.70 -46.16 6.34
CA LEU C 72 45.04 -45.01 6.92
C LEU C 72 43.94 -45.45 7.88
N TRP C 96 49.01 -40.82 2.08
CA TRP C 96 49.15 -39.87 1.00
C TRP C 96 49.06 -40.55 -0.38
N ILE C 97 48.77 -39.76 -1.39
CA ILE C 97 48.54 -40.24 -2.73
C ILE C 97 49.64 -39.73 -3.66
N ASP C 98 50.34 -40.68 -4.27
CA ASP C 98 51.35 -40.36 -5.27
C ASP C 98 50.80 -40.77 -6.62
N PRO C 99 51.25 -40.11 -7.70
CA PRO C 99 50.81 -40.51 -9.04
C PRO C 99 51.38 -41.87 -9.41
N GLY C 100 50.59 -42.72 -10.06
CA GLY C 100 51.05 -44.04 -10.50
C GLY C 100 50.63 -45.14 -9.55
N GLN C 101 49.78 -44.80 -8.59
CA GLN C 101 49.27 -45.78 -7.63
C GLN C 101 47.93 -46.34 -8.09
N ALA C 102 47.21 -45.53 -8.89
CA ALA C 102 45.90 -45.90 -9.42
C ALA C 102 45.46 -44.92 -10.51
N GLU C 103 44.74 -45.42 -11.52
CA GLU C 103 44.24 -44.56 -12.59
C GLU C 103 43.21 -43.49 -12.09
N ALA C 104 42.30 -43.88 -11.20
CA ALA C 104 41.32 -42.92 -10.66
C ALA C 104 42.03 -41.77 -9.93
N CYS C 105 43.04 -42.10 -9.11
CA CYS C 105 43.87 -41.09 -8.44
C CYS C 105 44.62 -40.23 -9.43
N ASP C 106 45.17 -40.85 -10.47
CA ASP C 106 45.91 -40.11 -11.49
C ASP C 106 45.00 -39.10 -12.19
N GLN C 107 43.73 -39.47 -12.39
CA GLN C 107 42.81 -38.55 -13.04
C GLN C 107 42.42 -37.40 -12.10
N TYR C 108 42.24 -37.72 -10.82
CA TYR C 108 41.93 -36.70 -9.83
C TYR C 108 43.07 -35.65 -9.78
N LEU C 109 44.30 -36.14 -9.67
CA LEU C 109 45.47 -35.28 -9.62
C LEU C 109 45.64 -34.42 -10.89
N ALA C 110 45.25 -34.94 -12.04
CA ALA C 110 45.31 -34.17 -13.28
C ALA C 110 44.28 -33.01 -13.30
N ALA C 111 43.08 -33.26 -12.78
CA ALA C 111 42.11 -32.19 -12.68
C ALA C 111 42.59 -31.16 -11.62
N MET C 112 43.13 -31.63 -10.52
CA MET C 112 43.60 -30.72 -9.49
C MET C 112 44.74 -29.86 -10.04
N ASP C 113 45.56 -30.43 -10.93
CA ASP C 113 46.63 -29.64 -11.52
C ASP C 113 46.05 -28.57 -12.44
N GLN C 114 44.97 -28.89 -13.15
CA GLN C 114 44.31 -27.89 -13.97
C GLN C 114 43.78 -26.74 -13.10
N LEU C 115 43.23 -27.08 -11.94
CA LEU C 115 42.73 -26.07 -11.02
C LEU C 115 43.89 -25.24 -10.45
N ARG C 116 45.03 -25.88 -10.19
CA ARG C 116 46.19 -25.16 -9.67
C ARG C 116 46.55 -24.03 -10.62
N LEU C 117 46.63 -24.35 -11.91
CA LEU C 117 47.04 -23.39 -12.91
C LEU C 117 45.98 -22.32 -13.10
N ALA C 118 44.73 -22.72 -12.93
CA ALA C 118 43.64 -21.77 -13.05
C ALA C 118 43.71 -20.72 -11.92
N ILE C 119 43.93 -21.18 -10.69
CA ILE C 119 44.10 -20.29 -9.53
C ILE C 119 45.31 -19.36 -9.70
N ASN C 120 46.44 -19.92 -10.12
CA ASN C 120 47.66 -19.15 -10.29
C ASN C 120 47.48 -18.05 -11.31
N GLN C 121 46.75 -18.36 -12.37
CA GLN C 121 46.60 -17.44 -13.49
C GLN C 121 45.64 -16.31 -13.16
N GLY C 122 44.65 -16.61 -12.33
CA GLY C 122 43.64 -15.63 -12.00
C GLY C 122 43.88 -14.93 -10.68
N LEU C 123 44.49 -15.62 -9.73
CA LEU C 123 44.62 -15.14 -8.36
C LEU C 123 46.06 -14.94 -7.90
N PHE C 124 47.01 -15.35 -8.74
CA PHE C 124 48.43 -15.05 -8.54
C PHE C 124 48.97 -15.53 -7.19
N LEU C 125 48.53 -16.70 -6.74
CA LEU C 125 48.88 -17.23 -5.41
C LEU C 125 50.20 -18.00 -5.36
N GLY C 126 50.83 -18.21 -6.50
CA GLY C 126 52.12 -18.88 -6.55
C GLY C 126 52.08 -20.34 -6.11
N LEU C 127 51.00 -21.06 -6.44
CA LEU C 127 50.86 -22.45 -6.03
C LEU C 127 51.78 -23.33 -6.84
N GLU C 128 52.61 -24.07 -6.13
CA GLU C 128 53.62 -24.91 -6.76
C GLU C 128 53.18 -26.36 -6.96
N ASP C 129 52.36 -26.87 -6.04
CA ASP C 129 51.92 -28.26 -6.13
C ASP C 129 50.71 -28.55 -5.26
N PHE C 130 50.23 -29.79 -5.36
CA PHE C 130 49.08 -30.29 -4.63
C PHE C 130 49.48 -31.57 -3.90
N GLU C 131 49.09 -31.68 -2.64
CA GLU C 131 49.28 -32.90 -1.85
C GLU C 131 47.91 -33.33 -1.37
N CYS C 132 47.64 -34.63 -1.39
CA CYS C 132 46.35 -35.10 -0.92
C CYS C 132 46.41 -36.48 -0.32
N HIS C 133 45.35 -36.87 0.35
CA HIS C 133 45.28 -38.15 1.01
C HIS C 133 43.85 -38.53 1.30
N PHE C 134 43.62 -39.83 1.36
CA PHE C 134 42.31 -40.37 1.69
C PHE C 134 42.05 -40.25 3.17
N ALA C 135 40.79 -39.97 3.51
CA ALA C 135 40.37 -39.93 4.90
C ALA C 135 39.12 -40.78 5.04
N LEU C 136 39.08 -41.59 6.09
CA LEU C 136 37.94 -42.43 6.38
C LEU C 136 37.58 -42.26 7.85
N TYR C 137 36.43 -41.62 8.10
CA TYR C 137 35.98 -41.41 9.47
C TYR C 137 35.07 -42.57 9.83
N PRO C 138 35.44 -43.33 10.87
CA PRO C 138 34.48 -44.31 11.39
C PRO C 138 33.26 -43.59 11.98
N PRO C 139 32.15 -44.31 12.16
CA PRO C 139 31.00 -43.68 12.82
C PRO C 139 31.42 -43.06 14.16
N GLY C 140 31.08 -41.80 14.36
CA GLY C 140 31.33 -41.13 15.61
C GLY C 140 32.59 -40.29 15.64
N ALA C 141 33.50 -40.54 14.70
CA ALA C 141 34.69 -39.71 14.59
C ALA C 141 34.30 -38.32 14.11
N PHE C 142 35.15 -37.34 14.41
CA PHE C 142 34.88 -35.98 14.01
C PHE C 142 36.18 -35.19 13.98
N TYR C 143 36.10 -33.97 13.47
CA TYR C 143 37.28 -33.12 13.43
C TYR C 143 36.87 -31.76 13.97
N ARG C 144 37.33 -31.44 15.19
CA ARG C 144 36.98 -30.17 15.82
C ARG C 144 37.33 -28.99 14.92
N ARG C 145 36.67 -27.88 15.17
CA ARG C 145 36.87 -26.65 14.44
C ARG C 145 38.34 -26.24 14.35
N HIS C 146 38.82 -25.99 13.13
CA HIS C 146 40.21 -25.58 12.95
C HIS C 146 40.43 -24.79 11.67
N LEU C 147 41.65 -24.28 11.54
CA LEU C 147 42.16 -23.68 10.32
C LEU C 147 43.23 -24.61 9.78
N ASP C 148 43.26 -24.80 8.47
CA ASP C 148 44.23 -25.68 7.86
C ASP C 148 45.62 -25.04 7.87
N ARG C 149 45.70 -23.76 7.53
CA ARG C 149 46.94 -23.01 7.62
C ARG C 149 47.00 -22.30 8.97
N PHE C 150 47.57 -22.96 9.98
CA PHE C 150 47.64 -22.35 11.31
C PHE C 150 48.82 -21.38 11.42
N ARG C 151 50.03 -21.93 11.43
CA ARG C 151 51.25 -21.11 11.44
C ARG C 151 51.40 -20.26 10.18
N ASP C 152 52.40 -19.39 10.17
CA ASP C 152 52.68 -18.55 9.01
C ASP C 152 53.79 -19.17 8.17
N ASP C 153 54.49 -20.14 8.77
CA ASP C 153 55.44 -20.96 8.04
C ASP C 153 54.71 -22.02 7.21
N ASP C 154 53.39 -22.11 7.39
CA ASP C 154 52.61 -23.11 6.69
C ASP C 154 52.43 -22.69 5.23
N ARG C 155 52.79 -23.56 4.31
CA ARG C 155 52.80 -23.22 2.90
C ARG C 155 51.42 -23.44 2.24
N ARG C 156 50.51 -24.09 2.95
CA ARG C 156 49.19 -24.44 2.41
C ARG C 156 48.31 -23.20 2.25
N MET C 157 47.92 -22.93 1.01
CA MET C 157 47.19 -21.71 0.65
C MET C 157 45.72 -21.97 0.33
N VAL C 158 45.44 -23.10 -0.31
CA VAL C 158 44.09 -23.43 -0.72
C VAL C 158 43.82 -24.91 -0.40
N SER C 159 42.68 -25.17 0.24
CA SER C 159 42.27 -26.50 0.65
C SER C 159 41.23 -26.99 -0.35
N ALA C 160 41.22 -28.28 -0.63
CA ALA C 160 40.23 -28.86 -1.53
C ALA C 160 39.86 -30.25 -0.98
N VAL C 161 38.57 -30.50 -0.82
CA VAL C 161 38.08 -31.81 -0.37
C VAL C 161 37.02 -32.36 -1.34
N LEU C 162 37.19 -33.61 -1.74
CA LEU C 162 36.23 -34.29 -2.61
C LEU C 162 35.54 -35.37 -1.83
N TYR C 163 34.23 -35.34 -1.76
CA TYR C 163 33.54 -36.36 -1.01
C TYR C 163 33.22 -37.57 -1.90
N LEU C 164 33.07 -38.73 -1.27
CA LEU C 164 32.95 -40.00 -2.01
C LEU C 164 31.76 -40.87 -1.62
N ASN C 165 30.83 -40.32 -0.85
CA ASN C 165 29.78 -41.12 -0.22
C ASN C 165 28.48 -41.09 -0.98
N GLU C 166 27.97 -42.26 -1.31
CA GLU C 166 26.69 -42.39 -2.02
C GLU C 166 25.53 -42.64 -1.04
N GLY C 167 24.35 -42.18 -1.41
CA GLY C 167 23.16 -42.37 -0.61
C GLY C 167 23.19 -41.74 0.76
N TRP C 168 23.80 -40.56 0.87
CA TRP C 168 23.87 -39.82 2.13
C TRP C 168 22.55 -39.15 2.45
N GLN C 169 22.16 -39.21 3.72
CA GLN C 169 20.87 -38.66 4.15
C GLN C 169 21.08 -37.67 5.28
N PRO C 170 20.13 -36.74 5.44
CA PRO C 170 20.26 -35.73 6.50
C PRO C 170 20.35 -36.34 7.91
N HIS C 171 19.88 -37.58 8.12
CA HIS C 171 20.06 -38.21 9.43
C HIS C 171 21.46 -38.79 9.65
N ASP C 172 22.30 -38.78 8.62
CA ASP C 172 23.65 -39.34 8.74
C ASP C 172 24.66 -38.38 9.36
N GLY C 173 24.38 -37.08 9.37
CA GLY C 173 25.31 -36.11 9.92
C GLY C 173 26.54 -36.00 9.05
N GLY C 174 27.73 -35.81 9.66
CA GLY C 174 28.97 -35.87 8.89
C GLY C 174 29.25 -34.67 8.00
N GLN C 175 28.52 -33.59 8.22
CA GLN C 175 28.70 -32.41 7.40
C GLN C 175 30.04 -31.71 7.67
N LEU C 176 30.59 -31.10 6.63
CA LEU C 176 31.62 -30.10 6.81
C LEU C 176 30.92 -28.79 7.15
N ARG C 177 31.30 -28.19 8.27
CA ARG C 177 30.76 -26.89 8.64
C ARG C 177 31.84 -25.83 8.43
N MET C 178 31.51 -24.86 7.59
CA MET C 178 32.40 -23.75 7.30
C MET C 178 31.87 -22.53 8.01
N PHE C 179 32.77 -21.82 8.67
CA PHE C 179 32.45 -20.60 9.40
C PHE C 179 32.87 -19.42 8.52
N LEU C 180 31.87 -18.72 8.03
CA LEU C 180 32.08 -17.62 7.11
C LEU C 180 32.02 -16.34 7.93
N ALA C 181 32.01 -15.18 7.28
CA ALA C 181 31.99 -13.90 7.98
C ALA C 181 30.60 -13.57 8.57
N ASP C 182 30.59 -12.71 9.59
CA ASP C 182 29.35 -12.27 10.26
C ASP C 182 28.57 -13.39 10.94
N GLY C 183 29.30 -14.39 11.42
CA GLY C 183 28.70 -15.51 12.13
C GLY C 183 27.88 -16.43 11.24
N VAL C 184 28.01 -16.27 9.93
CA VAL C 184 27.28 -17.11 8.99
C VAL C 184 28.03 -18.44 8.96
N GLU C 185 27.27 -19.53 8.88
CA GLU C 185 27.87 -20.85 8.73
C GLU C 185 27.27 -21.47 7.50
N HIS C 186 28.00 -22.43 6.94
CA HIS C 186 27.46 -23.18 5.83
C HIS C 186 27.82 -24.65 6.03
N ASP C 187 26.81 -25.50 6.03
CA ASP C 187 27.03 -26.95 6.09
C ASP C 187 27.06 -27.55 4.69
N VAL C 188 27.99 -28.48 4.49
CA VAL C 188 28.07 -29.26 3.27
C VAL C 188 27.92 -30.73 3.61
N GLU C 189 26.90 -31.40 3.08
CA GLU C 189 26.79 -32.85 3.24
C GLU C 189 27.88 -33.56 2.41
N PRO C 190 28.48 -34.62 2.94
CA PRO C 190 29.62 -35.25 2.27
C PRO C 190 29.23 -36.15 1.10
N VAL C 191 28.53 -35.57 0.13
CA VAL C 191 27.91 -36.29 -0.96
C VAL C 191 28.88 -36.63 -2.08
N ALA C 192 28.82 -37.88 -2.56
CA ALA C 192 29.76 -38.33 -3.61
C ALA C 192 29.87 -37.30 -4.72
N GLY C 193 31.09 -36.95 -5.10
CA GLY C 193 31.32 -36.06 -6.21
C GLY C 193 31.39 -34.60 -5.86
N CYS C 194 31.02 -34.24 -4.64
CA CYS C 194 31.01 -32.84 -4.25
C CYS C 194 32.43 -32.37 -3.92
N LEU C 195 32.85 -31.30 -4.57
CA LEU C 195 34.17 -30.70 -4.30
C LEU C 195 33.97 -29.37 -3.58
N VAL C 196 34.67 -29.22 -2.45
CA VAL C 196 34.73 -27.97 -1.72
C VAL C 196 36.16 -27.46 -1.74
N VAL C 197 36.33 -26.19 -2.08
CA VAL C 197 37.63 -25.57 -2.20
C VAL C 197 37.57 -24.30 -1.34
N PHE C 198 38.61 -24.01 -0.57
CA PHE C 198 38.61 -22.77 0.23
C PHE C 198 40.01 -22.27 0.60
N LEU C 199 40.08 -20.98 0.90
CA LEU C 199 41.32 -20.39 1.31
C LEU C 199 41.68 -20.92 2.69
N SER C 200 42.83 -21.58 2.77
CA SER C 200 43.26 -22.33 3.95
C SER C 200 43.47 -21.44 5.19
N GLY C 201 43.89 -20.20 4.98
CA GLY C 201 44.18 -19.30 6.10
C GLY C 201 42.96 -18.50 6.49
N GLU C 202 41.88 -18.59 5.71
CA GLU C 202 40.72 -17.72 5.90
C GLU C 202 39.44 -18.40 6.42
N VAL C 203 39.23 -19.68 6.12
CA VAL C 203 37.96 -20.32 6.42
C VAL C 203 38.10 -21.41 7.49
N PRO C 204 37.69 -21.10 8.72
CA PRO C 204 37.66 -22.18 9.72
C PRO C 204 36.50 -23.14 9.45
N HIS C 205 36.67 -24.38 9.88
CA HIS C 205 35.72 -25.42 9.54
C HIS C 205 35.89 -26.63 10.45
N GLU C 206 34.85 -27.45 10.55
CA GLU C 206 34.89 -28.67 11.34
C GLU C 206 34.11 -29.74 10.62
N VAL C 207 34.31 -30.99 11.04
CA VAL C 207 33.55 -32.14 10.56
C VAL C 207 32.72 -32.65 11.71
N LEU C 208 31.42 -32.71 11.50
CA LEU C 208 30.51 -33.17 12.52
C LEU C 208 30.49 -34.69 12.47
N PRO C 209 30.21 -35.33 13.62
CA PRO C 209 30.23 -36.80 13.57
C PRO C 209 29.13 -37.35 12.68
N ALA C 210 29.39 -38.52 12.09
CA ALA C 210 28.44 -39.21 11.23
C ALA C 210 28.07 -40.55 11.83
N GLY C 211 26.88 -41.04 11.48
CA GLY C 211 26.42 -42.34 11.93
C GLY C 211 26.76 -43.45 10.96
N ARG C 212 27.49 -43.11 9.90
CA ARG C 212 28.02 -44.13 8.99
C ARG C 212 29.43 -43.72 8.58
N GLU C 213 30.21 -44.66 8.06
CA GLU C 213 31.57 -44.33 7.63
C GLU C 213 31.52 -43.22 6.59
N ARG C 214 32.50 -42.33 6.68
CA ARG C 214 32.54 -41.13 5.86
C ARG C 214 33.88 -41.03 5.14
N LEU C 215 33.82 -41.14 3.82
CA LEU C 215 35.01 -41.19 2.99
C LEU C 215 35.18 -39.86 2.28
N SER C 216 36.43 -39.48 2.07
CA SER C 216 36.75 -38.26 1.37
C SER C 216 38.20 -38.28 0.91
N LEU C 217 38.52 -37.32 0.08
CA LEU C 217 39.86 -37.17 -0.42
C LEU C 217 40.25 -35.71 -0.21
N THR C 218 41.13 -35.49 0.75
CA THR C 218 41.42 -34.14 1.24
C THR C 218 42.84 -33.75 0.89
N GLY C 219 43.00 -32.50 0.46
CA GLY C 219 44.28 -32.03 -0.05
C GLY C 219 44.48 -30.54 0.08
N TRP C 220 45.68 -30.09 -0.28
CA TRP C 220 46.10 -28.69 -0.16
C TRP C 220 47.05 -28.31 -1.29
N PHE C 221 46.78 -27.17 -1.92
CA PHE C 221 47.75 -26.55 -2.79
C PHE C 221 48.71 -25.72 -1.93
N ARG C 222 50.01 -25.82 -2.26
CA ARG C 222 51.07 -25.19 -1.46
C ARG C 222 51.86 -24.17 -2.25
N ARG C 223 52.10 -23.00 -1.64
CA ARG C 223 52.84 -21.92 -2.28
C ARG C 223 54.35 -22.11 -2.10
N ARG C 224 55.12 -21.28 -2.82
CA ARG C 224 56.58 -21.30 -2.73
C ARG C 224 57.05 -20.84 -1.37
N ALA D 22 -6.01 -13.88 -36.53
CA ALA D 22 -5.26 -13.53 -37.77
C ALA D 22 -6.12 -13.77 -39.00
N SER D 23 -7.01 -12.83 -39.31
CA SER D 23 -7.89 -12.95 -40.47
C SER D 23 -7.84 -11.75 -41.43
N HIS D 24 -8.26 -12.00 -42.66
CA HIS D 24 -8.39 -10.97 -43.70
C HIS D 24 -9.81 -10.42 -43.73
N ILE D 25 -10.64 -10.87 -42.80
CA ILE D 25 -12.05 -10.52 -42.84
C ILE D 25 -12.32 -9.32 -41.96
N SER D 26 -12.75 -8.24 -42.60
CA SER D 26 -13.27 -7.09 -41.90
C SER D 26 -14.79 -7.18 -42.00
N PRO D 27 -15.46 -7.40 -40.87
CA PRO D 27 -16.91 -7.59 -40.87
C PRO D 27 -17.66 -6.31 -41.20
N GLU D 28 -18.88 -6.45 -41.71
CA GLU D 28 -19.73 -5.31 -42.04
C GLU D 28 -20.22 -4.62 -40.76
N HIS D 29 -20.11 -3.30 -40.70
CA HIS D 29 -20.58 -2.51 -39.56
C HIS D 29 -21.16 -1.18 -40.06
N PRO D 30 -21.98 -0.50 -39.23
CA PRO D 30 -22.48 0.80 -39.67
C PRO D 30 -21.38 1.85 -39.64
N MET D 31 -21.66 3.04 -40.16
CA MET D 31 -20.61 4.02 -40.39
C MET D 31 -20.10 4.60 -39.08
N LEU D 32 -18.79 4.67 -38.94
CA LEU D 32 -18.18 4.94 -37.64
C LEU D 32 -18.17 6.43 -37.32
N ALA D 33 -18.35 7.26 -38.35
CA ALA D 33 -18.37 8.69 -38.17
C ALA D 33 -19.48 9.06 -37.20
N ALA D 34 -20.60 8.33 -37.24
CA ALA D 34 -21.70 8.57 -36.30
C ALA D 34 -21.24 8.31 -34.87
N VAL D 35 -20.47 7.26 -34.67
CA VAL D 35 -19.99 6.92 -33.34
C VAL D 35 -19.09 8.06 -32.82
N VAL D 36 -18.13 8.50 -33.65
CA VAL D 36 -17.17 9.53 -33.24
C VAL D 36 -17.87 10.86 -32.96
N ASP D 37 -18.82 11.25 -33.82
CA ASP D 37 -19.57 12.49 -33.63
C ASP D 37 -20.35 12.43 -32.32
N ASP D 38 -21.00 11.29 -32.07
CA ASP D 38 -21.73 11.07 -30.83
C ASP D 38 -20.81 11.25 -29.61
N LEU D 39 -19.60 10.71 -29.69
CA LEU D 39 -18.66 10.79 -28.57
C LEU D 39 -18.32 12.23 -28.29
N ALA D 40 -18.01 12.96 -29.37
CA ALA D 40 -17.69 14.37 -29.28
C ALA D 40 -18.83 15.21 -28.74
N THR D 41 -20.04 14.98 -29.24
CA THR D 41 -21.16 15.86 -28.91
C THR D 41 -21.86 15.50 -27.59
N HIS D 42 -21.90 14.22 -27.24
CA HIS D 42 -22.68 13.74 -26.10
C HIS D 42 -21.85 13.00 -25.05
N GLY D 43 -20.64 12.55 -25.41
CA GLY D 43 -19.87 11.70 -24.51
C GLY D 43 -20.17 10.22 -24.59
N TRP D 44 -21.17 9.86 -25.38
CA TRP D 44 -21.51 8.45 -25.56
C TRP D 44 -22.28 8.23 -26.86
N SER D 45 -22.37 6.97 -27.25
CA SER D 45 -23.03 6.54 -28.47
C SER D 45 -23.58 5.12 -28.30
N GLN D 46 -24.72 4.87 -28.92
CA GLN D 46 -25.34 3.56 -28.87
C GLN D 46 -25.73 3.15 -30.28
N GLN D 47 -25.23 2.00 -30.73
CA GLN D 47 -25.43 1.55 -32.09
C GLN D 47 -26.11 0.18 -32.05
N ALA D 48 -27.29 0.09 -32.63
CA ALA D 48 -27.93 -1.20 -32.79
C ALA D 48 -27.30 -1.94 -33.97
N HIS D 49 -27.33 -3.26 -33.93
CA HIS D 49 -26.87 -4.07 -35.05
C HIS D 49 -25.51 -3.63 -35.59
N PHE D 50 -24.59 -3.44 -34.66
CA PHE D 50 -23.25 -3.02 -35.02
C PHE D 50 -22.49 -4.05 -35.85
N LEU D 51 -22.75 -5.33 -35.59
CA LEU D 51 -22.16 -6.42 -36.38
C LEU D 51 -23.27 -7.31 -36.87
N PRO D 52 -23.01 -8.07 -37.94
CA PRO D 52 -23.98 -9.04 -38.46
C PRO D 52 -24.37 -10.14 -37.45
N ALA D 53 -25.61 -10.59 -37.50
CA ALA D 53 -26.16 -11.52 -36.53
C ALA D 53 -25.38 -12.83 -36.41
N ASP D 54 -24.83 -13.31 -37.52
CA ASP D 54 -24.05 -14.55 -37.52
C ASP D 54 -22.77 -14.34 -36.71
N LEU D 55 -22.06 -13.25 -36.97
CA LEU D 55 -20.85 -12.95 -36.21
C LEU D 55 -21.18 -12.78 -34.73
N VAL D 56 -22.25 -12.05 -34.43
CA VAL D 56 -22.69 -11.86 -33.05
C VAL D 56 -22.98 -13.18 -32.36
N ARG D 57 -23.72 -14.09 -33.02
CA ARG D 57 -23.94 -15.41 -32.44
C ARG D 57 -22.64 -16.16 -32.19
N ALA D 58 -21.72 -16.10 -33.15
CA ALA D 58 -20.41 -16.74 -32.99
C ALA D 58 -19.63 -16.16 -31.81
N LEU D 59 -19.74 -14.85 -31.59
CA LEU D 59 -19.11 -14.22 -30.43
C LEU D 59 -19.78 -14.72 -29.15
N ALA D 60 -21.10 -14.79 -29.17
CA ALA D 60 -21.85 -15.34 -28.04
C ALA D 60 -21.44 -16.79 -27.79
N ALA D 61 -21.07 -17.51 -28.83
CA ALA D 61 -20.61 -18.88 -28.63
C ALA D 61 -19.25 -18.82 -27.94
N GLU D 62 -18.36 -18.00 -28.46
CA GLU D 62 -17.02 -17.89 -27.85
C GLU D 62 -17.09 -17.36 -26.41
N CYS D 63 -18.05 -16.49 -26.11
CA CYS D 63 -18.25 -16.02 -24.74
C CYS D 63 -18.53 -17.20 -23.84
N ARG D 64 -19.37 -18.12 -24.32
CA ARG D 64 -19.75 -19.30 -23.54
C ARG D 64 -18.59 -20.26 -23.37
N ARG D 65 -17.82 -20.45 -24.44
CA ARG D 65 -16.66 -21.32 -24.40
C ARG D 65 -15.61 -20.85 -23.37
N ARG D 66 -15.35 -19.54 -23.30
CA ARG D 66 -14.42 -19.02 -22.30
C ARG D 66 -15.02 -19.09 -20.89
N ASP D 67 -16.35 -19.07 -20.81
CA ASP D 67 -17.07 -19.32 -19.56
C ASP D 67 -17.32 -18.06 -18.75
N ILE D 94 -8.20 -13.35 -16.11
CA ILE D 94 -8.94 -12.79 -17.24
C ILE D 94 -8.33 -13.22 -18.57
N GLN D 95 -9.16 -13.79 -19.44
CA GLN D 95 -8.69 -14.18 -20.76
C GLN D 95 -8.85 -13.01 -21.73
N TRP D 96 -7.88 -12.10 -21.72
CA TRP D 96 -7.89 -11.00 -22.68
C TRP D 96 -7.89 -11.55 -24.11
N ILE D 97 -8.59 -10.85 -25.01
CA ILE D 97 -8.73 -11.30 -26.40
C ILE D 97 -7.68 -10.67 -27.30
N ASP D 98 -7.00 -11.52 -28.04
CA ASP D 98 -5.93 -11.12 -28.95
C ASP D 98 -6.16 -11.78 -30.29
N PRO D 99 -5.61 -11.20 -31.36
CA PRO D 99 -5.71 -11.87 -32.65
C PRO D 99 -5.14 -13.31 -32.63
N GLY D 100 -5.79 -14.20 -33.38
CA GLY D 100 -5.31 -15.57 -33.50
C GLY D 100 -5.93 -16.54 -32.52
N GLN D 101 -6.92 -16.10 -31.74
CA GLN D 101 -7.57 -16.98 -30.76
C GLN D 101 -8.83 -17.59 -31.33
N ALA D 102 -9.58 -16.81 -32.11
CA ALA D 102 -10.77 -17.32 -32.77
C ALA D 102 -11.21 -16.36 -33.86
N GLU D 103 -11.80 -16.91 -34.91
CA GLU D 103 -12.25 -16.16 -36.07
C GLU D 103 -13.15 -14.97 -35.67
N ALA D 104 -14.19 -15.25 -34.90
CA ALA D 104 -15.16 -14.24 -34.54
C ALA D 104 -14.47 -13.09 -33.77
N CYS D 105 -13.54 -13.44 -32.89
CA CYS D 105 -12.78 -12.42 -32.17
C CYS D 105 -11.90 -11.60 -33.09
N ASP D 106 -11.26 -12.26 -34.07
CA ASP D 106 -10.42 -11.55 -35.02
C ASP D 106 -11.21 -10.49 -35.77
N GLN D 107 -12.45 -10.80 -36.13
CA GLN D 107 -13.25 -9.87 -36.88
C GLN D 107 -13.73 -8.75 -35.96
N TYR D 108 -14.00 -9.07 -34.70
CA TYR D 108 -14.40 -8.02 -33.75
C TYR D 108 -13.26 -7.03 -33.57
N LEU D 109 -12.05 -7.55 -33.40
CA LEU D 109 -10.88 -6.73 -33.18
C LEU D 109 -10.61 -5.87 -34.37
N ALA D 110 -10.85 -6.43 -35.56
CA ALA D 110 -10.64 -5.70 -36.80
C ALA D 110 -11.57 -4.49 -36.88
N ALA D 111 -12.82 -4.69 -36.51
CA ALA D 111 -13.80 -3.60 -36.49
C ALA D 111 -13.39 -2.55 -35.45
N MET D 112 -12.93 -2.98 -34.29
CA MET D 112 -12.63 -2.05 -33.22
C MET D 112 -11.35 -1.27 -33.53
N ASP D 113 -10.45 -1.85 -34.33
CA ASP D 113 -9.25 -1.16 -34.74
C ASP D 113 -9.61 -0.07 -35.72
N GLN D 114 -10.63 -0.30 -36.54
CA GLN D 114 -11.14 0.75 -37.40
C GLN D 114 -11.74 1.87 -36.56
N LEU D 115 -12.47 1.50 -35.52
CA LEU D 115 -13.03 2.50 -34.62
C LEU D 115 -11.89 3.27 -33.92
N ARG D 116 -10.86 2.57 -33.46
CA ARG D 116 -9.71 3.24 -32.86
C ARG D 116 -9.20 4.34 -33.77
N LEU D 117 -9.03 4.00 -35.04
CA LEU D 117 -8.43 4.88 -36.03
C LEU D 117 -9.35 6.06 -36.34
N ALA D 118 -10.65 5.78 -36.39
CA ALA D 118 -11.64 6.83 -36.62
C ALA D 118 -11.69 7.79 -35.43
N ILE D 119 -11.56 7.27 -34.22
CA ILE D 119 -11.53 8.14 -33.03
C ILE D 119 -10.29 9.01 -33.02
N ASN D 120 -9.14 8.41 -33.30
CA ASN D 120 -7.91 9.17 -33.30
C ASN D 120 -7.99 10.29 -34.31
N GLN D 121 -8.54 9.98 -35.48
CA GLN D 121 -8.59 10.93 -36.58
C GLN D 121 -9.58 12.05 -36.34
N GLY D 122 -10.71 11.74 -35.70
CA GLY D 122 -11.75 12.73 -35.46
C GLY D 122 -11.55 13.54 -34.19
N LEU D 123 -11.05 12.89 -33.14
CA LEU D 123 -10.96 13.49 -31.81
C LEU D 123 -9.53 13.66 -31.30
N PHE D 124 -8.55 13.12 -32.02
CA PHE D 124 -7.12 13.35 -31.73
C PHE D 124 -6.67 12.82 -30.38
N LEU D 125 -7.04 11.60 -30.04
CA LEU D 125 -6.80 11.11 -28.68
C LEU D 125 -5.56 10.24 -28.53
N GLY D 126 -4.89 9.94 -29.63
CA GLY D 126 -3.66 9.15 -29.54
C GLY D 126 -3.87 7.75 -28.96
N LEU D 127 -5.00 7.13 -29.27
CA LEU D 127 -5.29 5.79 -28.78
C LEU D 127 -4.32 4.79 -29.39
N GLU D 128 -3.66 4.02 -28.52
CA GLU D 128 -2.66 3.06 -28.94
C GLU D 128 -3.27 1.71 -29.25
N ASP D 129 -4.17 1.26 -28.38
CA ASP D 129 -4.71 -0.07 -28.53
C ASP D 129 -6.11 -0.21 -27.98
N PHE D 130 -6.64 -1.41 -28.15
CA PHE D 130 -7.95 -1.78 -27.65
C PHE D 130 -7.77 -3.10 -26.94
N GLU D 131 -8.21 -3.18 -25.69
CA GLU D 131 -8.14 -4.43 -24.96
C GLU D 131 -9.56 -4.78 -24.61
N CYS D 132 -9.89 -6.06 -24.68
CA CYS D 132 -11.24 -6.50 -24.35
C CYS D 132 -11.28 -7.93 -23.83
N HIS D 133 -12.38 -8.25 -23.18
CA HIS D 133 -12.60 -9.57 -22.67
C HIS D 133 -14.08 -9.84 -22.62
N PHE D 134 -14.44 -11.12 -22.62
CA PHE D 134 -15.83 -11.53 -22.49
C PHE D 134 -16.28 -11.42 -21.03
N ALA D 135 -17.57 -11.17 -20.84
CA ALA D 135 -18.11 -11.07 -19.50
C ALA D 135 -19.40 -11.85 -19.45
N LEU D 136 -19.51 -12.73 -18.46
CA LEU D 136 -20.70 -13.54 -18.27
C LEU D 136 -21.27 -13.26 -16.88
N TYR D 137 -22.46 -12.67 -16.83
CA TYR D 137 -23.10 -12.40 -15.55
C TYR D 137 -24.19 -13.43 -15.32
N PRO D 138 -24.01 -14.28 -14.30
CA PRO D 138 -25.05 -15.22 -13.89
C PRO D 138 -26.27 -14.47 -13.39
N PRO D 139 -27.42 -15.14 -13.29
CA PRO D 139 -28.60 -14.42 -12.78
C PRO D 139 -28.34 -13.91 -11.37
N GLY D 140 -28.74 -12.66 -11.13
CA GLY D 140 -28.58 -12.07 -9.81
C GLY D 140 -27.28 -11.31 -9.66
N ALA D 141 -26.34 -11.55 -10.56
CA ALA D 141 -25.06 -10.87 -10.50
C ALA D 141 -25.23 -9.43 -10.98
N PHE D 142 -24.47 -8.51 -10.40
CA PHE D 142 -24.56 -7.12 -10.79
C PHE D 142 -23.24 -6.39 -10.59
N TYR D 143 -23.19 -5.18 -11.13
CA TYR D 143 -22.01 -4.33 -11.04
C TYR D 143 -22.47 -2.97 -10.59
N ARG D 144 -22.04 -2.57 -9.40
CA ARG D 144 -22.45 -1.31 -8.81
C ARG D 144 -21.88 -0.09 -9.55
N ARG D 145 -22.48 1.05 -9.28
CA ARG D 145 -22.10 2.29 -9.94
C ARG D 145 -20.60 2.54 -9.89
N HIS D 146 -20.02 2.91 -11.03
CA HIS D 146 -18.61 3.16 -11.10
C HIS D 146 -18.23 3.99 -12.32
N LEU D 147 -17.02 4.56 -12.27
CA LEU D 147 -16.37 5.09 -13.47
C LEU D 147 -15.31 4.09 -13.92
N ASP D 148 -15.10 3.97 -15.23
CA ASP D 148 -14.11 3.04 -15.78
C ASP D 148 -12.70 3.57 -15.64
N ARG D 149 -12.54 4.89 -15.77
CA ARG D 149 -11.24 5.55 -15.67
C ARG D 149 -11.20 6.43 -14.44
N PHE D 150 -10.34 6.08 -13.48
CA PHE D 150 -10.14 6.90 -12.29
C PHE D 150 -9.55 8.26 -12.65
N ASP D 152 -6.85 10.51 -12.48
CA ASP D 152 -5.91 9.47 -12.09
C ASP D 152 -5.13 8.95 -13.31
N ASP D 153 -4.07 8.18 -13.09
CA ASP D 153 -3.18 7.76 -14.17
C ASP D 153 -3.70 6.57 -15.00
N ASP D 154 -4.99 6.59 -15.35
CA ASP D 154 -5.62 5.45 -16.01
C ASP D 154 -5.57 5.70 -17.52
N ARG D 155 -5.01 4.76 -18.27
CA ARG D 155 -4.86 4.90 -19.72
C ARG D 155 -6.18 4.68 -20.50
N ARG D 156 -7.18 4.19 -19.82
CA ARG D 156 -8.45 3.90 -20.47
C ARG D 156 -9.17 5.20 -20.79
N MET D 157 -9.36 5.48 -22.08
CA MET D 157 -9.96 6.73 -22.57
C MET D 157 -11.38 6.53 -23.07
N VAL D 158 -11.61 5.44 -23.80
CA VAL D 158 -12.92 5.17 -24.35
C VAL D 158 -13.33 3.72 -24.08
N SER D 159 -14.52 3.55 -23.53
CA SER D 159 -15.05 2.24 -23.20
C SER D 159 -15.99 1.80 -24.30
N ALA D 160 -16.02 0.51 -24.56
CA ALA D 160 -16.96 -0.05 -25.54
C ALA D 160 -17.42 -1.44 -25.10
N VAL D 161 -18.73 -1.66 -25.19
CA VAL D 161 -19.35 -2.91 -24.78
C VAL D 161 -20.30 -3.36 -25.88
N LEU D 162 -20.09 -4.58 -26.35
CA LEU D 162 -20.97 -5.19 -27.32
C LEU D 162 -21.81 -6.25 -26.61
N TYR D 163 -23.13 -6.19 -26.76
CA TYR D 163 -24.01 -7.16 -26.11
C TYR D 163 -24.31 -8.34 -27.05
N LEU D 164 -24.57 -9.51 -26.45
CA LEU D 164 -24.57 -10.77 -27.18
C LEU D 164 -25.83 -11.61 -26.97
N ASN D 165 -26.84 -11.06 -26.30
CA ASN D 165 -27.98 -11.88 -25.88
C ASN D 165 -29.18 -11.85 -26.83
N GLU D 166 -29.72 -13.03 -27.11
CA GLU D 166 -30.92 -13.17 -27.94
C GLU D 166 -32.20 -13.14 -27.10
N GLY D 167 -33.30 -12.70 -27.71
CA GLY D 167 -34.61 -12.73 -27.09
C GLY D 167 -34.70 -12.06 -25.72
N TRP D 168 -34.05 -10.91 -25.55
CA TRP D 168 -34.08 -10.20 -24.28
C TRP D 168 -35.40 -9.49 -24.04
N GLN D 169 -36.00 -9.75 -22.88
CA GLN D 169 -37.30 -9.17 -22.51
C GLN D 169 -37.11 -8.18 -21.36
N PRO D 170 -38.07 -7.23 -21.20
CA PRO D 170 -37.96 -6.21 -20.15
C PRO D 170 -37.91 -6.81 -18.74
N HIS D 171 -38.58 -7.94 -18.57
CA HIS D 171 -38.62 -8.63 -17.29
C HIS D 171 -37.30 -9.32 -16.97
N ASP D 172 -36.39 -9.36 -17.94
CA ASP D 172 -35.11 -10.03 -17.74
C ASP D 172 -34.10 -9.13 -17.02
N GLY D 173 -34.43 -7.84 -16.90
CA GLY D 173 -33.55 -6.85 -16.33
C GLY D 173 -32.20 -6.76 -17.05
N GLY D 174 -31.12 -6.68 -16.27
CA GLY D 174 -29.78 -6.73 -16.81
C GLY D 174 -29.29 -5.52 -17.59
N GLN D 175 -29.97 -4.40 -17.45
CA GLN D 175 -29.59 -3.25 -18.24
C GLN D 175 -28.26 -2.62 -17.77
N LEU D 176 -27.55 -2.04 -18.73
CA LEU D 176 -26.50 -1.08 -18.42
C LEU D 176 -27.19 0.27 -18.15
N ARG D 177 -27.02 0.80 -16.95
CA ARG D 177 -27.57 2.10 -16.63
C ARG D 177 -26.49 3.19 -16.69
N MET D 178 -26.66 4.17 -17.56
CA MET D 178 -25.67 5.23 -17.73
C MET D 178 -26.15 6.53 -17.11
N PHE D 179 -25.25 7.19 -16.39
CA PHE D 179 -25.57 8.44 -15.72
C PHE D 179 -24.99 9.59 -16.51
N LEU D 180 -25.87 10.35 -17.16
CA LEU D 180 -25.44 11.40 -18.08
C LEU D 180 -25.49 12.76 -17.38
N ALA D 181 -25.23 13.83 -18.11
CA ALA D 181 -25.25 15.18 -17.52
C ALA D 181 -26.63 15.55 -16.99
N ASP D 182 -26.65 16.32 -15.91
CA ASP D 182 -27.89 16.86 -15.36
C ASP D 182 -28.71 15.82 -14.62
N GLY D 183 -28.07 14.72 -14.26
CA GLY D 183 -28.75 13.68 -13.51
C GLY D 183 -29.71 12.88 -14.35
N VAL D 184 -29.59 13.00 -15.67
CA VAL D 184 -30.33 12.16 -16.60
C VAL D 184 -29.76 10.74 -16.57
N GLU D 185 -30.63 9.75 -16.68
CA GLU D 185 -30.20 8.36 -16.68
C GLU D 185 -30.69 7.69 -17.97
N HIS D 186 -29.85 6.86 -18.58
CA HIS D 186 -30.28 6.13 -19.77
C HIS D 186 -30.00 4.64 -19.57
N ASP D 187 -31.02 3.81 -19.77
CA ASP D 187 -30.87 2.36 -19.60
C ASP D 187 -30.69 1.72 -20.99
N VAL D 188 -29.78 0.77 -21.09
CA VAL D 188 -29.58 -0.01 -22.31
C VAL D 188 -29.83 -1.48 -22.05
N GLU D 189 -30.75 -2.09 -22.78
CA GLU D 189 -30.97 -3.52 -22.64
C GLU D 189 -29.84 -4.24 -23.37
N PRO D 190 -29.33 -5.34 -22.81
CA PRO D 190 -28.15 -6.00 -23.40
C PRO D 190 -28.52 -6.87 -24.60
N VAL D 191 -29.10 -6.22 -25.61
CA VAL D 191 -29.59 -6.89 -26.81
C VAL D 191 -28.44 -7.27 -27.75
N ALA D 192 -28.54 -8.46 -28.34
CA ALA D 192 -27.52 -8.94 -29.27
C ALA D 192 -27.24 -7.91 -30.34
N GLY D 193 -25.97 -7.58 -30.54
CA GLY D 193 -25.57 -6.69 -31.61
C GLY D 193 -25.44 -5.23 -31.21
N CYS D 194 -25.91 -4.89 -30.03
CA CYS D 194 -25.93 -3.51 -29.59
C CYS D 194 -24.55 -3.10 -29.07
N LEU D 195 -24.03 -2.00 -29.58
CA LEU D 195 -22.72 -1.52 -29.12
C LEU D 195 -22.90 -0.20 -28.41
N VAL D 196 -22.35 -0.11 -27.21
CA VAL D 196 -22.36 1.13 -26.49
C VAL D 196 -20.93 1.60 -26.30
N VAL D 197 -20.69 2.88 -26.61
CA VAL D 197 -19.34 3.46 -26.53
C VAL D 197 -19.46 4.71 -25.68
N PHE D 198 -18.52 4.93 -24.80
CA PHE D 198 -18.57 6.14 -23.97
C PHE D 198 -17.18 6.56 -23.43
N LEU D 199 -17.07 7.84 -23.08
CA LEU D 199 -15.85 8.37 -22.53
C LEU D 199 -15.65 7.86 -21.12
N SER D 200 -14.59 7.08 -20.93
CA SER D 200 -14.34 6.35 -19.68
C SER D 200 -14.22 7.24 -18.44
N GLY D 201 -13.72 8.46 -18.60
CA GLY D 201 -13.55 9.32 -17.44
C GLY D 201 -14.82 10.09 -17.10
N GLU D 202 -15.80 10.06 -17.99
CA GLU D 202 -16.94 10.96 -17.88
C GLU D 202 -18.29 10.32 -17.54
N VAL D 203 -18.53 9.07 -17.97
CA VAL D 203 -19.85 8.46 -17.81
C VAL D 203 -19.89 7.36 -16.75
N PRO D 204 -20.42 7.70 -15.56
CA PRO D 204 -20.61 6.62 -14.59
C PRO D 204 -21.70 5.68 -15.07
N HIS D 205 -21.65 4.43 -14.66
CA HIS D 205 -22.62 3.44 -15.11
C HIS D 205 -22.64 2.26 -14.15
N GLU D 206 -23.69 1.46 -14.26
CA GLU D 206 -23.82 0.25 -13.47
C GLU D 206 -24.58 -0.81 -14.26
N VAL D 207 -24.54 -2.03 -13.78
CA VAL D 207 -25.28 -3.13 -14.40
C VAL D 207 -26.23 -3.69 -13.36
N LEU D 208 -27.53 -3.66 -13.67
CA LEU D 208 -28.53 -4.19 -12.76
C LEU D 208 -28.57 -5.71 -12.93
N PRO D 209 -28.95 -6.43 -11.87
CA PRO D 209 -29.03 -7.90 -11.99
C PRO D 209 -30.04 -8.33 -13.05
N ALA D 210 -29.80 -9.49 -13.65
CA ALA D 210 -30.71 -10.06 -14.63
C ALA D 210 -31.23 -11.36 -14.10
N GLY D 211 -32.38 -11.78 -14.61
CA GLY D 211 -32.99 -13.03 -14.21
C GLY D 211 -32.52 -14.18 -15.06
N ARG D 212 -31.58 -13.92 -15.97
CA ARG D 212 -30.99 -14.95 -16.82
C ARG D 212 -29.52 -14.62 -17.07
N GLU D 213 -28.78 -15.55 -17.69
CA GLU D 213 -27.38 -15.30 -18.01
C GLU D 213 -27.24 -14.09 -18.92
N ARG D 214 -26.34 -13.18 -18.59
CA ARG D 214 -26.14 -11.98 -19.40
C ARG D 214 -24.72 -11.95 -19.98
N LEU D 215 -24.63 -12.01 -21.31
CA LEU D 215 -23.35 -12.10 -21.99
C LEU D 215 -22.95 -10.78 -22.67
N SER D 216 -21.69 -10.41 -22.56
CA SER D 216 -21.21 -9.21 -23.21
C SER D 216 -19.74 -9.33 -23.53
N LEU D 217 -19.24 -8.40 -24.34
CA LEU D 217 -17.85 -8.34 -24.71
C LEU D 217 -17.42 -6.90 -24.38
N THR D 218 -16.63 -6.76 -23.32
CA THR D 218 -16.32 -5.44 -22.79
C THR D 218 -14.87 -5.09 -23.01
N GLY D 219 -14.61 -3.81 -23.31
CA GLY D 219 -13.27 -3.36 -23.64
C GLY D 219 -13.02 -1.87 -23.50
N TRP D 220 -11.77 -1.46 -23.75
CA TRP D 220 -11.32 -0.08 -23.59
C TRP D 220 -10.24 0.25 -24.59
N PHE D 221 -10.35 1.43 -25.20
CA PHE D 221 -9.27 1.97 -26.01
C PHE D 221 -8.34 2.74 -25.05
N ARG D 222 -7.04 2.47 -25.17
CA ARG D 222 -6.08 3.02 -24.25
C ARG D 222 -5.05 3.93 -24.91
N ARG D 223 -4.58 4.92 -24.12
CA ARG D 223 -3.42 5.72 -24.46
C ARG D 223 -2.19 5.01 -23.91
N ARG D 224 -1.03 5.47 -24.34
CA ARG D 224 0.23 4.95 -23.83
C ARG D 224 0.33 5.20 -22.32
N GLY D 225 0.19 6.45 -21.89
CA GLY D 225 0.29 6.80 -20.48
C GLY D 225 1.72 7.19 -20.10
N ASN D 226 1.88 7.90 -18.98
CA ASN D 226 3.18 8.46 -18.61
C ASN D 226 4.04 7.58 -17.72
N ASP D 227 3.62 6.34 -17.49
CA ASP D 227 4.40 5.39 -16.69
C ASP D 227 5.06 4.37 -17.60
N PRO D 228 6.40 4.46 -17.76
CA PRO D 228 7.08 3.57 -18.70
C PRO D 228 7.29 2.15 -18.17
N PHE D 229 7.06 1.93 -16.88
CA PHE D 229 7.33 0.63 -16.27
C PHE D 229 6.09 -0.26 -16.28
N MET E 31 -48.95 6.03 14.03
CA MET E 31 -48.81 7.33 14.66
C MET E 31 -47.87 8.21 13.83
N LEU E 32 -46.66 7.72 13.61
CA LEU E 32 -45.67 8.43 12.80
C LEU E 32 -46.10 8.53 11.35
N ALA E 33 -46.76 7.50 10.85
CA ALA E 33 -47.31 7.52 9.50
C ALA E 33 -48.30 8.68 9.33
N ALA E 34 -49.24 8.77 10.28
CA ALA E 34 -50.27 9.82 10.24
C ALA E 34 -49.64 11.21 10.25
N VAL E 35 -48.60 11.41 11.05
CA VAL E 35 -47.93 12.71 11.14
C VAL E 35 -47.31 13.10 9.81
N VAL E 36 -46.51 12.21 9.24
CA VAL E 36 -45.85 12.49 7.98
C VAL E 36 -46.88 12.83 6.91
N ASP E 37 -47.95 12.04 6.86
CA ASP E 37 -49.03 12.27 5.91
C ASP E 37 -49.69 13.63 6.09
N ASP E 38 -50.07 13.94 7.32
CA ASP E 38 -50.69 15.23 7.63
C ASP E 38 -49.73 16.37 7.25
N LEU E 39 -48.45 16.18 7.50
CA LEU E 39 -47.45 17.18 7.17
C LEU E 39 -47.37 17.41 5.67
N ALA E 40 -47.43 16.32 4.92
CA ALA E 40 -47.42 16.40 3.46
C ALA E 40 -48.64 17.19 2.97
N THR E 41 -49.82 16.77 3.38
CA THR E 41 -51.07 17.31 2.82
C THR E 41 -51.49 18.67 3.40
N HIS E 42 -51.39 18.84 4.72
CA HIS E 42 -51.89 20.03 5.39
C HIS E 42 -50.79 20.92 5.95
N GLY E 43 -49.60 20.35 6.14
CA GLY E 43 -48.46 21.10 6.63
C GLY E 43 -48.38 21.10 8.15
N TRP E 44 -49.31 20.42 8.80
CA TRP E 44 -49.30 20.29 10.25
C TRP E 44 -50.04 19.04 10.69
N SER E 45 -49.87 18.67 11.95
CA SER E 45 -50.52 17.51 12.52
C SER E 45 -50.66 17.66 14.03
N GLN E 46 -51.71 17.03 14.55
CA GLN E 46 -51.99 16.99 15.98
C GLN E 46 -52.32 15.56 16.39
N GLN E 47 -51.61 15.07 17.41
CA GLN E 47 -51.78 13.70 17.87
C GLN E 47 -52.02 13.70 19.36
N ALA E 48 -53.18 13.22 19.78
CA ALA E 48 -53.43 13.04 21.20
C ALA E 48 -52.60 11.86 21.69
N HIS E 49 -52.18 11.93 22.95
CA HIS E 49 -51.50 10.80 23.60
C HIS E 49 -50.32 10.29 22.82
N PHE E 50 -49.50 11.20 22.30
CA PHE E 50 -48.33 10.82 21.52
C PHE E 50 -47.42 9.93 22.35
N LEU E 51 -47.28 10.25 23.63
CA LEU E 51 -46.50 9.44 24.57
C LEU E 51 -47.40 8.94 25.70
N PRO E 52 -47.12 7.74 26.20
CA PRO E 52 -47.87 7.18 27.32
C PRO E 52 -47.90 8.15 28.51
N ALA E 53 -49.01 8.11 29.25
CA ALA E 53 -49.29 9.10 30.29
C ALA E 53 -48.23 9.16 31.40
N ASP E 54 -47.48 8.08 31.60
CA ASP E 54 -46.50 7.99 32.68
C ASP E 54 -45.19 8.71 32.34
N LEU E 55 -44.83 8.75 31.07
CA LEU E 55 -43.63 9.45 30.65
C LEU E 55 -43.91 10.95 30.61
N VAL E 56 -45.13 11.31 30.23
CA VAL E 56 -45.56 12.71 30.22
C VAL E 56 -45.49 13.31 31.61
N ARG E 57 -45.95 12.56 32.62
CA ARG E 57 -45.89 13.03 34.00
C ARG E 57 -44.44 13.18 34.49
N ALA E 58 -43.55 12.33 34.01
CA ALA E 58 -42.15 12.41 34.42
C ALA E 58 -41.45 13.59 33.73
N LEU E 59 -41.87 13.91 32.52
CA LEU E 59 -41.36 15.11 31.83
C LEU E 59 -41.85 16.36 32.55
N ALA E 60 -43.13 16.39 32.91
CA ALA E 60 -43.70 17.52 33.64
C ALA E 60 -42.97 17.72 34.96
N ALA E 61 -42.72 16.61 35.67
CA ALA E 61 -42.01 16.66 36.96
C ALA E 61 -40.60 17.20 36.79
N GLU E 62 -39.93 16.78 35.73
CA GLU E 62 -38.57 17.25 35.44
C GLU E 62 -38.58 18.74 35.09
N CYS E 63 -39.63 19.17 34.39
CA CYS E 63 -39.77 20.57 34.04
C CYS E 63 -39.94 21.39 35.32
N ARG E 64 -40.73 20.89 36.25
CA ARG E 64 -41.00 21.63 37.48
C ARG E 64 -39.81 21.57 38.45
N ARG E 65 -39.09 20.46 38.45
CA ARG E 65 -37.88 20.36 39.26
C ARG E 65 -36.89 21.42 38.78
N ARG E 66 -36.77 21.57 37.46
CA ARG E 66 -35.86 22.56 36.89
C ARG E 66 -36.26 23.98 37.27
N ASP E 67 -37.54 24.27 37.18
CA ASP E 67 -38.03 25.60 37.50
C ASP E 67 -37.70 25.94 38.95
N ALA E 68 -37.87 24.95 39.82
CA ALA E 68 -37.58 25.11 41.24
C ALA E 68 -36.09 25.39 41.47
N GLU E 69 -35.23 24.65 40.76
CA GLU E 69 -33.79 24.79 40.93
C GLU E 69 -33.27 26.09 40.33
N GLY E 70 -34.13 26.83 39.64
CA GLY E 70 -33.76 28.12 39.09
C GLY E 70 -33.12 28.01 37.72
N GLU E 71 -33.40 26.91 37.02
CA GLU E 71 -32.79 26.61 35.73
C GLU E 71 -33.49 27.26 34.52
N LEU E 72 -34.77 27.56 34.64
CA LEU E 72 -35.53 28.11 33.53
C LEU E 72 -35.43 29.62 33.53
N ASN E 73 -34.87 30.18 32.46
CA ASN E 73 -34.70 31.62 32.32
C ASN E 73 -35.40 32.12 31.07
N PRO E 74 -35.76 33.42 31.04
CA PRO E 74 -36.38 34.02 29.85
C PRO E 74 -35.62 33.66 28.58
N ALA E 75 -36.33 33.52 27.48
CA ALA E 75 -35.70 33.23 26.20
C ALA E 75 -35.39 34.52 25.46
N GLU E 87 -39.28 40.41 27.06
CA GLU E 87 -39.78 40.80 25.75
C GLU E 87 -41.25 41.21 25.78
N THR E 88 -41.60 42.08 24.84
CA THR E 88 -42.99 42.32 24.53
C THR E 88 -43.48 41.22 23.57
N ILE E 89 -42.57 40.33 23.19
CA ILE E 89 -42.86 39.23 22.26
C ILE E 89 -43.22 37.91 22.98
N ARG E 90 -42.43 37.51 23.96
CA ARG E 90 -42.66 36.27 24.68
C ARG E 90 -42.34 36.35 26.18
N GLY E 91 -43.00 35.53 26.98
CA GLY E 91 -42.75 35.49 28.40
C GLY E 91 -42.54 34.08 28.95
N ASP E 92 -42.13 33.16 28.10
CA ASP E 92 -41.82 31.80 28.55
C ASP E 92 -40.46 31.75 29.24
N GLN E 93 -40.35 30.86 30.24
CA GLN E 93 -39.09 30.53 30.89
C GLN E 93 -38.63 29.18 30.35
N ILE E 94 -37.39 29.12 29.86
CA ILE E 94 -36.96 27.92 29.16
C ILE E 94 -35.60 27.42 29.63
N GLN E 95 -35.31 26.17 29.27
CA GLN E 95 -33.96 25.63 29.33
C GLN E 95 -33.86 24.51 28.31
N TRP E 96 -32.80 24.56 27.51
CA TRP E 96 -32.56 23.52 26.51
C TRP E 96 -32.32 22.17 27.15
N ILE E 97 -32.61 21.12 26.39
CA ILE E 97 -32.47 19.76 26.87
C ILE E 97 -31.34 19.06 26.12
N ASP E 98 -30.52 18.32 26.84
CA ASP E 98 -29.41 17.58 26.25
C ASP E 98 -29.54 16.10 26.64
N PRO E 99 -29.03 15.20 25.78
CA PRO E 99 -28.98 13.78 26.16
C PRO E 99 -28.30 13.61 27.51
N GLY E 100 -28.67 12.56 28.25
CA GLY E 100 -28.05 12.27 29.53
C GLY E 100 -28.30 13.32 30.61
N GLN E 101 -29.42 14.01 30.55
CA GLN E 101 -29.78 14.92 31.65
C GLN E 101 -30.79 14.27 32.58
N ALA E 102 -31.70 13.49 32.00
CA ALA E 102 -32.67 12.74 32.77
C ALA E 102 -33.25 11.65 31.88
N GLU E 103 -33.68 10.55 32.48
CA GLU E 103 -34.19 9.40 31.71
C GLU E 103 -35.44 9.70 30.86
N ALA E 104 -36.39 10.43 31.42
CA ALA E 104 -37.60 10.79 30.66
C ALA E 104 -37.21 11.54 29.38
N CYS E 105 -36.29 12.49 29.52
CA CYS E 105 -35.84 13.31 28.39
C CYS E 105 -35.15 12.48 27.31
N ASP E 106 -34.28 11.56 27.71
CA ASP E 106 -33.61 10.67 26.76
C ASP E 106 -34.64 9.91 25.91
N GLN E 107 -35.70 9.44 26.54
CA GLN E 107 -36.74 8.67 25.85
C GLN E 107 -37.48 9.50 24.82
N TYR E 108 -37.78 10.74 25.19
CA TYR E 108 -38.43 11.67 24.28
C TYR E 108 -37.55 11.89 23.05
N LEU E 109 -36.29 12.24 23.29
CA LEU E 109 -35.32 12.42 22.20
C LEU E 109 -35.29 11.18 21.33
N ALA E 110 -35.39 10.01 21.97
CA ALA E 110 -35.40 8.75 21.23
C ALA E 110 -36.65 8.69 20.36
N ALA E 111 -37.79 9.05 20.94
CA ALA E 111 -39.05 9.06 20.20
C ALA E 111 -39.03 10.06 19.04
N MET E 112 -38.49 11.26 19.27
CA MET E 112 -38.43 12.29 18.23
C MET E 112 -37.43 11.94 17.12
N ASP E 113 -36.40 11.17 17.45
CA ASP E 113 -35.44 10.75 16.44
C ASP E 113 -36.13 9.85 15.41
N GLN E 114 -37.01 8.97 15.88
CA GLN E 114 -37.73 8.08 14.98
C GLN E 114 -38.69 8.88 14.12
N LEU E 115 -39.31 9.90 14.69
CA LEU E 115 -40.12 10.81 13.90
C LEU E 115 -39.27 11.46 12.81
N ARG E 116 -38.06 11.88 13.17
CA ARG E 116 -37.17 12.51 12.19
C ARG E 116 -36.96 11.55 11.03
N LEU E 117 -36.80 10.28 11.34
CA LEU E 117 -36.54 9.27 10.31
C LEU E 117 -37.77 9.06 9.42
N ALA E 118 -38.96 9.09 10.02
CA ALA E 118 -40.19 8.89 9.27
C ALA E 118 -40.44 10.04 8.30
N ILE E 119 -40.23 11.26 8.79
CA ILE E 119 -40.39 12.46 7.97
C ILE E 119 -39.45 12.47 6.76
N ASN E 120 -38.19 12.10 6.99
CA ASN E 120 -37.22 12.06 5.92
C ASN E 120 -37.68 11.08 4.83
N GLN E 121 -38.34 10.01 5.26
CA GLN E 121 -38.81 8.95 4.36
C GLN E 121 -40.00 9.38 3.50
N GLY E 122 -40.91 10.17 4.06
CA GLY E 122 -42.10 10.58 3.34
C GLY E 122 -41.96 11.88 2.57
N LEU E 123 -41.14 12.81 3.08
CA LEU E 123 -41.05 14.16 2.51
C LEU E 123 -39.64 14.54 2.06
N PHE E 124 -38.65 13.73 2.39
CA PHE E 124 -37.28 13.97 1.93
C PHE E 124 -36.77 15.37 2.28
N LEU E 125 -36.88 15.76 3.54
CA LEU E 125 -36.48 17.11 3.95
C LEU E 125 -35.03 17.19 4.41
N GLY E 126 -34.37 16.04 4.51
CA GLY E 126 -32.97 16.02 4.90
C GLY E 126 -32.75 16.55 6.31
N LEU E 127 -33.60 16.12 7.24
CA LEU E 127 -33.47 16.56 8.61
C LEU E 127 -32.25 15.90 9.26
N GLU E 128 -31.31 16.73 9.69
CA GLU E 128 -30.08 16.27 10.33
C GLU E 128 -30.31 15.89 11.79
N ASP E 129 -30.88 16.80 12.60
CA ASP E 129 -31.09 16.49 14.01
C ASP E 129 -32.31 17.17 14.63
N PHE E 130 -32.45 17.05 15.95
CA PHE E 130 -33.54 17.63 16.71
C PHE E 130 -33.00 18.34 17.95
N GLU E 131 -33.55 19.53 18.23
CA GLU E 131 -33.19 20.32 19.40
C GLU E 131 -34.48 20.76 20.05
N CYS E 132 -34.54 20.72 21.37
CA CYS E 132 -35.74 21.11 22.09
C CYS E 132 -35.39 21.68 23.46
N HIS E 133 -36.32 22.46 23.99
CA HIS E 133 -36.19 23.07 25.33
C HIS E 133 -37.51 23.02 26.07
N PHE E 134 -37.42 22.93 27.39
CA PHE E 134 -38.59 23.05 28.24
C PHE E 134 -39.07 24.49 28.20
N ALA E 135 -40.38 24.66 28.31
CA ALA E 135 -40.98 25.97 28.35
C ALA E 135 -42.03 25.97 29.44
N LEU E 136 -41.96 26.97 30.29
CA LEU E 136 -42.96 27.19 31.31
C LEU E 136 -43.46 28.61 31.12
N TYR E 137 -44.77 28.74 30.93
CA TYR E 137 -45.41 30.04 30.86
C TYR E 137 -46.09 30.32 32.20
N PRO E 138 -45.59 31.32 32.94
CA PRO E 138 -46.31 31.71 34.15
C PRO E 138 -47.69 32.24 33.76
N PRO E 139 -48.66 32.21 34.69
CA PRO E 139 -49.98 32.81 34.43
C PRO E 139 -49.86 34.18 33.79
N GLY E 140 -50.59 34.44 32.72
CA GLY E 140 -50.55 35.73 32.06
C GLY E 140 -49.52 35.82 30.95
N ALA E 141 -48.50 34.95 30.97
CA ALA E 141 -47.48 34.96 29.94
C ALA E 141 -48.03 34.45 28.61
N PHE E 142 -47.49 34.97 27.51
CA PHE E 142 -47.95 34.62 26.18
C PHE E 142 -46.75 34.59 25.21
N TYR E 143 -47.04 34.31 23.96
CA TYR E 143 -46.05 34.35 22.88
C TYR E 143 -46.79 34.88 21.66
N ARG E 144 -46.42 36.09 21.23
CA ARG E 144 -47.11 36.75 20.14
C ARG E 144 -46.96 36.02 18.81
N ARG E 145 -47.89 36.27 17.89
CA ARG E 145 -47.87 35.66 16.57
C ARG E 145 -46.47 35.74 15.95
N HIS E 146 -45.99 34.61 15.48
CA HIS E 146 -44.66 34.53 14.90
C HIS E 146 -44.53 33.27 14.01
N LEU E 147 -43.52 33.29 13.14
CA LEU E 147 -43.07 32.12 12.40
C LEU E 147 -41.77 31.65 13.07
N ASP E 148 -41.58 30.33 13.15
CA ASP E 148 -40.35 29.79 13.72
C ASP E 148 -39.24 29.98 12.68
N ARG E 149 -39.01 31.24 12.32
CA ARG E 149 -38.04 31.61 11.30
C ARG E 149 -37.34 32.88 11.74
N PHE E 150 -36.06 32.77 12.05
CA PHE E 150 -35.30 33.87 12.63
C PHE E 150 -34.43 34.57 11.59
N ARG E 151 -34.20 33.91 10.46
CA ARG E 151 -33.44 34.51 9.36
C ARG E 151 -33.76 33.74 8.07
N ASP E 152 -33.19 34.19 6.95
CA ASP E 152 -33.44 33.53 5.67
C ASP E 152 -32.76 32.16 5.62
N ASP E 153 -31.67 32.02 6.35
CA ASP E 153 -30.88 30.79 6.37
C ASP E 153 -31.24 29.87 7.55
N ASP E 154 -32.37 30.14 8.20
CA ASP E 154 -32.81 29.32 9.33
C ASP E 154 -32.90 27.87 8.90
N ARG E 155 -32.22 27.01 9.64
CA ARG E 155 -32.21 25.59 9.32
C ARG E 155 -33.39 24.84 9.95
N ARG E 156 -34.25 25.56 10.67
CA ARG E 156 -35.40 24.92 11.32
C ARG E 156 -36.50 24.65 10.31
N MET E 157 -36.78 23.36 10.11
CA MET E 157 -37.69 22.91 9.05
C MET E 157 -39.03 22.47 9.58
N VAL E 158 -39.01 21.70 10.66
CA VAL E 158 -40.23 21.22 11.29
C VAL E 158 -40.25 21.55 12.78
N SER E 159 -41.37 22.10 13.24
CA SER E 159 -41.56 22.42 14.65
C SER E 159 -42.37 21.33 15.32
N ALA E 160 -42.09 21.08 16.60
CA ALA E 160 -42.80 20.07 17.37
C ALA E 160 -42.95 20.48 18.82
N VAL E 161 -44.20 20.53 19.30
CA VAL E 161 -44.45 20.87 20.69
C VAL E 161 -45.23 19.74 21.34
N LEU E 162 -44.76 19.32 22.51
CA LEU E 162 -45.45 18.32 23.30
C LEU E 162 -45.94 18.98 24.57
N TYR E 163 -47.24 18.91 24.85
CA TYR E 163 -47.78 19.52 26.07
C TYR E 163 -47.82 18.53 27.22
N LEU E 164 -47.68 19.07 28.43
CA LEU E 164 -47.44 18.27 29.60
C LEU E 164 -48.44 18.55 30.72
N ASN E 165 -49.57 19.16 30.43
CA ASN E 165 -50.46 19.67 31.47
C ASN E 165 -51.65 18.80 31.78
N GLU E 166 -51.78 18.42 33.03
CA GLU E 166 -52.89 17.60 33.49
C GLU E 166 -54.07 18.47 33.87
N GLY E 167 -55.27 17.95 33.63
CA GLY E 167 -56.50 18.58 34.06
C GLY E 167 -56.85 19.92 33.42
N TRP E 168 -56.44 20.13 32.18
CA TRP E 168 -56.64 21.41 31.53
C TRP E 168 -58.11 21.60 31.16
N GLN E 169 -58.62 22.82 31.31
CA GLN E 169 -60.01 23.15 30.98
C GLN E 169 -60.01 24.36 30.08
N PRO E 170 -61.04 24.48 29.20
CA PRO E 170 -61.05 25.64 28.32
C PRO E 170 -61.01 26.97 29.06
N HIS E 171 -61.43 26.98 30.32
CA HIS E 171 -61.45 28.18 31.14
C HIS E 171 -60.03 28.69 31.38
N ASP E 172 -59.07 27.80 31.19
CA ASP E 172 -57.68 28.10 31.51
C ASP E 172 -56.97 28.87 30.41
N GLY E 173 -57.57 28.95 29.23
CA GLY E 173 -56.92 29.57 28.09
C GLY E 173 -55.64 28.84 27.72
N GLY E 174 -54.65 29.58 27.24
CA GLY E 174 -53.34 29.01 27.00
C GLY E 174 -53.19 28.22 25.72
N GLN E 175 -54.13 28.35 24.80
CA GLN E 175 -54.09 27.55 23.59
C GLN E 175 -52.96 28.01 22.67
N LEU E 176 -52.41 27.08 21.93
CA LEU E 176 -51.65 27.40 20.75
C LEU E 176 -52.68 27.74 19.70
N ARG E 177 -52.51 28.87 19.03
CA ARG E 177 -53.36 29.20 17.91
C ARG E 177 -52.58 29.19 16.60
N MET E 178 -52.98 28.29 15.70
CA MET E 178 -52.33 28.10 14.41
C MET E 178 -53.10 28.78 13.28
N PHE E 179 -52.39 29.52 12.46
CA PHE E 179 -52.99 30.26 11.38
C PHE E 179 -52.72 29.53 10.09
N LEU E 180 -53.69 28.73 9.67
CA LEU E 180 -53.55 27.82 8.54
C LEU E 180 -53.93 28.50 7.23
N ALA E 181 -53.97 27.71 6.16
CA ALA E 181 -54.26 28.21 4.83
C ALA E 181 -55.67 28.77 4.75
N ASP E 182 -55.91 29.55 3.71
CA ASP E 182 -57.22 30.12 3.44
C ASP E 182 -57.77 30.91 4.62
N GLY E 183 -56.89 31.33 5.53
CA GLY E 183 -57.30 32.18 6.64
C GLY E 183 -58.02 31.45 7.77
N VAL E 184 -57.91 30.13 7.78
CA VAL E 184 -58.46 29.32 8.85
C VAL E 184 -57.56 29.42 10.08
N GLU E 185 -58.16 29.38 11.27
CA GLU E 185 -57.41 29.38 12.50
C GLU E 185 -57.75 28.12 13.25
N HIS E 186 -56.78 27.54 13.95
CA HIS E 186 -57.05 26.35 14.72
C HIS E 186 -56.36 26.39 16.07
N ASP E 187 -57.13 26.24 17.13
CA ASP E 187 -56.61 26.21 18.51
C ASP E 187 -56.33 24.79 19.01
N VAL E 188 -55.22 24.66 19.72
CA VAL E 188 -54.85 23.42 20.38
C VAL E 188 -54.69 23.69 21.86
N GLU E 189 -55.54 23.07 22.68
CA GLU E 189 -55.39 23.19 24.13
C GLU E 189 -54.14 22.38 24.54
N PRO E 190 -53.32 22.95 25.44
CA PRO E 190 -52.02 22.37 25.82
C PRO E 190 -52.17 21.17 26.75
N VAL E 191 -52.90 20.16 26.29
CA VAL E 191 -53.22 19.00 27.09
C VAL E 191 -52.08 17.99 27.11
N ALA E 192 -51.80 17.46 28.29
CA ALA E 192 -50.75 16.46 28.48
C ALA E 192 -50.80 15.34 27.44
N GLY E 193 -49.66 15.09 26.80
CA GLY E 193 -49.53 14.03 25.83
C GLY E 193 -49.79 14.48 24.40
N CYS E 194 -50.37 15.66 24.24
CA CYS E 194 -50.69 16.17 22.92
C CYS E 194 -49.43 16.58 22.17
N LEU E 195 -49.25 16.08 20.94
CA LEU E 195 -48.13 16.49 20.11
C LEU E 195 -48.63 17.30 18.92
N VAL E 196 -48.05 18.48 18.73
CA VAL E 196 -48.34 19.28 17.55
C VAL E 196 -47.05 19.43 16.75
N VAL E 197 -47.16 19.17 15.45
CA VAL E 197 -46.01 19.22 14.54
C VAL E 197 -46.43 20.00 13.30
N PHE E 198 -45.55 20.87 12.83
CA PHE E 198 -45.84 21.63 11.61
C PHE E 198 -44.56 22.10 10.90
N LEU E 199 -44.71 22.49 9.65
CA LEU E 199 -43.58 23.02 8.89
C LEU E 199 -43.28 24.45 9.34
N SER E 200 -42.08 24.62 9.89
CA SER E 200 -41.66 25.85 10.54
C SER E 200 -41.89 27.10 9.70
N GLY E 201 -41.60 27.02 8.41
CA GLY E 201 -41.68 28.20 7.57
C GLY E 201 -43.05 28.49 6.97
N GLU E 202 -44.06 27.70 7.34
CA GLU E 202 -45.36 27.79 6.66
C GLU E 202 -46.52 28.17 7.59
N VAL E 203 -46.39 27.93 8.89
CA VAL E 203 -47.51 28.11 9.81
C VAL E 203 -47.18 29.12 10.93
N PRO E 204 -47.66 30.37 10.79
CA PRO E 204 -47.55 31.33 11.88
C PRO E 204 -48.39 30.84 13.06
N HIS E 205 -47.99 31.20 14.27
CA HIS E 205 -48.71 30.72 15.44
C HIS E 205 -48.42 31.62 16.64
N GLU E 206 -49.29 31.52 17.64
CA GLU E 206 -49.16 32.33 18.86
C GLU E 206 -49.62 31.50 20.05
N VAL E 207 -49.12 31.83 21.23
CA VAL E 207 -49.60 31.22 22.45
C VAL E 207 -50.40 32.27 23.20
N LEU E 208 -51.71 32.04 23.36
CA LEU E 208 -52.55 32.90 24.21
C LEU E 208 -52.29 32.69 25.69
N PRO E 209 -52.47 33.75 26.49
CA PRO E 209 -52.23 33.62 27.94
C PRO E 209 -53.10 32.58 28.62
N ALA E 210 -52.51 31.98 29.66
CA ALA E 210 -53.21 31.06 30.54
C ALA E 210 -53.42 31.62 31.96
N GLY E 211 -54.46 31.12 32.63
CA GLY E 211 -54.73 31.48 34.02
C GLY E 211 -54.10 30.51 34.98
N ARG E 212 -53.25 29.62 34.48
CA ARG E 212 -52.45 28.73 35.32
C ARG E 212 -51.12 28.44 34.62
N GLU E 213 -50.23 27.77 35.33
CA GLU E 213 -48.92 27.45 34.81
C GLU E 213 -49.04 26.49 33.63
N ARG E 214 -48.36 26.80 32.53
CA ARG E 214 -48.46 26.02 31.32
C ARG E 214 -47.08 25.47 30.93
N LEU E 215 -46.94 24.16 30.93
CA LEU E 215 -45.68 23.49 30.65
C LEU E 215 -45.69 22.83 29.28
N SER E 216 -44.57 22.95 28.58
CA SER E 216 -44.40 22.31 27.29
C SER E 216 -42.95 21.99 26.96
N LEU E 217 -42.77 21.11 25.99
CA LEU E 217 -41.45 20.77 25.48
C LEU E 217 -41.47 21.17 24.00
N THR E 218 -40.77 22.26 23.69
CA THR E 218 -40.76 22.82 22.35
C THR E 218 -39.47 22.45 21.64
N GLY E 219 -39.55 22.09 20.35
CA GLY E 219 -38.37 21.70 19.61
C GLY E 219 -38.46 21.87 18.11
N TRP E 220 -37.31 21.68 17.43
CA TRP E 220 -37.23 21.83 15.99
C TRP E 220 -36.32 20.78 15.38
N PHE E 221 -36.74 20.25 14.22
CA PHE E 221 -35.87 19.41 13.41
C PHE E 221 -35.17 20.32 12.41
N ARG E 222 -33.85 20.17 12.29
CA ARG E 222 -33.06 21.02 11.39
C ARG E 222 -32.39 20.21 10.29
N ARG E 223 -32.20 20.85 9.15
CA ARG E 223 -31.43 20.27 8.06
C ARG E 223 -30.04 20.90 8.12
N ARG E 224 -29.04 20.23 7.55
CA ARG E 224 -27.71 20.83 7.48
C ARG E 224 -27.78 22.14 6.67
N GLY E 225 -26.90 23.08 7.01
CA GLY E 225 -26.85 24.37 6.33
C GLY E 225 -25.68 24.48 5.37
N PRO F 30 -57.77 -6.63 -31.45
CA PRO F 30 -56.83 -5.50 -31.36
C PRO F 30 -55.81 -5.66 -30.23
N MET F 31 -55.03 -4.61 -29.99
CA MET F 31 -53.98 -4.63 -28.97
C MET F 31 -54.59 -4.70 -27.56
N LEU F 32 -55.90 -4.55 -27.48
CA LEU F 32 -56.59 -4.61 -26.19
C LEU F 32 -56.49 -6.02 -25.62
N ALA F 33 -56.43 -7.01 -26.51
CA ALA F 33 -56.24 -8.39 -26.09
C ALA F 33 -54.84 -8.58 -25.53
N ALA F 34 -53.85 -7.93 -26.15
CA ALA F 34 -52.48 -7.96 -25.62
C ALA F 34 -52.42 -7.30 -24.23
N VAL F 35 -53.05 -6.14 -24.08
CA VAL F 35 -53.01 -5.45 -22.79
C VAL F 35 -53.52 -6.37 -21.68
N VAL F 36 -54.69 -6.95 -21.91
CA VAL F 36 -55.34 -7.79 -20.91
C VAL F 36 -54.49 -9.02 -20.58
N ASP F 37 -53.96 -9.69 -21.61
CA ASP F 37 -53.06 -10.82 -21.40
C ASP F 37 -51.83 -10.38 -20.60
N ASP F 38 -51.27 -9.22 -20.94
CA ASP F 38 -50.13 -8.69 -20.21
C ASP F 38 -50.49 -8.44 -18.75
N LEU F 39 -51.66 -7.82 -18.52
CA LEU F 39 -52.11 -7.55 -17.15
C LEU F 39 -52.22 -8.83 -16.33
N ALA F 40 -52.76 -9.88 -16.93
CA ALA F 40 -52.98 -11.12 -16.21
C ALA F 40 -51.66 -11.86 -15.89
N THR F 41 -50.68 -11.75 -16.79
CA THR F 41 -49.47 -12.54 -16.67
C THR F 41 -48.31 -11.73 -16.11
N HIS F 42 -48.28 -10.45 -16.43
CA HIS F 42 -47.19 -9.57 -16.02
C HIS F 42 -47.62 -8.51 -15.00
N GLY F 43 -48.85 -8.02 -15.13
CA GLY F 43 -49.35 -6.98 -14.24
C GLY F 43 -49.18 -5.58 -14.82
N TRP F 44 -48.49 -5.50 -15.96
CA TRP F 44 -48.30 -4.25 -16.68
C TRP F 44 -48.20 -4.55 -18.18
N SER F 45 -48.48 -3.54 -19.00
CA SER F 45 -48.39 -3.68 -20.45
C SER F 45 -47.94 -2.34 -21.04
N GLN F 46 -47.24 -2.41 -22.17
CA GLN F 46 -46.79 -1.20 -22.85
C GLN F 46 -47.03 -1.29 -24.36
N GLN F 47 -47.73 -0.30 -24.91
CA GLN F 47 -48.09 -0.30 -26.32
C GLN F 47 -47.66 0.97 -27.07
N ALA F 48 -46.76 0.81 -28.05
CA ALA F 48 -46.38 1.93 -28.91
C ALA F 48 -47.50 2.21 -29.92
N HIS F 49 -47.54 3.45 -30.40
CA HIS F 49 -48.52 3.88 -31.39
C HIS F 49 -49.93 3.30 -31.16
N PHE F 50 -50.47 3.60 -29.99
CA PHE F 50 -51.76 3.06 -29.55
C PHE F 50 -52.93 3.80 -30.20
N LEU F 51 -52.76 5.11 -30.38
CA LEU F 51 -53.77 5.94 -31.01
C LEU F 51 -53.16 6.62 -32.23
N PRO F 52 -54.01 6.99 -33.20
CA PRO F 52 -53.53 7.65 -34.42
C PRO F 52 -52.63 8.84 -34.12
N ALA F 53 -51.56 8.99 -34.90
CA ALA F 53 -50.61 10.07 -34.69
C ALA F 53 -51.32 11.41 -34.58
N ASP F 54 -52.35 11.62 -35.41
CA ASP F 54 -53.05 12.91 -35.46
C ASP F 54 -53.79 13.24 -34.18
N LEU F 55 -54.43 12.23 -33.59
CA LEU F 55 -55.13 12.38 -32.33
C LEU F 55 -54.16 12.70 -31.20
N VAL F 56 -53.02 12.01 -31.19
CA VAL F 56 -51.99 12.24 -30.17
C VAL F 56 -51.52 13.68 -30.20
N ARG F 57 -51.34 14.22 -31.42
CA ARG F 57 -50.94 15.62 -31.56
C ARG F 57 -52.06 16.56 -31.11
N ALA F 58 -53.30 16.22 -31.46
CA ALA F 58 -54.44 17.01 -31.03
C ALA F 58 -54.51 17.01 -29.50
N LEU F 59 -54.18 15.88 -28.88
CA LEU F 59 -54.19 15.80 -27.42
C LEU F 59 -53.07 16.69 -26.85
N ALA F 60 -51.90 16.63 -27.48
CA ALA F 60 -50.77 17.47 -27.12
C ALA F 60 -51.13 18.94 -27.21
N ALA F 61 -51.77 19.29 -28.33
CA ALA F 61 -52.16 20.66 -28.63
C ALA F 61 -53.19 21.18 -27.63
N GLU F 62 -54.10 20.31 -27.21
CA GLU F 62 -55.11 20.67 -26.22
C GLU F 62 -54.49 20.91 -24.83
N CYS F 63 -53.50 20.11 -24.45
CA CYS F 63 -52.87 20.24 -23.16
C CYS F 63 -52.08 21.55 -23.07
N ARG F 64 -51.49 21.95 -24.19
CA ARG F 64 -50.73 23.19 -24.26
C ARG F 64 -51.67 24.41 -24.31
N ARG F 65 -52.83 24.23 -24.93
CA ARG F 65 -53.84 25.30 -24.97
C ARG F 65 -54.40 25.55 -23.56
N ARG F 66 -54.67 24.47 -22.84
CA ARG F 66 -55.14 24.58 -21.47
C ARG F 66 -54.08 25.20 -20.56
N ASP F 67 -52.81 24.91 -20.86
CA ASP F 67 -51.70 25.49 -20.11
C ASP F 67 -51.59 27.00 -20.36
N ALA F 68 -51.72 27.41 -21.62
CA ALA F 68 -51.66 28.83 -21.98
C ALA F 68 -52.71 29.65 -21.24
N GLU F 69 -53.88 29.05 -21.02
CA GLU F 69 -55.04 29.76 -20.48
C GLU F 69 -55.11 29.69 -18.95
N GLY F 70 -54.04 29.21 -18.32
CA GLY F 70 -54.01 29.08 -16.87
C GLY F 70 -54.96 28.03 -16.32
N GLU F 71 -55.34 27.06 -17.15
CA GLU F 71 -56.30 26.02 -16.73
C GLU F 71 -55.66 24.83 -15.99
N LEU F 72 -54.37 24.61 -16.19
CA LEU F 72 -53.67 23.59 -15.42
C LEU F 72 -53.21 24.19 -14.09
N ASN F 73 -53.45 23.46 -13.00
CA ASN F 73 -53.00 23.89 -11.68
C ASN F 73 -52.05 22.86 -11.11
N PRO F 74 -51.17 23.28 -10.18
CA PRO F 74 -50.23 22.32 -9.62
C PRO F 74 -50.94 21.23 -8.82
N ALA F 75 -50.47 20.00 -8.98
CA ALA F 75 -51.03 18.86 -8.25
C ALA F 75 -50.52 18.84 -6.81
N GLY F 76 -51.45 18.68 -5.88
CA GLY F 76 -51.12 18.57 -4.48
C GLY F 76 -50.97 17.12 -4.10
N VAL F 77 -50.29 16.88 -2.98
CA VAL F 77 -50.14 15.54 -2.46
C VAL F 77 -51.34 15.17 -1.61
N THR F 82 -54.41 17.19 -5.30
CA THR F 82 -55.27 17.23 -4.11
C THR F 82 -54.57 17.81 -2.87
N GLN F 83 -55.00 18.98 -2.42
CA GLN F 83 -54.48 19.60 -1.20
C GLN F 83 -53.22 20.42 -1.46
N GLU F 84 -52.38 20.56 -0.43
CA GLU F 84 -51.17 21.38 -0.53
C GLU F 84 -50.09 20.74 -1.42
N VAL F 85 -49.27 21.58 -2.04
CA VAL F 85 -48.22 21.10 -2.92
C VAL F 85 -46.93 20.78 -2.18
N ARG F 86 -46.27 19.71 -2.60
CA ARG F 86 -44.96 19.34 -2.11
C ARG F 86 -44.12 18.95 -3.31
N GLU F 87 -43.35 19.89 -3.84
CA GLU F 87 -42.59 19.67 -5.05
C GLU F 87 -41.42 18.71 -4.82
N THR F 88 -41.20 18.33 -3.57
CA THR F 88 -40.23 17.29 -3.25
C THR F 88 -40.86 15.91 -3.48
N ILE F 89 -42.18 15.88 -3.72
CA ILE F 89 -42.90 14.65 -4.03
C ILE F 89 -43.31 14.64 -5.49
N ARG F 90 -44.03 15.68 -5.90
CA ARG F 90 -44.48 15.80 -7.29
C ARG F 90 -44.63 17.27 -7.69
N GLY F 91 -44.28 17.60 -8.92
CA GLY F 91 -44.34 18.96 -9.41
C GLY F 91 -45.06 19.09 -10.75
N ASP F 92 -45.92 18.14 -11.07
CA ASP F 92 -46.66 18.21 -12.33
C ASP F 92 -47.89 19.13 -12.22
N GLN F 93 -48.20 19.82 -13.31
CA GLN F 93 -49.39 20.66 -13.42
C GLN F 93 -50.47 19.88 -14.14
N ILE F 94 -51.66 19.85 -13.57
CA ILE F 94 -52.69 18.95 -14.08
C ILE F 94 -54.05 19.63 -14.28
N GLN F 95 -54.91 18.95 -15.03
CA GLN F 95 -56.34 19.29 -15.04
C GLN F 95 -57.16 18.07 -15.40
N TRP F 96 -58.18 17.79 -14.59
CA TRP F 96 -59.03 16.62 -14.82
C TRP F 96 -59.84 16.76 -16.09
N ILE F 97 -60.04 15.66 -16.78
CA ILE F 97 -60.78 15.66 -18.02
C ILE F 97 -62.15 15.11 -17.74
N ASP F 98 -63.16 15.78 -18.26
CA ASP F 98 -64.52 15.27 -18.16
C ASP F 98 -65.03 15.16 -19.58
N PRO F 99 -65.99 14.26 -19.81
CA PRO F 99 -66.60 14.13 -21.13
C PRO F 99 -67.13 15.47 -21.64
N GLY F 100 -67.01 15.70 -22.94
CA GLY F 100 -67.60 16.87 -23.58
C GLY F 100 -66.74 18.13 -23.55
N GLN F 101 -65.48 18.00 -23.14
CA GLN F 101 -64.60 19.18 -23.05
C GLN F 101 -64.00 19.57 -24.41
N ALA F 102 -63.52 18.57 -25.14
CA ALA F 102 -62.95 18.79 -26.46
C ALA F 102 -63.06 17.50 -27.28
N GLU F 103 -63.04 17.64 -28.60
CA GLU F 103 -63.17 16.49 -29.48
C GLU F 103 -62.06 15.45 -29.27
N ALA F 104 -60.81 15.90 -29.20
CA ALA F 104 -59.70 14.97 -29.07
C ALA F 104 -59.86 14.18 -27.76
N CYS F 105 -60.25 14.87 -26.69
CA CYS F 105 -60.40 14.20 -25.40
C CYS F 105 -61.51 13.17 -25.39
N ASP F 106 -62.57 13.41 -26.15
CA ASP F 106 -63.69 12.49 -26.17
C ASP F 106 -63.28 11.21 -26.88
N GLN F 107 -62.53 11.34 -27.97
CA GLN F 107 -62.04 10.17 -28.67
C GLN F 107 -61.17 9.33 -27.74
N TYR F 108 -60.36 10.01 -26.93
CA TYR F 108 -59.48 9.31 -26.01
C TYR F 108 -60.28 8.55 -24.95
N LEU F 109 -61.31 9.19 -24.41
CA LEU F 109 -62.14 8.54 -23.39
C LEU F 109 -62.88 7.33 -24.01
N ALA F 110 -63.24 7.43 -25.28
CA ALA F 110 -63.86 6.32 -26.01
C ALA F 110 -62.91 5.11 -26.14
N ALA F 111 -61.67 5.38 -26.50
CA ALA F 111 -60.69 4.31 -26.60
C ALA F 111 -60.52 3.65 -25.23
N MET F 112 -60.41 4.45 -24.17
CA MET F 112 -60.19 3.91 -22.83
C MET F 112 -61.42 3.15 -22.34
N ASP F 113 -62.60 3.57 -22.77
CA ASP F 113 -63.81 2.84 -22.40
C ASP F 113 -63.77 1.46 -23.05
N GLN F 114 -63.31 1.41 -24.29
CA GLN F 114 -63.09 0.14 -24.98
C GLN F 114 -62.15 -0.75 -24.17
N LEU F 115 -61.02 -0.18 -23.75
CA LEU F 115 -60.05 -0.89 -22.92
C LEU F 115 -60.71 -1.42 -21.66
N ARG F 116 -61.54 -0.58 -21.02
CA ARG F 116 -62.24 -0.94 -19.80
C ARG F 116 -63.12 -2.18 -20.01
N LEU F 117 -63.89 -2.20 -21.09
CA LEU F 117 -64.74 -3.34 -21.37
C LEU F 117 -63.88 -4.57 -21.64
N ALA F 118 -62.76 -4.40 -22.34
CA ALA F 118 -61.89 -5.53 -22.65
C ALA F 118 -61.27 -6.13 -21.40
N ILE F 119 -60.99 -5.28 -20.40
CA ILE F 119 -60.44 -5.74 -19.13
C ILE F 119 -61.50 -6.47 -18.31
N ASN F 120 -62.74 -5.99 -18.37
CA ASN F 120 -63.84 -6.66 -17.69
C ASN F 120 -64.19 -8.01 -18.33
N GLN F 121 -64.17 -8.04 -19.66
CA GLN F 121 -64.52 -9.25 -20.40
C GLN F 121 -63.38 -10.26 -20.39
N GLY F 122 -62.23 -9.83 -19.86
CA GLY F 122 -61.07 -10.68 -19.78
C GLY F 122 -60.82 -11.19 -18.37
N LEU F 123 -60.92 -10.29 -17.38
CA LEU F 123 -60.58 -10.62 -16.00
C LEU F 123 -61.72 -10.39 -15.01
N PHE F 124 -62.81 -9.81 -15.48
CA PHE F 124 -63.95 -9.52 -14.63
C PHE F 124 -63.55 -8.72 -13.38
N LEU F 125 -62.76 -7.67 -13.56
CA LEU F 125 -62.35 -6.82 -12.45
C LEU F 125 -63.50 -5.97 -11.93
N GLY F 126 -64.58 -5.90 -12.71
CA GLY F 126 -65.71 -5.06 -12.35
C GLY F 126 -65.32 -3.58 -12.36
N LEU F 127 -64.72 -3.13 -13.46
CA LEU F 127 -64.31 -1.74 -13.62
C LEU F 127 -65.49 -0.88 -14.05
N GLU F 128 -65.92 0.00 -13.14
CA GLU F 128 -67.12 0.80 -13.37
C GLU F 128 -66.86 1.96 -14.34
N ASP F 129 -65.83 2.75 -14.08
CA ASP F 129 -65.55 3.90 -14.94
C ASP F 129 -64.06 4.21 -15.04
N PHE F 130 -63.76 5.37 -15.63
CA PHE F 130 -62.39 5.79 -15.91
C PHE F 130 -62.25 7.28 -15.67
N GLU F 131 -61.20 7.67 -14.93
CA GLU F 131 -60.94 9.07 -14.62
C GLU F 131 -59.49 9.41 -14.93
N CYS F 132 -59.25 10.56 -15.53
CA CYS F 132 -57.91 10.91 -16.01
C CYS F 132 -57.68 12.41 -16.08
N HIS F 133 -56.43 12.80 -16.27
CA HIS F 133 -56.09 14.21 -16.33
C HIS F 133 -54.82 14.46 -17.13
N PHE F 134 -54.77 15.64 -17.72
CA PHE F 134 -53.56 16.10 -18.38
C PHE F 134 -52.54 16.34 -17.32
N ALA F 135 -51.29 16.06 -17.65
CA ALA F 135 -50.19 16.25 -16.73
C ALA F 135 -49.01 16.80 -17.52
N LEU F 136 -48.53 17.94 -17.07
CA LEU F 136 -47.43 18.64 -17.70
C LEU F 136 -46.34 18.80 -16.65
N TYR F 137 -45.16 18.24 -16.92
CA TYR F 137 -44.03 18.37 -16.02
C TYR F 137 -43.14 19.48 -16.54
N PRO F 138 -43.04 20.59 -15.79
CA PRO F 138 -42.08 21.62 -16.19
C PRO F 138 -40.70 21.03 -16.11
N PRO F 139 -39.73 21.56 -16.89
CA PRO F 139 -38.39 20.97 -16.82
C PRO F 139 -37.86 20.99 -15.38
N GLY F 140 -37.32 19.87 -14.93
CA GLY F 140 -36.82 19.76 -13.57
C GLY F 140 -37.80 19.07 -12.64
N ALA F 141 -39.09 19.25 -12.89
CA ALA F 141 -40.12 18.62 -12.05
C ALA F 141 -40.08 17.10 -12.18
N PHE F 142 -40.52 16.41 -11.13
CA PHE F 142 -40.47 14.95 -11.09
C PHE F 142 -41.63 14.40 -10.25
N TYR F 143 -41.63 13.08 -10.07
CA TYR F 143 -42.60 12.40 -9.22
C TYR F 143 -41.91 11.21 -8.56
N ARG F 144 -41.64 11.32 -7.27
CA ARG F 144 -40.89 10.29 -6.55
C ARG F 144 -41.65 8.97 -6.49
N ARG F 145 -40.90 7.90 -6.24
CA ARG F 145 -41.45 6.55 -6.22
C ARG F 145 -42.74 6.45 -5.39
N HIS F 146 -43.82 5.99 -6.00
CA HIS F 146 -45.06 5.85 -5.25
C HIS F 146 -45.87 4.66 -5.76
N LEU F 147 -46.95 4.34 -5.05
CA LEU F 147 -47.89 3.34 -5.53
C LEU F 147 -49.22 4.05 -5.72
N ASP F 148 -49.91 3.79 -6.83
CA ASP F 148 -51.15 4.53 -7.08
C ASP F 148 -52.19 4.22 -6.00
N ARG F 149 -52.31 2.95 -5.64
CA ARG F 149 -53.18 2.56 -4.53
C ARG F 149 -52.35 2.42 -3.26
N ASP F 153 -58.69 2.07 1.01
CA ASP F 153 -60.01 1.79 0.44
C ASP F 153 -60.08 2.26 -1.01
N ASP F 154 -58.91 2.37 -1.63
CA ASP F 154 -58.79 2.93 -2.98
C ASP F 154 -59.55 2.08 -4.00
N ARG F 155 -60.32 2.75 -4.86
CA ARG F 155 -61.11 2.08 -5.89
C ARG F 155 -60.32 1.87 -7.19
N ARG F 156 -59.27 2.64 -7.41
CA ARG F 156 -58.46 2.51 -8.63
C ARG F 156 -57.77 1.15 -8.70
N MET F 157 -58.10 0.39 -9.74
CA MET F 157 -57.62 -0.98 -9.91
C MET F 157 -56.54 -1.10 -10.97
N VAL F 158 -56.70 -0.36 -12.08
CA VAL F 158 -55.75 -0.36 -13.18
C VAL F 158 -55.37 1.08 -13.55
N SER F 159 -54.07 1.32 -13.70
CA SER F 159 -53.55 2.62 -14.10
C SER F 159 -53.20 2.58 -15.58
N ALA F 160 -53.38 3.72 -16.25
CA ALA F 160 -53.07 3.83 -17.67
C ALA F 160 -52.51 5.23 -17.97
N VAL F 161 -51.38 5.27 -18.69
CA VAL F 161 -50.76 6.54 -19.02
C VAL F 161 -50.39 6.56 -20.49
N LEU F 162 -50.77 7.67 -21.15
CA LEU F 162 -50.50 7.88 -22.56
C LEU F 162 -49.61 9.10 -22.70
N TYR F 163 -48.48 8.95 -23.40
CA TYR F 163 -47.54 10.05 -23.57
C TYR F 163 -47.82 10.80 -24.87
N LEU F 164 -47.41 12.06 -24.91
CA LEU F 164 -47.80 12.93 -26.00
C LEU F 164 -46.62 13.65 -26.63
N ASN F 165 -45.40 13.25 -26.28
CA ASN F 165 -44.23 14.03 -26.66
C ASN F 165 -43.55 13.54 -27.94
N GLU F 166 -43.35 14.48 -28.86
CA GLU F 166 -42.78 14.16 -30.16
C GLU F 166 -41.27 14.41 -30.10
N GLY F 167 -40.50 13.54 -30.75
CA GLY F 167 -39.08 13.76 -30.96
C GLY F 167 -38.19 13.55 -29.75
N TRP F 168 -38.62 12.70 -28.81
CA TRP F 168 -37.85 12.49 -27.59
C TRP F 168 -36.50 11.83 -27.85
N GLN F 169 -35.49 12.20 -27.07
CA GLN F 169 -34.14 11.64 -27.19
C GLN F 169 -33.66 11.14 -25.82
N PRO F 170 -32.68 10.23 -25.82
CA PRO F 170 -32.16 9.74 -24.53
C PRO F 170 -31.58 10.83 -23.62
N HIS F 171 -31.23 11.98 -24.20
CA HIS F 171 -30.63 13.05 -23.43
C HIS F 171 -31.68 13.76 -22.58
N ASP F 172 -32.94 13.61 -22.98
CA ASP F 172 -34.02 14.39 -22.40
C ASP F 172 -34.46 13.91 -21.02
N GLY F 173 -34.07 12.71 -20.63
CA GLY F 173 -34.50 12.17 -19.36
C GLY F 173 -36.00 12.00 -19.38
N GLY F 174 -36.65 12.27 -18.25
CA GLY F 174 -38.12 12.27 -18.18
C GLY F 174 -38.83 10.93 -18.29
N GLN F 175 -38.13 9.83 -18.03
CA GLN F 175 -38.72 8.53 -18.22
C GLN F 175 -39.56 8.11 -17.04
N LEU F 176 -40.59 7.31 -17.33
CA LEU F 176 -41.30 6.59 -16.29
C LEU F 176 -40.50 5.35 -15.96
N ARG F 177 -40.19 5.19 -14.69
CA ARG F 177 -39.53 3.99 -14.20
C ARG F 177 -40.52 3.15 -13.41
N MET F 178 -40.67 1.89 -13.82
CA MET F 178 -41.55 0.96 -13.15
C MET F 178 -40.73 -0.08 -12.38
N PHE F 179 -41.17 -0.40 -11.17
CA PHE F 179 -40.48 -1.38 -10.34
C PHE F 179 -41.30 -2.68 -10.35
N LEU F 180 -40.75 -3.71 -10.97
CA LEU F 180 -41.49 -4.94 -11.22
C LEU F 180 -41.04 -6.02 -10.24
N ALA F 181 -41.57 -7.23 -10.44
CA ALA F 181 -41.21 -8.37 -9.60
C ALA F 181 -39.71 -8.65 -9.63
N ASP F 182 -39.18 -9.13 -8.51
CA ASP F 182 -37.79 -9.57 -8.44
C ASP F 182 -36.81 -8.40 -8.56
N GLY F 183 -37.26 -7.21 -8.18
CA GLY F 183 -36.39 -6.05 -8.16
C GLY F 183 -36.04 -5.49 -9.53
N VAL F 184 -36.72 -5.97 -10.57
CA VAL F 184 -36.46 -5.48 -11.93
C VAL F 184 -36.99 -4.05 -12.07
N GLU F 185 -36.25 -3.21 -12.80
CA GLU F 185 -36.74 -1.88 -13.13
C GLU F 185 -36.89 -1.76 -14.65
N HIS F 186 -38.00 -1.19 -15.11
CA HIS F 186 -38.18 -0.96 -16.55
C HIS F 186 -38.51 0.51 -16.86
N ASP F 187 -37.69 1.13 -17.71
CA ASP F 187 -37.82 2.54 -18.04
C ASP F 187 -38.60 2.73 -19.34
N VAL F 188 -39.54 3.67 -19.32
CA VAL F 188 -40.34 4.00 -20.49
C VAL F 188 -40.11 5.46 -20.85
N GLU F 189 -39.64 5.70 -22.07
CA GLU F 189 -39.51 7.06 -22.55
C GLU F 189 -40.89 7.59 -22.89
N PRO F 190 -41.17 8.85 -22.51
CA PRO F 190 -42.51 9.43 -22.66
C PRO F 190 -42.77 9.86 -24.10
N VAL F 191 -42.75 8.86 -24.98
CA VAL F 191 -42.81 9.07 -26.42
C VAL F 191 -44.24 9.15 -26.90
N ALA F 192 -44.52 10.12 -27.76
CA ALA F 192 -45.86 10.31 -28.34
C ALA F 192 -46.46 9.00 -28.85
N GLY F 193 -47.64 8.66 -28.32
CA GLY F 193 -48.37 7.50 -28.79
C GLY F 193 -48.21 6.28 -27.90
N CYS F 194 -47.25 6.34 -26.99
CA CYS F 194 -47.00 5.25 -26.07
C CYS F 194 -47.99 5.22 -24.90
N LEU F 195 -48.64 4.06 -24.74
CA LEU F 195 -49.57 3.81 -23.64
C LEU F 195 -48.96 2.80 -22.67
N VAL F 196 -48.94 3.13 -21.38
CA VAL F 196 -48.53 2.15 -20.38
C VAL F 196 -49.71 1.87 -19.45
N VAL F 197 -49.91 0.58 -19.14
CA VAL F 197 -51.02 0.15 -18.31
C VAL F 197 -50.53 -0.83 -17.26
N PHE F 198 -51.02 -0.70 -16.03
CA PHE F 198 -50.58 -1.59 -14.94
C PHE F 198 -51.56 -1.65 -13.78
N LEU F 199 -51.47 -2.71 -13.00
CA LEU F 199 -52.30 -2.83 -11.80
C LEU F 199 -51.83 -1.80 -10.76
N SER F 200 -52.74 -0.90 -10.41
CA SER F 200 -52.43 0.23 -9.54
C SER F 200 -51.93 -0.18 -8.15
N GLY F 201 -52.28 -1.38 -7.72
CA GLY F 201 -51.94 -1.84 -6.39
C GLY F 201 -50.69 -2.71 -6.35
N GLU F 202 -50.11 -2.99 -7.51
CA GLU F 202 -48.99 -3.92 -7.61
C GLU F 202 -47.66 -3.32 -8.09
N VAL F 203 -47.68 -2.17 -8.78
CA VAL F 203 -46.48 -1.64 -9.44
C VAL F 203 -46.09 -0.22 -8.99
N PRO F 204 -45.08 -0.11 -8.12
CA PRO F 204 -44.55 1.22 -7.79
C PRO F 204 -43.87 1.80 -9.01
N HIS F 205 -43.76 3.13 -9.09
CA HIS F 205 -43.17 3.77 -10.26
C HIS F 205 -42.80 5.23 -9.94
N GLU F 206 -41.90 5.80 -10.73
CA GLU F 206 -41.54 7.19 -10.54
C GLU F 206 -41.39 7.86 -11.90
N VAL F 207 -41.36 9.19 -11.86
CA VAL F 207 -41.11 9.99 -13.05
C VAL F 207 -39.84 10.75 -12.79
N LEU F 208 -38.82 10.46 -13.60
CA LEU F 208 -37.54 11.15 -13.49
C LEU F 208 -37.67 12.49 -14.17
N PRO F 209 -36.85 13.47 -13.74
CA PRO F 209 -37.02 14.83 -14.28
C PRO F 209 -36.57 14.92 -15.73
N ALA F 210 -37.03 15.95 -16.43
CA ALA F 210 -36.67 16.15 -17.83
C ALA F 210 -36.18 17.58 -18.06
N GLY F 211 -35.41 17.77 -19.12
CA GLY F 211 -34.93 19.09 -19.51
C GLY F 211 -35.74 19.67 -20.66
N ARG F 212 -36.93 19.13 -20.89
CA ARG F 212 -37.84 19.66 -21.89
C ARG F 212 -39.27 19.35 -21.48
N GLU F 213 -40.22 20.07 -22.06
CA GLU F 213 -41.63 19.87 -21.75
C GLU F 213 -42.01 18.40 -21.92
N ARG F 214 -42.63 17.84 -20.89
CA ARG F 214 -43.06 16.46 -20.88
C ARG F 214 -44.55 16.38 -20.56
N LEU F 215 -45.36 16.11 -21.58
CA LEU F 215 -46.83 16.07 -21.47
C LEU F 215 -47.37 14.64 -21.48
N SER F 216 -48.46 14.42 -20.75
CA SER F 216 -49.07 13.10 -20.68
C SER F 216 -50.54 13.15 -20.30
N LEU F 217 -51.22 12.04 -20.54
CA LEU F 217 -52.58 11.84 -20.09
C LEU F 217 -52.58 10.67 -19.09
N THR F 218 -52.90 10.96 -17.83
CA THR F 218 -52.76 9.99 -16.74
C THR F 218 -54.13 9.66 -16.17
N GLY F 219 -54.41 8.39 -15.92
CA GLY F 219 -55.73 7.97 -15.46
C GLY F 219 -55.83 6.59 -14.82
N TRP F 220 -57.03 6.29 -14.31
CA TRP F 220 -57.28 5.03 -13.61
C TRP F 220 -58.72 4.54 -13.79
N PHE F 221 -58.85 3.24 -14.06
CA PHE F 221 -60.14 2.57 -14.07
C PHE F 221 -60.49 2.18 -12.63
N ARG F 222 -61.73 2.42 -12.22
CA ARG F 222 -62.12 2.16 -10.85
C ARG F 222 -63.17 1.05 -10.71
N ARG F 223 -63.06 0.30 -9.61
CA ARG F 223 -64.04 -0.74 -9.28
C ARG F 223 -65.36 -0.09 -8.88
N MET G 31 2.21 -36.38 -1.99
CA MET G 31 3.32 -36.19 -1.07
C MET G 31 2.82 -36.03 0.37
N LEU G 32 1.54 -35.70 0.50
CA LEU G 32 0.92 -35.60 1.81
C LEU G 32 1.07 -36.94 2.52
N ALA G 33 0.96 -38.04 1.77
CA ALA G 33 1.09 -39.37 2.35
C ALA G 33 2.54 -39.66 2.74
N ALA G 34 3.48 -39.03 2.05
CA ALA G 34 4.89 -39.20 2.35
C ALA G 34 5.21 -38.44 3.62
N VAL G 35 4.83 -37.16 3.66
CA VAL G 35 5.01 -36.31 4.82
C VAL G 35 4.46 -36.94 6.09
N VAL G 36 3.25 -37.49 6.01
CA VAL G 36 2.70 -38.19 7.14
C VAL G 36 3.53 -39.45 7.40
N ASP G 37 3.98 -40.09 6.32
CA ASP G 37 4.89 -41.23 6.43
C ASP G 37 6.20 -40.77 7.06
N ASP G 38 6.59 -39.53 6.76
CA ASP G 38 7.81 -38.97 7.35
C ASP G 38 7.57 -38.56 8.80
N LEU G 39 6.73 -37.55 9.01
CA LEU G 39 6.45 -37.07 10.36
C LEU G 39 6.33 -38.23 11.32
N ALA G 40 5.72 -39.32 10.87
CA ALA G 40 5.63 -40.49 11.73
C ALA G 40 7.01 -41.10 11.97
N THR G 41 7.79 -41.18 10.90
CA THR G 41 9.10 -41.86 10.94
C THR G 41 10.22 -41.01 11.56
N HIS G 42 10.40 -39.79 11.05
CA HIS G 42 11.51 -38.93 11.47
C HIS G 42 11.02 -37.91 12.47
N GLY G 43 9.86 -37.32 12.18
CA GLY G 43 9.31 -36.26 13.02
C GLY G 43 9.52 -34.90 12.37
N TRP G 44 10.03 -34.90 11.15
CA TRP G 44 10.13 -33.68 10.35
C TRP G 44 10.09 -34.03 8.86
N SER G 45 10.03 -33.00 8.01
CA SER G 45 10.05 -33.17 6.55
C SER G 45 10.43 -31.86 5.88
N GLN G 46 11.05 -31.95 4.71
CA GLN G 46 11.29 -30.75 3.91
C GLN G 46 11.03 -31.01 2.43
N GLN G 47 9.78 -31.34 2.13
CA GLN G 47 9.35 -31.49 0.76
C GLN G 47 9.77 -30.28 -0.06
N ALA G 48 10.55 -30.52 -1.11
CA ALA G 48 10.89 -29.49 -2.08
C ALA G 48 9.70 -29.36 -3.02
N HIS G 49 9.57 -28.20 -3.67
CA HIS G 49 8.51 -28.02 -4.65
C HIS G 49 7.16 -28.42 -4.06
N PHE G 50 6.86 -27.93 -2.86
CA PHE G 50 5.60 -28.25 -2.19
C PHE G 50 4.46 -27.54 -2.90
N LEU G 51 4.69 -26.27 -3.24
CA LEU G 51 3.69 -25.48 -3.93
C LEU G 51 4.14 -25.17 -5.36
N PRO G 52 3.17 -24.91 -6.24
CA PRO G 52 3.50 -24.38 -7.56
C PRO G 52 4.26 -23.04 -7.45
N ALA G 53 5.30 -22.88 -8.26
CA ALA G 53 6.13 -21.66 -8.23
C ALA G 53 5.29 -20.40 -8.26
N ASP G 54 4.23 -20.41 -9.06
CA ASP G 54 3.36 -19.25 -9.25
C ASP G 54 2.70 -18.80 -7.95
N LEU G 55 2.17 -19.75 -7.18
CA LEU G 55 1.55 -19.41 -5.90
C LEU G 55 2.58 -18.91 -4.91
N VAL G 56 3.77 -19.50 -4.94
CA VAL G 56 4.84 -19.14 -4.00
C VAL G 56 5.27 -17.69 -4.25
N ARG G 57 5.48 -17.35 -5.51
CA ARG G 57 5.83 -15.99 -5.89
C ARG G 57 4.70 -15.07 -5.45
N ALA G 58 3.46 -15.53 -5.62
CA ALA G 58 2.31 -14.80 -5.13
C ALA G 58 2.36 -14.64 -3.61
N LEU G 59 2.84 -15.66 -2.90
CA LEU G 59 2.92 -15.61 -1.44
C LEU G 59 4.03 -14.66 -0.99
N ALA G 60 5.21 -14.81 -1.61
CA ALA G 60 6.33 -13.91 -1.43
C ALA G 60 5.88 -12.47 -1.64
N ALA G 61 5.29 -12.25 -2.82
CA ALA G 61 4.70 -10.98 -3.23
C ALA G 61 3.79 -10.35 -2.17
N GLU G 62 2.99 -11.15 -1.50
CA GLU G 62 2.04 -10.63 -0.50
C GLU G 62 2.76 -10.26 0.80
N CYS G 63 3.79 -11.04 1.14
CA CYS G 63 4.57 -10.76 2.34
C CYS G 63 5.23 -9.40 2.24
N ARG G 64 5.94 -9.19 1.14
CA ARG G 64 6.52 -7.88 0.85
C ARG G 64 5.44 -6.79 0.82
N ARG G 65 4.27 -7.11 0.29
CA ARG G 65 3.15 -6.17 0.27
C ARG G 65 2.81 -5.69 1.69
N ARG G 66 2.67 -6.61 2.63
CA ARG G 66 2.35 -6.26 4.02
C ARG G 66 3.55 -5.57 4.68
N ASP G 67 4.75 -6.08 4.40
CA ASP G 67 5.97 -5.53 4.95
C ASP G 67 5.96 -4.02 4.74
N ALA G 68 5.69 -3.60 3.52
CA ALA G 68 5.69 -2.18 3.17
C ALA G 68 4.53 -1.40 3.78
N GLU G 69 3.38 -2.04 3.93
CA GLU G 69 2.19 -1.34 4.43
C GLU G 69 2.37 -0.95 5.90
N GLU G 71 0.74 -4.40 8.44
CA GLU G 71 2.18 -4.40 8.42
C GLU G 71 2.76 -5.49 9.32
N LEU G 72 4.08 -5.65 9.26
CA LEU G 72 4.81 -6.68 10.00
C LEU G 72 5.41 -6.13 11.29
N ASN G 73 4.95 -6.66 12.42
CA ASN G 73 5.35 -6.18 13.73
C ASN G 73 6.39 -7.10 14.40
N PRO G 74 7.09 -6.58 15.41
CA PRO G 74 8.15 -7.27 16.14
C PRO G 74 7.64 -8.23 17.22
N ALA G 75 7.72 -9.52 16.93
CA ALA G 75 7.39 -10.54 17.92
C ALA G 75 8.34 -10.46 19.12
N ARG G 86 11.89 -9.94 23.38
CA ARG G 86 13.22 -10.01 23.98
C ARG G 86 14.31 -10.13 22.90
N GLU G 87 15.10 -9.07 22.77
CA GLU G 87 16.08 -8.96 21.69
C GLU G 87 17.14 -10.07 21.71
N THR G 88 17.43 -10.60 22.89
CA THR G 88 18.43 -11.66 23.03
C THR G 88 17.94 -13.00 22.45
N ILE G 89 16.64 -13.10 22.15
CA ILE G 89 16.06 -14.36 21.67
C ILE G 89 15.69 -14.32 20.20
N ARG G 90 15.04 -13.23 19.77
CA ARG G 90 14.50 -13.16 18.42
C ARG G 90 14.35 -11.73 17.90
N GLY G 91 14.23 -11.60 16.58
CA GLY G 91 14.07 -10.29 15.94
C GLY G 91 13.40 -10.36 14.58
N ASP G 92 12.45 -11.29 14.44
CA ASP G 92 11.67 -11.39 13.22
C ASP G 92 10.49 -10.42 13.26
N GLN G 93 10.00 -10.05 12.07
CA GLN G 93 8.83 -9.20 11.96
C GLN G 93 7.74 -10.02 11.35
N ILE G 94 6.52 -9.89 11.88
CA ILE G 94 5.49 -10.84 11.57
C ILE G 94 4.10 -10.25 11.67
N GLN G 95 3.17 -10.88 10.96
CA GLN G 95 1.76 -10.56 11.05
C GLN G 95 0.98 -11.84 10.85
N TRP G 96 0.07 -12.12 11.76
CA TRP G 96 -0.78 -13.28 11.61
C TRP G 96 -1.62 -13.08 10.36
N ILE G 97 -1.90 -14.17 9.65
CA ILE G 97 -2.78 -14.11 8.51
C ILE G 97 -4.22 -14.30 9.01
N ASP G 98 -5.11 -13.45 8.53
CA ASP G 98 -6.54 -13.69 8.70
C ASP G 98 -7.16 -13.86 7.32
N PRO G 99 -8.09 -14.82 7.18
CA PRO G 99 -8.69 -15.15 5.87
C PRO G 99 -9.30 -13.94 5.17
N GLY G 100 -9.43 -14.06 3.85
CA GLY G 100 -9.96 -13.00 3.02
C GLY G 100 -9.12 -11.74 3.03
N GLN G 101 -7.86 -11.85 2.61
CA GLN G 101 -7.07 -10.68 2.22
C GLN G 101 -6.09 -10.96 1.09
N ALA G 102 -6.03 -12.20 0.61
CA ALA G 102 -5.22 -12.52 -0.56
C ALA G 102 -5.58 -13.91 -1.05
N GLU G 103 -6.09 -14.01 -2.27
CA GLU G 103 -6.41 -15.31 -2.86
C GLU G 103 -5.25 -16.30 -2.63
N ALA G 104 -4.03 -15.77 -2.54
CA ALA G 104 -2.85 -16.59 -2.27
C ALA G 104 -2.91 -17.22 -0.87
N CYS G 105 -2.93 -16.38 0.16
CA CYS G 105 -3.08 -16.84 1.54
C CYS G 105 -4.21 -17.87 1.71
N ASP G 106 -5.34 -17.63 1.04
CA ASP G 106 -6.45 -18.58 1.10
C ASP G 106 -6.05 -19.98 0.59
N GLN G 107 -5.42 -20.03 -0.59
CA GLN G 107 -4.96 -21.30 -1.14
C GLN G 107 -3.97 -21.98 -0.21
N TYR G 108 -3.06 -21.20 0.38
CA TYR G 108 -2.11 -21.74 1.35
C TYR G 108 -2.87 -22.49 2.42
N LEU G 109 -3.84 -21.80 3.02
CA LEU G 109 -4.59 -22.34 4.13
C LEU G 109 -5.32 -23.62 3.72
N ALA G 110 -5.74 -23.68 2.45
CA ALA G 110 -6.47 -24.84 1.95
C ALA G 110 -5.57 -26.06 1.83
N ALA G 111 -4.39 -25.87 1.25
CA ALA G 111 -3.40 -26.94 1.22
C ALA G 111 -3.06 -27.32 2.66
N MET G 112 -2.79 -26.32 3.50
CA MET G 112 -2.54 -26.58 4.93
C MET G 112 -3.71 -27.32 5.56
N ASP G 113 -4.93 -27.01 5.14
CA ASP G 113 -6.11 -27.68 5.68
C ASP G 113 -6.11 -29.15 5.23
N GLN G 114 -5.78 -29.40 3.96
CA GLN G 114 -5.63 -30.77 3.48
C GLN G 114 -4.52 -31.44 4.27
N LEU G 115 -3.42 -30.72 4.46
CA LEU G 115 -2.30 -31.25 5.24
C LEU G 115 -2.77 -31.66 6.64
N ARG G 116 -3.56 -30.80 7.28
CA ARG G 116 -4.12 -31.09 8.59
C ARG G 116 -4.91 -32.40 8.57
N LEU G 117 -5.73 -32.56 7.53
CA LEU G 117 -6.60 -33.72 7.38
C LEU G 117 -5.80 -35.01 7.07
N ALA G 118 -4.76 -34.87 6.26
CA ALA G 118 -3.87 -35.99 5.98
C ALA G 118 -3.19 -36.48 7.27
N ILE G 119 -2.65 -35.53 8.02
CA ILE G 119 -2.05 -35.81 9.32
C ILE G 119 -3.01 -36.52 10.27
N ASN G 120 -4.26 -36.05 10.35
CA ASN G 120 -5.25 -36.70 11.20
C ASN G 120 -5.55 -38.10 10.70
N GLN G 121 -5.52 -38.28 9.38
CA GLN G 121 -5.80 -39.57 8.75
C GLN G 121 -4.68 -40.59 9.00
N GLY G 122 -3.44 -40.14 8.99
CA GLY G 122 -2.29 -41.03 9.11
C GLY G 122 -1.52 -40.96 10.42
N LEU G 123 -1.59 -39.82 11.11
CA LEU G 123 -0.94 -39.66 12.42
C LEU G 123 -1.93 -39.52 13.57
N PHE G 124 -3.12 -38.99 13.30
CA PHE G 124 -4.20 -38.91 14.29
C PHE G 124 -3.93 -37.93 15.43
N LEU G 125 -3.38 -36.76 15.10
CA LEU G 125 -3.03 -35.77 16.12
C LEU G 125 -4.27 -35.05 16.67
N GLY G 126 -5.38 -35.15 15.95
CA GLY G 126 -6.60 -34.46 16.35
C GLY G 126 -6.46 -32.96 16.18
N LEU G 127 -5.84 -32.57 15.07
CA LEU G 127 -5.59 -31.18 14.76
C LEU G 127 -6.88 -30.48 14.36
N GLU G 128 -7.12 -29.34 14.97
CA GLU G 128 -8.37 -28.62 14.84
C GLU G 128 -8.27 -27.49 13.82
N ASP G 129 -7.24 -26.66 13.96
CA ASP G 129 -7.04 -25.53 13.07
C ASP G 129 -5.55 -25.26 12.82
N PHE G 130 -5.26 -24.29 11.96
CA PHE G 130 -3.91 -23.87 11.66
C PHE G 130 -3.85 -22.36 11.84
N GLU G 131 -2.73 -21.87 12.35
CA GLU G 131 -2.55 -20.46 12.57
C GLU G 131 -1.17 -20.11 12.09
N CYS G 132 -1.01 -18.96 11.44
CA CYS G 132 0.31 -18.61 10.93
C CYS G 132 0.53 -17.11 10.79
N HIS G 133 1.77 -16.74 10.54
CA HIS G 133 2.14 -15.35 10.39
C HIS G 133 3.31 -15.21 9.42
N PHE G 134 3.23 -14.23 8.52
CA PHE G 134 4.36 -13.89 7.69
C PHE G 134 5.55 -13.75 8.60
N ALA G 135 6.72 -14.14 8.10
CA ALA G 135 7.96 -13.98 8.84
C ALA G 135 9.04 -13.41 7.92
N LEU G 136 9.50 -12.22 8.27
CA LEU G 136 10.52 -11.54 7.50
C LEU G 136 11.67 -11.18 8.42
N TYR G 137 12.84 -11.74 8.13
CA TYR G 137 14.02 -11.45 8.94
C TYR G 137 14.95 -10.52 8.20
N PRO G 138 15.24 -9.36 8.81
CA PRO G 138 16.23 -8.46 8.21
C PRO G 138 17.57 -9.16 8.25
N PRO G 139 18.43 -8.92 7.25
CA PRO G 139 19.74 -9.58 7.33
C PRO G 139 20.41 -9.35 8.70
N GLY G 140 20.99 -10.41 9.26
CA GLY G 140 21.60 -10.34 10.59
C GLY G 140 20.63 -10.68 11.72
N ALA G 141 19.40 -11.01 11.36
CA ALA G 141 18.38 -11.36 12.36
C ALA G 141 18.35 -12.87 12.59
N PHE G 142 18.04 -13.28 13.81
CA PHE G 142 18.03 -14.69 14.15
C PHE G 142 16.89 -15.08 15.10
N TYR G 143 16.91 -16.34 15.51
CA TYR G 143 16.01 -16.85 16.55
C TYR G 143 16.80 -17.95 17.25
N ARG G 144 17.16 -17.72 18.52
CA ARG G 144 17.99 -18.67 19.24
C ARG G 144 17.27 -20.01 19.46
N ARG G 145 18.07 -21.05 19.65
CA ARG G 145 17.57 -22.40 19.83
C ARG G 145 16.41 -22.45 20.80
N HIS G 146 15.27 -22.97 20.33
CA HIS G 146 14.10 -23.14 21.16
C HIS G 146 13.31 -24.40 20.76
N LEU G 147 12.42 -24.84 21.64
CA LEU G 147 11.34 -25.75 21.26
C LEU G 147 10.10 -24.91 21.06
N ASP G 148 9.30 -25.23 20.06
CA ASP G 148 8.07 -24.49 19.85
C ASP G 148 7.10 -24.76 21.01
N ARG G 149 6.84 -26.05 21.30
CA ARG G 149 5.93 -26.43 22.39
C ARG G 149 6.69 -27.00 23.58
N PHE G 150 6.49 -26.39 24.75
CA PHE G 150 7.10 -26.90 25.98
C PHE G 150 6.05 -27.08 27.10
N ARG G 151 5.08 -26.18 27.16
CA ARG G 151 4.08 -26.20 28.22
C ARG G 151 2.90 -27.13 27.91
N ASP G 152 2.21 -27.57 28.97
CA ASP G 152 1.09 -28.48 28.85
C ASP G 152 -0.12 -27.80 28.22
N ASP G 153 -0.31 -26.52 28.53
CA ASP G 153 -1.42 -25.76 27.99
C ASP G 153 -1.24 -25.48 26.49
N ASP G 154 -0.02 -25.60 26.00
CA ASP G 154 0.28 -25.27 24.61
C ASP G 154 -0.23 -26.36 23.69
N ARG G 155 -1.21 -26.02 22.84
CA ARG G 155 -1.85 -27.00 21.97
C ARG G 155 -1.18 -27.09 20.59
N ARG G 156 -0.12 -26.31 20.36
CA ARG G 156 0.58 -26.38 19.09
C ARG G 156 1.35 -27.70 18.95
N MET G 157 0.98 -28.49 17.94
CA MET G 157 1.49 -29.85 17.81
C MET G 157 2.42 -30.05 16.60
N VAL G 158 2.14 -29.35 15.52
CA VAL G 158 2.93 -29.45 14.31
C VAL G 158 3.27 -28.03 13.85
N SER G 159 4.54 -27.81 13.53
CA SER G 159 5.00 -26.52 13.05
C SER G 159 5.25 -26.56 11.54
N ALA G 160 5.13 -25.40 10.90
CA ALA G 160 5.32 -25.30 9.45
C ALA G 160 5.82 -23.94 9.02
N VAL G 161 6.88 -23.94 8.22
CA VAL G 161 7.51 -22.72 7.77
C VAL G 161 7.93 -22.86 6.31
N LEU G 162 6.94 -22.91 5.42
CA LEU G 162 7.19 -22.79 3.98
C LEU G 162 8.04 -21.54 3.72
N TYR G 163 9.10 -21.69 2.93
CA TYR G 163 9.97 -20.56 2.58
C TYR G 163 9.66 -20.01 1.18
N LEU G 164 9.89 -18.72 1.00
CA LEU G 164 9.38 -18.04 -0.19
C LEU G 164 10.46 -17.41 -1.06
N ASN G 165 11.72 -17.76 -0.83
CA ASN G 165 12.82 -17.01 -1.43
C ASN G 165 13.43 -17.70 -2.63
N GLU G 166 13.47 -16.99 -3.74
CA GLU G 166 14.06 -17.51 -4.96
C GLU G 166 15.54 -17.09 -5.05
N GLY G 167 16.39 -18.01 -5.51
CA GLY G 167 17.81 -17.75 -5.65
C GLY G 167 18.53 -17.33 -4.38
N TRP G 168 18.73 -18.27 -3.45
CA TRP G 168 19.29 -17.96 -2.14
C TRP G 168 20.82 -18.01 -2.12
N GLN G 169 21.46 -17.25 -1.22
CA GLN G 169 22.92 -17.22 -1.12
C GLN G 169 23.53 -17.67 0.23
N PRO G 170 24.21 -18.83 0.25
CA PRO G 170 24.94 -19.33 1.41
C PRO G 170 25.67 -18.24 2.22
N HIS G 171 26.26 -17.28 1.53
CA HIS G 171 27.02 -16.20 2.17
C HIS G 171 26.08 -15.33 2.99
N ASP G 172 24.82 -15.29 2.55
CA ASP G 172 23.76 -14.71 3.35
C ASP G 172 23.56 -15.62 4.57
N GLY G 173 22.98 -16.80 4.34
CA GLY G 173 22.81 -17.77 5.42
C GLY G 173 21.34 -18.00 5.73
N GLY G 174 20.88 -17.40 6.82
CA GLY G 174 19.48 -17.48 7.24
C GLY G 174 18.90 -18.88 7.28
N GLN G 175 19.71 -19.86 7.63
CA GLN G 175 19.23 -21.23 7.59
C GLN G 175 18.44 -21.59 8.84
N LEU G 176 17.49 -22.50 8.67
CA LEU G 176 16.87 -23.12 9.82
C LEU G 176 17.76 -24.30 10.18
N ARG G 177 18.28 -24.28 11.41
CA ARG G 177 19.05 -25.42 11.91
C ARG G 177 18.15 -26.22 12.84
N MET G 178 18.06 -27.51 12.55
CA MET G 178 17.22 -28.42 13.29
C MET G 178 18.09 -29.39 14.06
N PHE G 179 17.74 -29.58 15.32
CA PHE G 179 18.47 -30.48 16.18
C PHE G 179 17.74 -31.82 16.23
N LEU G 180 18.25 -32.78 15.46
CA LEU G 180 17.62 -34.08 15.29
C LEU G 180 18.15 -35.09 16.30
N ALA G 181 17.71 -36.34 16.15
CA ALA G 181 18.13 -37.42 17.05
C ALA G 181 19.61 -37.65 16.93
N ASP G 182 20.20 -38.19 17.98
CA ASP G 182 21.59 -38.63 17.90
C ASP G 182 22.54 -37.45 17.73
N GLY G 183 22.09 -36.27 18.15
CA GLY G 183 22.92 -35.07 18.11
C GLY G 183 23.17 -34.55 16.72
N VAL G 184 22.47 -35.11 15.74
CA VAL G 184 22.57 -34.69 14.35
C VAL G 184 21.98 -33.29 14.17
N GLU G 185 22.65 -32.44 13.40
CA GLU G 185 22.14 -31.11 13.10
C GLU G 185 21.91 -30.99 11.59
N HIS G 186 20.74 -30.49 11.18
CA HIS G 186 20.42 -30.28 9.77
C HIS G 186 20.01 -28.83 9.46
N ASP G 187 20.70 -28.18 8.52
CA ASP G 187 20.33 -26.83 8.12
C ASP G 187 19.39 -26.87 6.92
N VAL G 188 18.33 -26.09 6.97
CA VAL G 188 17.46 -25.97 5.82
C VAL G 188 17.69 -24.57 5.27
N GLU G 189 18.05 -24.50 3.99
CA GLU G 189 18.19 -23.23 3.33
C GLU G 189 16.79 -22.81 2.92
N PRO G 190 16.40 -21.59 3.28
CA PRO G 190 15.05 -21.06 3.05
C PRO G 190 14.74 -20.84 1.57
N VAL G 191 14.76 -21.92 0.78
CA VAL G 191 14.54 -21.85 -0.68
C VAL G 191 13.05 -21.82 -1.01
N ALA G 192 12.68 -21.00 -1.97
CA ALA G 192 11.28 -20.80 -2.33
C ALA G 192 10.55 -22.13 -2.54
N GLY G 193 9.37 -22.25 -1.92
CA GLY G 193 8.49 -23.38 -2.16
C GLY G 193 8.80 -24.63 -1.35
N CYS G 194 9.92 -24.62 -0.64
CA CYS G 194 10.25 -25.73 0.25
C CYS G 194 9.51 -25.57 1.57
N LEU G 195 8.89 -26.66 1.99
CA LEU G 195 8.08 -26.68 3.19
C LEU G 195 8.79 -27.53 4.24
N VAL G 196 9.16 -26.89 5.36
CA VAL G 196 9.66 -27.61 6.51
C VAL G 196 8.55 -27.76 7.54
N VAL G 197 8.17 -28.99 7.82
CA VAL G 197 7.19 -29.30 8.84
C VAL G 197 7.90 -30.09 9.92
N PHE G 198 7.46 -29.97 11.17
CA PHE G 198 7.98 -30.81 12.25
C PHE G 198 7.11 -30.83 13.49
N LEU G 199 7.28 -31.88 14.29
CA LEU G 199 6.56 -32.02 15.55
C LEU G 199 7.08 -30.99 16.56
N SER G 200 6.16 -30.18 17.07
CA SER G 200 6.50 -28.96 17.81
C SER G 200 7.12 -29.27 19.16
N GLY G 201 6.76 -30.41 19.74
CA GLY G 201 7.27 -30.77 21.05
C GLY G 201 8.53 -31.61 21.00
N GLU G 202 9.02 -31.92 19.82
CA GLU G 202 10.16 -32.83 19.69
C GLU G 202 11.42 -32.27 19.01
N VAL G 203 11.30 -31.19 18.24
CA VAL G 203 12.47 -30.74 17.45
C VAL G 203 12.95 -29.34 17.81
N PRO G 204 14.04 -29.26 18.61
CA PRO G 204 14.64 -27.94 18.86
C PRO G 204 15.15 -27.36 17.56
N HIS G 205 15.18 -26.03 17.45
CA HIS G 205 15.65 -25.42 16.23
C HIS G 205 16.00 -23.97 16.48
N GLU G 206 16.78 -23.38 15.59
CA GLU G 206 17.11 -21.98 15.67
C GLU G 206 17.20 -21.42 14.28
N VAL G 207 17.20 -20.10 14.18
CA VAL G 207 17.43 -19.44 12.91
C VAL G 207 18.77 -18.75 13.00
N LEU G 208 19.66 -19.06 12.07
CA LEU G 208 20.97 -18.44 12.02
C LEU G 208 20.89 -17.20 11.13
N PRO G 209 21.62 -16.13 11.50
CA PRO G 209 21.52 -14.90 10.70
C PRO G 209 21.77 -15.09 9.22
N ALA G 210 21.37 -14.08 8.46
CA ALA G 210 21.55 -14.06 7.01
C ALA G 210 22.21 -12.75 6.58
N GLY G 211 22.41 -12.62 5.29
CA GLY G 211 22.87 -11.38 4.68
C GLY G 211 21.86 -10.86 3.67
N ARG G 212 20.71 -11.52 3.62
CA ARG G 212 19.65 -11.15 2.68
C ARG G 212 18.29 -11.45 3.32
N GLU G 213 17.35 -10.53 3.13
CA GLU G 213 16.00 -10.65 3.66
C GLU G 213 15.42 -12.05 3.40
N ARG G 214 14.98 -12.73 4.46
CA ARG G 214 14.39 -14.06 4.31
C ARG G 214 12.89 -14.05 4.65
N LEU G 215 12.10 -14.66 3.77
CA LEU G 215 10.65 -14.69 3.87
C LEU G 215 10.15 -16.10 4.08
N SER G 216 9.18 -16.23 4.98
CA SER G 216 8.60 -17.51 5.33
C SER G 216 7.20 -17.27 5.90
N LEU G 217 6.37 -18.30 5.81
CA LEU G 217 5.06 -18.31 6.44
C LEU G 217 5.12 -19.31 7.58
N THR G 218 5.34 -18.82 8.80
CA THR G 218 5.53 -19.70 9.94
C THR G 218 4.20 -19.93 10.69
N GLY G 219 3.78 -21.19 10.77
CA GLY G 219 2.52 -21.51 11.40
C GLY G 219 2.57 -22.75 12.28
N TRP G 220 1.45 -23.00 12.96
CA TRP G 220 1.26 -24.20 13.76
C TRP G 220 -0.12 -24.80 13.61
N PHE G 221 -0.19 -26.13 13.62
CA PHE G 221 -1.46 -26.81 13.75
C PHE G 221 -1.69 -27.00 15.25
N ARG G 222 -2.93 -26.83 15.69
CA ARG G 222 -3.25 -27.00 17.11
C ARG G 222 -4.25 -28.13 17.28
N ARG G 223 -4.12 -28.89 18.36
CA ARG G 223 -5.13 -29.86 18.74
C ARG G 223 -6.15 -29.07 19.57
N ARG G 224 -7.29 -29.66 19.92
CA ARG G 224 -8.27 -28.89 20.71
C ARG G 224 -8.10 -29.14 22.21
N GLY G 225 -8.70 -28.25 23.01
CA GLY G 225 -8.69 -28.39 24.45
C GLY G 225 -9.96 -27.83 25.06
N PRO H 30 23.99 -5.27 0.89
CA PRO H 30 22.60 -5.68 0.67
C PRO H 30 21.68 -4.47 0.53
N MET H 31 21.46 -3.75 1.63
CA MET H 31 20.70 -2.52 1.57
C MET H 31 21.59 -1.39 1.02
N LEU H 32 22.87 -1.70 0.74
CA LEU H 32 23.76 -0.78 0.05
C LEU H 32 23.34 -0.65 -1.41
N ALA H 33 22.96 -1.76 -2.02
CA ALA H 33 22.44 -1.75 -3.38
C ALA H 33 21.04 -1.14 -3.40
N ALA H 34 20.34 -1.23 -2.29
CA ALA H 34 19.02 -0.63 -2.17
C ALA H 34 19.16 0.90 -2.11
N VAL H 35 20.26 1.36 -1.53
CA VAL H 35 20.52 2.79 -1.45
C VAL H 35 20.89 3.36 -2.82
N VAL H 36 21.66 2.62 -3.61
CA VAL H 36 22.17 3.17 -4.88
C VAL H 36 21.09 3.40 -5.94
N ASP H 37 20.39 2.36 -6.39
CA ASP H 37 19.36 2.51 -7.43
C ASP H 37 18.34 3.59 -7.10
N ASP H 38 18.00 3.72 -5.81
CA ASP H 38 17.15 4.81 -5.35
C ASP H 38 17.75 6.17 -5.72
N LEU H 39 19.04 6.35 -5.44
CA LEU H 39 19.73 7.58 -5.78
C LEU H 39 19.60 7.85 -7.26
N ALA H 40 19.71 6.80 -8.07
CA ALA H 40 19.70 6.95 -9.51
C ALA H 40 18.32 7.32 -10.05
N THR H 41 17.29 6.82 -9.38
CA THR H 41 15.92 7.04 -9.84
C THR H 41 15.28 8.28 -9.23
N HIS H 42 15.33 8.40 -7.89
CA HIS H 42 14.67 9.55 -7.24
C HIS H 42 15.61 10.45 -6.45
N GLY H 43 16.90 10.13 -6.42
CA GLY H 43 17.90 11.03 -5.88
C GLY H 43 18.11 10.98 -4.37
N TRP H 44 17.34 10.14 -3.68
CA TRP H 44 17.51 9.95 -2.24
C TRP H 44 17.17 8.52 -1.82
N SER H 45 17.49 8.19 -0.57
CA SER H 45 17.11 6.90 0.01
C SER H 45 17.05 6.96 1.53
N GLN H 46 16.28 6.04 2.11
CA GLN H 46 16.07 5.99 3.56
C GLN H 46 16.14 4.55 4.10
N GLN H 47 16.80 4.35 5.24
CA GLN H 47 16.97 3.02 5.84
C GLN H 47 16.85 3.04 7.37
N ALA H 48 15.96 2.22 7.92
CA ALA H 48 15.91 1.96 9.35
C ALA H 48 16.96 0.93 9.71
N HIS H 49 17.57 1.07 10.89
CA HIS H 49 18.62 0.17 11.33
C HIS H 49 19.56 -0.14 10.17
N PHE H 50 20.25 0.88 9.67
CA PHE H 50 21.11 0.75 8.50
C PHE H 50 22.11 -0.39 8.66
N LEU H 51 22.79 -0.38 9.79
CA LEU H 51 23.72 -1.43 10.12
C LEU H 51 22.96 -2.43 11.01
N PRO H 52 23.61 -3.52 11.43
CA PRO H 52 22.93 -4.25 12.51
C PRO H 52 22.81 -3.43 13.80
N ALA H 53 21.71 -3.64 14.52
CA ALA H 53 21.40 -2.85 15.72
C ALA H 53 22.62 -2.63 16.60
N ASP H 54 23.32 -3.71 16.93
CA ASP H 54 24.51 -3.69 17.79
C ASP H 54 25.51 -2.60 17.41
N LEU H 55 25.92 -2.59 16.14
CA LEU H 55 26.88 -1.61 15.65
C LEU H 55 26.31 -0.21 15.82
N VAL H 56 25.04 -0.05 15.49
CA VAL H 56 24.35 1.23 15.61
C VAL H 56 24.37 1.71 17.06
N ARG H 57 24.06 0.79 17.98
CA ARG H 57 24.10 1.06 19.41
C ARG H 57 25.53 1.42 19.83
N ALA H 58 26.50 0.76 19.19
CA ALA H 58 27.89 1.11 19.44
C ALA H 58 28.19 2.54 18.94
N LEU H 59 27.51 2.96 17.87
CA LEU H 59 27.81 4.27 17.26
C LEU H 59 27.13 5.36 18.08
N ALA H 60 25.87 5.09 18.41
CA ALA H 60 25.11 5.89 19.35
C ALA H 60 25.97 6.24 20.55
N ALA H 61 26.36 5.19 21.30
CA ALA H 61 27.14 5.28 22.53
C ALA H 61 28.45 6.03 22.34
N GLU H 62 29.10 5.78 21.22
CA GLU H 62 30.32 6.51 20.88
C GLU H 62 30.02 8.00 20.74
N CYS H 63 28.86 8.34 20.16
CA CYS H 63 28.49 9.74 20.02
C CYS H 63 28.33 10.42 21.37
N ARG H 64 27.59 9.76 22.27
CA ARG H 64 27.40 10.24 23.64
C ARG H 64 28.72 10.33 24.40
N ARG H 65 29.59 9.35 24.21
CA ARG H 65 30.90 9.39 24.88
C ARG H 65 31.63 10.68 24.48
N ARG H 66 31.58 11.03 23.21
CA ARG H 66 32.28 12.23 22.74
C ARG H 66 31.66 13.45 23.42
N ASP H 67 30.33 13.50 23.41
CA ASP H 67 29.60 14.60 24.03
C ASP H 67 30.00 14.78 25.49
N ALA H 68 30.26 13.67 26.17
CA ALA H 68 30.61 13.69 27.60
C ALA H 68 31.99 14.30 27.90
N GLU H 69 32.80 14.50 26.87
CA GLU H 69 34.12 15.12 27.06
C GLU H 69 34.10 16.61 26.72
N GLY H 70 33.28 16.97 25.72
CA GLY H 70 33.30 18.30 25.15
C GLY H 70 33.97 18.26 23.78
N GLU H 71 33.82 17.13 23.10
CA GLU H 71 34.33 16.96 21.74
C GLU H 71 33.49 17.77 20.76
N LEU H 72 32.18 17.62 20.86
CA LEU H 72 31.22 18.38 20.06
C LEU H 72 31.46 19.88 20.23
N ASN H 73 31.55 20.59 19.11
CA ASN H 73 31.74 22.04 19.13
C ASN H 73 30.77 22.71 18.16
N PRO H 74 30.57 24.03 18.31
CA PRO H 74 29.63 24.73 17.43
C PRO H 74 30.09 24.72 15.98
N ALA H 75 29.16 24.66 15.05
CA ALA H 75 29.46 24.67 13.62
C ALA H 75 28.20 24.53 12.82
N VAL H 85 30.17 31.53 11.88
CA VAL H 85 29.13 31.10 12.81
C VAL H 85 27.85 31.92 12.60
N ARG H 86 26.72 31.23 12.40
CA ARG H 86 25.45 31.90 12.11
C ARG H 86 24.24 31.23 12.77
N GLU H 87 23.83 31.77 13.93
CA GLU H 87 22.76 31.19 14.73
C GLU H 87 21.37 31.29 14.08
N THR H 88 21.25 32.10 13.03
CA THR H 88 19.97 32.21 12.33
C THR H 88 19.77 31.09 11.31
N ILE H 89 20.77 30.22 11.16
CA ILE H 89 20.75 29.13 10.18
C ILE H 89 20.81 27.75 10.81
N ARG H 90 21.78 27.55 11.69
CA ARG H 90 21.96 26.25 12.33
C ARG H 90 22.39 26.49 13.75
N GLY H 91 22.08 25.53 14.62
CA GLY H 91 22.47 25.62 16.01
C GLY H 91 23.01 24.31 16.55
N ASP H 92 23.53 23.47 15.66
CA ASP H 92 24.02 22.15 16.07
C ASP H 92 25.49 22.19 16.53
N GLN H 93 25.89 21.18 17.30
CA GLN H 93 27.25 21.02 17.83
C GLN H 93 27.89 19.79 17.21
N ILE H 94 29.11 19.91 16.69
CA ILE H 94 29.68 18.82 15.89
C ILE H 94 31.13 18.47 16.20
N GLN H 95 31.54 17.29 15.74
CA GLN H 95 32.95 16.94 15.70
C GLN H 95 33.21 15.98 14.55
N TRP H 96 34.05 16.43 13.63
CA TRP H 96 34.52 15.58 12.57
C TRP H 96 35.16 14.36 13.18
N ILE H 97 34.98 13.20 12.56
CA ILE H 97 35.59 12.00 13.08
C ILE H 97 36.75 11.55 12.17
N ASP H 98 37.77 10.96 12.79
CA ASP H 98 38.94 10.47 12.07
C ASP H 98 39.23 9.06 12.50
N PRO H 99 39.88 8.27 11.64
CA PRO H 99 40.23 6.93 12.15
C PRO H 99 41.08 7.03 13.40
N GLY H 100 40.86 6.12 14.35
CA GLY H 100 41.65 6.07 15.57
C GLY H 100 41.07 6.82 16.76
N GLN H 101 40.06 7.66 16.55
CA GLN H 101 39.47 8.41 17.65
C GLN H 101 38.68 7.47 18.56
N ALA H 102 37.89 6.58 17.95
CA ALA H 102 37.07 5.60 18.67
C ALA H 102 36.86 4.34 17.82
N GLU H 103 36.51 3.23 18.46
CA GLU H 103 36.32 1.98 17.74
C GLU H 103 34.96 1.96 17.04
N ALA H 104 33.99 2.63 17.65
CA ALA H 104 32.66 2.73 17.08
C ALA H 104 32.71 3.54 15.78
N CYS H 105 33.21 4.77 15.90
CA CYS H 105 33.36 5.66 14.75
C CYS H 105 34.16 5.00 13.64
N ASP H 106 35.25 4.32 14.01
CA ASP H 106 36.02 3.57 13.03
C ASP H 106 35.12 2.60 12.25
N GLN H 107 34.14 2.02 12.94
CA GLN H 107 33.22 1.06 12.33
C GLN H 107 32.30 1.70 11.27
N TYR H 108 31.76 2.87 11.59
CA TYR H 108 30.94 3.60 10.63
C TYR H 108 31.71 3.80 9.31
N LEU H 109 32.94 4.29 9.39
CA LEU H 109 33.70 4.63 8.20
C LEU H 109 33.87 3.46 7.23
N ALA H 110 34.04 2.26 7.77
CA ALA H 110 34.26 1.08 6.93
C ALA H 110 33.03 0.75 6.06
N ALA H 111 31.86 0.65 6.67
CA ALA H 111 30.66 0.37 5.90
C ALA H 111 30.42 1.49 4.89
N MET H 112 30.66 2.71 5.31
CA MET H 112 30.39 3.84 4.44
C MET H 112 31.31 3.84 3.24
N ASP H 113 32.48 3.22 3.37
CA ASP H 113 33.39 3.09 2.24
C ASP H 113 32.85 2.13 1.16
N GLN H 114 32.23 1.02 1.57
CA GLN H 114 31.65 0.10 0.59
C GLN H 114 30.48 0.77 -0.13
N LEU H 115 29.71 1.58 0.59
CA LEU H 115 28.67 2.38 -0.05
C LEU H 115 29.29 3.23 -1.17
N ARG H 116 30.41 3.89 -0.88
CA ARG H 116 31.09 4.70 -1.90
C ARG H 116 31.39 3.92 -3.17
N LEU H 117 31.96 2.73 -3.02
CA LEU H 117 32.29 1.91 -4.17
C LEU H 117 31.03 1.48 -4.93
N ALA H 118 30.01 1.07 -4.19
CA ALA H 118 28.73 0.71 -4.81
C ALA H 118 28.21 1.82 -5.73
N ILE H 119 28.21 3.05 -5.22
CA ILE H 119 27.74 4.21 -5.96
C ILE H 119 28.59 4.45 -7.21
N ASN H 120 29.90 4.25 -7.09
CA ASN H 120 30.76 4.35 -8.26
C ASN H 120 30.44 3.23 -9.24
N GLN H 121 30.15 2.05 -8.70
CA GLN H 121 29.76 0.90 -9.51
C GLN H 121 28.45 1.20 -10.27
N GLY H 122 27.54 1.95 -9.66
CA GLY H 122 26.23 2.21 -10.26
C GLY H 122 26.05 3.59 -10.87
N LEU H 123 26.49 4.61 -10.15
CA LEU H 123 26.26 5.99 -10.56
C LEU H 123 27.41 6.60 -11.34
N PHE H 124 28.61 6.02 -11.23
CA PHE H 124 29.78 6.53 -11.95
C PHE H 124 30.12 7.97 -11.56
N LEU H 125 30.01 8.28 -10.27
CA LEU H 125 30.16 9.66 -9.78
C LEU H 125 31.60 10.06 -9.46
N GLY H 126 32.51 9.11 -9.54
CA GLY H 126 33.92 9.36 -9.31
C GLY H 126 34.27 9.73 -7.87
N LEU H 127 33.47 9.22 -6.93
CA LEU H 127 33.64 9.53 -5.52
C LEU H 127 35.00 9.01 -5.03
N GLU H 128 35.82 9.89 -4.49
CA GLU H 128 37.13 9.47 -3.99
C GLU H 128 37.15 9.17 -2.51
N ASP H 129 36.30 9.82 -1.72
CA ASP H 129 36.30 9.58 -0.27
C ASP H 129 35.02 10.01 0.44
N PHE H 130 35.04 9.90 1.77
CA PHE H 130 33.89 10.19 2.62
C PHE H 130 34.37 10.90 3.86
N GLU H 131 33.66 11.94 4.27
CA GLU H 131 34.01 12.67 5.47
C GLU H 131 32.73 12.81 6.27
N CYS H 132 32.81 12.72 7.59
CA CYS H 132 31.62 12.90 8.41
C CYS H 132 31.93 13.45 9.79
N HIS H 133 30.89 13.93 10.44
CA HIS H 133 31.00 14.44 11.79
C HIS H 133 29.73 14.12 12.59
N PHE H 134 29.87 14.17 13.92
CA PHE H 134 28.75 14.07 14.85
C PHE H 134 28.07 15.42 14.93
N ALA H 135 26.77 15.46 15.16
CA ALA H 135 26.06 16.72 15.35
C ALA H 135 25.09 16.61 16.53
N LEU H 136 24.90 17.72 17.24
CA LEU H 136 24.02 17.78 18.41
C LEU H 136 23.25 19.07 18.44
N TYR H 137 21.93 18.98 18.54
CA TYR H 137 21.08 20.15 18.59
C TYR H 137 20.56 20.32 20.02
N PRO H 138 20.86 21.48 20.65
CA PRO H 138 20.24 21.80 21.94
C PRO H 138 18.77 22.20 21.78
N PRO H 139 17.97 22.13 22.85
CA PRO H 139 16.55 22.53 22.75
C PRO H 139 16.38 23.83 21.98
N GLY H 140 15.46 23.85 21.02
CA GLY H 140 15.19 25.03 20.23
C GLY H 140 15.99 25.09 18.94
N ALA H 141 17.00 24.22 18.83
CA ALA H 141 17.96 24.29 17.73
C ALA H 141 17.51 23.50 16.50
N PHE H 142 17.87 24.02 15.34
CA PHE H 142 17.40 23.50 14.06
C PHE H 142 18.50 23.63 12.99
N TYR H 143 18.10 23.57 11.74
CA TYR H 143 18.97 23.87 10.61
C TYR H 143 18.08 24.36 9.46
N ARG H 144 18.08 25.65 9.18
CA ARG H 144 17.19 26.20 8.16
C ARG H 144 17.38 25.53 6.80
N ARG H 145 16.41 25.71 5.92
CA ARG H 145 16.45 25.10 4.60
C ARG H 145 17.74 25.45 3.86
N HIS H 146 18.39 24.43 3.33
CA HIS H 146 19.62 24.65 2.58
C HIS H 146 19.89 23.55 1.57
N LEU H 147 20.70 23.90 0.57
CA LEU H 147 21.35 22.93 -0.29
C LEU H 147 22.74 22.71 0.27
N ASP H 148 23.16 21.44 0.34
CA ASP H 148 24.48 21.11 0.83
C ASP H 148 25.53 21.67 -0.14
N ARG H 149 25.39 21.34 -1.43
CA ARG H 149 26.36 21.77 -2.43
C ARG H 149 25.79 22.83 -3.36
N PHE H 150 26.26 24.07 -3.21
CA PHE H 150 25.86 25.18 -4.07
C PHE H 150 26.99 25.62 -5.02
N ARG H 151 28.18 25.82 -4.46
CA ARG H 151 29.30 26.35 -5.24
C ARG H 151 29.92 25.35 -6.22
N ASP H 152 30.48 25.86 -7.30
CA ASP H 152 31.03 25.03 -8.37
C ASP H 152 32.18 24.16 -7.89
N ASP H 153 33.00 24.72 -7.01
CA ASP H 153 34.21 24.03 -6.56
C ASP H 153 33.94 23.13 -5.35
N ASP H 154 32.68 22.99 -4.97
CA ASP H 154 32.29 22.11 -3.86
C ASP H 154 32.27 20.69 -4.41
N ARG H 155 33.11 19.83 -3.86
CA ARG H 155 33.21 18.47 -4.36
C ARG H 155 32.25 17.49 -3.69
N ARG H 156 31.50 17.94 -2.69
CA ARG H 156 30.54 17.04 -2.02
C ARG H 156 29.39 16.69 -2.96
N MET H 157 29.28 15.41 -3.27
CA MET H 157 28.35 14.96 -4.29
C MET H 157 27.16 14.20 -3.72
N VAL H 158 27.40 13.46 -2.64
CA VAL H 158 26.33 12.70 -1.99
C VAL H 158 26.37 12.92 -0.50
N SER H 159 25.19 13.13 0.09
CA SER H 159 25.09 13.37 1.51
C SER H 159 24.58 12.12 2.21
N ALA H 160 24.93 11.97 3.48
CA ALA H 160 24.53 10.80 4.25
C ALA H 160 24.42 11.12 5.73
N VAL H 161 23.29 10.79 6.35
CA VAL H 161 23.07 11.11 7.76
C VAL H 161 22.60 9.90 8.56
N LEU H 162 23.17 9.72 9.77
CA LEU H 162 22.79 8.66 10.71
C LEU H 162 22.30 9.30 12.00
N TYR H 163 21.12 8.90 12.46
CA TYR H 163 20.59 9.43 13.70
C TYR H 163 20.84 8.46 14.85
N LEU H 164 20.93 9.01 16.05
CA LEU H 164 21.30 8.24 17.22
C LEU H 164 20.41 8.53 18.43
N ASN H 165 19.24 9.12 18.22
CA ASN H 165 18.38 9.53 19.32
C ASN H 165 17.37 8.44 19.72
N GLU H 166 17.45 8.01 20.98
CA GLU H 166 16.52 7.00 21.48
C GLU H 166 15.23 7.64 22.00
N GLY H 167 14.20 6.82 22.14
CA GLY H 167 12.93 7.26 22.70
C GLY H 167 12.27 8.42 21.99
N TRP H 168 12.71 8.67 20.75
CA TRP H 168 12.20 9.81 20.00
C TRP H 168 10.70 9.66 19.67
N GLN H 169 9.97 10.75 19.86
CA GLN H 169 8.56 10.79 19.53
C GLN H 169 8.26 12.08 18.77
N PRO H 170 7.11 12.14 18.12
CA PRO H 170 6.80 13.26 17.24
C PRO H 170 6.72 14.57 18.02
N HIS H 171 6.54 14.46 19.34
CA HIS H 171 6.39 15.61 20.22
C HIS H 171 7.75 16.30 20.44
N ASP H 172 8.82 15.63 20.02
CA ASP H 172 10.18 16.09 20.26
C ASP H 172 10.68 17.00 19.13
N GLY H 173 9.88 17.08 18.06
CA GLY H 173 10.19 17.90 16.91
C GLY H 173 11.37 17.41 16.11
N GLY H 174 12.10 18.36 15.53
CA GLY H 174 13.36 18.09 14.85
C GLY H 174 13.48 16.86 13.95
N GLN H 175 12.68 16.84 12.88
CA GLN H 175 12.85 15.83 11.86
C GLN H 175 13.66 16.41 10.71
N LEU H 176 14.16 15.55 9.84
CA LEU H 176 14.72 16.01 8.57
C LEU H 176 13.60 16.12 7.53
N ARG H 177 13.37 17.32 7.02
CA ARG H 177 12.42 17.52 5.94
C ARG H 177 13.14 17.61 4.60
N MET H 178 12.80 16.74 3.67
CA MET H 178 13.43 16.78 2.35
C MET H 178 12.45 17.38 1.35
N PHE H 179 12.94 18.25 0.48
CA PHE H 179 12.13 18.89 -0.55
C PHE H 179 12.40 18.23 -1.89
N LEU H 180 11.46 17.41 -2.33
CA LEU H 180 11.65 16.54 -3.48
C LEU H 180 10.99 17.11 -4.74
N ALA H 181 11.11 16.39 -5.84
CA ALA H 181 10.50 16.85 -7.09
C ALA H 181 8.99 16.99 -6.94
N ASP H 182 8.40 17.86 -7.76
CA ASP H 182 6.95 18.00 -7.82
C ASP H 182 6.41 18.64 -6.56
N GLY H 183 7.27 19.38 -5.84
CA GLY H 183 6.88 20.08 -4.63
C GLY H 183 6.54 19.16 -3.47
N VAL H 184 6.87 17.89 -3.59
CA VAL H 184 6.67 16.94 -2.50
C VAL H 184 7.64 17.21 -1.35
N GLU H 185 7.14 17.06 -0.12
CA GLU H 185 7.97 17.12 1.08
C GLU H 185 7.89 15.80 1.81
N HIS H 186 9.04 15.34 2.29
CA HIS H 186 9.09 14.10 3.03
C HIS H 186 9.85 14.25 4.34
N ASP H 187 9.21 13.87 5.45
CA ASP H 187 9.81 13.99 6.78
C ASP H 187 10.45 12.71 7.25
N VAL H 188 11.55 12.87 7.99
CA VAL H 188 12.29 11.78 8.58
C VAL H 188 12.50 12.15 10.04
N GLU H 189 11.92 11.38 10.96
CA GLU H 189 12.18 11.60 12.39
C GLU H 189 13.60 11.09 12.72
N PRO H 190 14.33 11.80 13.58
CA PRO H 190 15.75 11.47 13.82
C PRO H 190 15.91 10.24 14.71
N VAL H 191 15.46 9.10 14.19
CA VAL H 191 15.37 7.87 14.96
C VAL H 191 16.66 7.06 14.94
N ALA H 192 17.12 6.67 16.12
CA ALA H 192 18.35 5.89 16.24
C ALA H 192 18.39 4.73 15.25
N GLY H 193 19.46 4.67 14.44
CA GLY H 193 19.67 3.58 13.49
C GLY H 193 19.27 3.88 12.06
N CYS H 194 18.69 5.06 11.84
CA CYS H 194 18.15 5.42 10.52
C CYS H 194 19.18 6.16 9.68
N LEU H 195 19.29 5.81 8.39
CA LEU H 195 20.27 6.44 7.48
C LEU H 195 19.66 6.99 6.20
N VAL H 196 19.72 8.31 6.05
CA VAL H 196 19.26 8.97 4.83
C VAL H 196 20.45 9.34 3.94
N VAL H 197 20.31 9.02 2.65
CA VAL H 197 21.32 9.39 1.68
C VAL H 197 20.67 10.15 0.51
N PHE H 198 21.39 11.13 -0.03
CA PHE H 198 20.87 11.89 -1.17
C PHE H 198 21.90 12.70 -1.94
N LEU H 199 21.55 13.06 -3.17
CA LEU H 199 22.41 13.88 -4.01
C LEU H 199 22.51 15.31 -3.49
N SER H 200 23.72 15.70 -3.11
CA SER H 200 23.97 16.92 -2.37
C SER H 200 23.55 18.16 -3.14
N GLY H 201 23.60 18.08 -4.46
CA GLY H 201 23.36 19.24 -5.28
C GLY H 201 21.91 19.36 -5.71
N GLU H 202 21.10 18.37 -5.37
CA GLU H 202 19.74 18.35 -5.89
C GLU H 202 18.63 18.49 -4.83
N VAL H 203 18.88 18.05 -3.59
CA VAL H 203 17.81 17.96 -2.58
C VAL H 203 17.99 18.95 -1.44
N PRO H 204 17.23 20.06 -1.47
CA PRO H 204 17.17 20.97 -0.31
C PRO H 204 16.59 20.23 0.88
N HIS H 205 16.98 20.60 2.09
CA HIS H 205 16.46 19.95 3.28
C HIS H 205 16.62 20.87 4.47
N GLU H 206 16.02 20.50 5.59
CA GLU H 206 16.16 21.30 6.81
C GLU H 206 15.89 20.42 8.02
N VAL H 207 16.19 20.96 9.20
CA VAL H 207 15.92 20.29 10.48
C VAL H 207 15.05 21.22 11.30
N LEU H 208 13.91 20.74 11.78
CA LEU H 208 12.95 21.61 12.47
C LEU H 208 13.28 21.71 13.96
N PRO H 209 12.98 22.88 14.57
CA PRO H 209 13.35 23.07 15.98
C PRO H 209 13.19 21.80 16.81
N ALA H 210 14.26 21.41 17.51
CA ALA H 210 14.21 20.21 18.35
C ALA H 210 13.77 20.57 19.76
N GLY H 211 12.69 19.95 20.22
CA GLY H 211 12.17 20.24 21.54
C GLY H 211 13.14 19.82 22.64
N ARG H 212 14.21 19.12 22.26
CA ARG H 212 15.15 18.58 23.22
C ARG H 212 16.42 18.19 22.49
N GLU H 213 17.45 17.84 23.24
CA GLU H 213 18.74 17.47 22.68
C GLU H 213 18.68 16.39 21.59
N ARG H 214 19.18 16.73 20.39
CA ARG H 214 19.13 15.85 19.22
C ARG H 214 20.51 15.63 18.60
N LEU H 215 20.90 14.36 18.45
CA LEU H 215 22.25 14.04 17.98
C LEU H 215 22.26 13.11 16.76
N SER H 216 23.33 13.22 15.97
CA SER H 216 23.43 12.53 14.69
C SER H 216 24.87 12.42 14.18
N LEU H 217 25.01 11.74 13.06
CA LEU H 217 26.29 11.54 12.41
C LEU H 217 26.12 11.81 10.90
N THR H 218 26.58 12.97 10.44
CA THR H 218 26.33 13.44 9.07
C THR H 218 27.61 13.63 8.25
N GLY H 219 27.55 13.25 6.98
CA GLY H 219 28.74 13.26 6.15
C GLY H 219 28.46 13.43 4.67
N TRP H 220 29.52 13.34 3.88
CA TRP H 220 29.46 13.54 2.45
C TRP H 220 30.52 12.73 1.74
N PHE H 221 30.18 12.21 0.57
CA PHE H 221 31.17 11.70 -0.37
C PHE H 221 31.56 12.83 -1.32
N ARG H 222 32.87 12.97 -1.51
CA ARG H 222 33.44 13.99 -2.37
C ARG H 222 34.04 13.41 -3.64
N ARG H 223 33.88 14.13 -4.74
CA ARG H 223 34.46 13.75 -6.02
C ARG H 223 35.91 14.19 -6.04
N ARG H 224 36.73 13.54 -6.86
CA ARG H 224 38.14 13.92 -6.95
C ARG H 224 38.28 15.27 -7.62
#